data_1RFE
# 
_entry.id   1RFE 
# 
_audit_conform.dict_name       mmcif_pdbx.dic 
_audit_conform.dict_version    5.403 
_audit_conform.dict_location   http://mmcif.pdb.org/dictionaries/ascii/mmcif_pdbx.dic 
# 
loop_
_database_2.database_id 
_database_2.database_code 
_database_2.pdbx_database_accession 
_database_2.pdbx_DOI 
PDB   1RFE         pdb_00001rfe 10.2210/pdb1rfe/pdb 
RCSB  RCSB020697   ?            ?                   
WWPDB D_1000020697 ?            ?                   
# 
loop_
_pdbx_audit_revision_history.ordinal 
_pdbx_audit_revision_history.data_content_type 
_pdbx_audit_revision_history.major_revision 
_pdbx_audit_revision_history.minor_revision 
_pdbx_audit_revision_history.revision_date 
_pdbx_audit_revision_history.part_number 
1 'Structure model' 1 0 2004-12-28 ? 
2 'Structure model' 1 1 2008-04-29 ? 
3 'Structure model' 1 2 2011-07-13 ? 
4 'Structure model' 1 3 2019-04-17 ? 
5 'Structure model' 1 4 2025-03-26 ? 
# 
_pdbx_audit_revision_details.ordinal             1 
_pdbx_audit_revision_details.revision_ordinal    1 
_pdbx_audit_revision_details.data_content_type   'Structure model' 
_pdbx_audit_revision_details.provider            repository 
_pdbx_audit_revision_details.type                'Initial release' 
_pdbx_audit_revision_details.description         ? 
_pdbx_audit_revision_details.details             ? 
# 
loop_
_pdbx_audit_revision_group.ordinal 
_pdbx_audit_revision_group.revision_ordinal 
_pdbx_audit_revision_group.data_content_type 
_pdbx_audit_revision_group.group 
1 2 'Structure model' 'Version format compliance' 
2 3 'Structure model' 'Source and taxonomy'       
3 3 'Structure model' 'Version format compliance' 
4 4 'Structure model' 'Data collection'           
5 4 'Structure model' 'Database references'       
6 4 'Structure model' 'Derived calculations'      
7 5 'Structure model' 'Data collection'           
8 5 'Structure model' 'Database references'       
9 5 'Structure model' 'Structure summary'         
# 
loop_
_pdbx_audit_revision_category.ordinal 
_pdbx_audit_revision_category.revision_ordinal 
_pdbx_audit_revision_category.data_content_type 
_pdbx_audit_revision_category.category 
1 4 'Structure model' citation                  
2 4 'Structure model' citation_author           
3 4 'Structure model' struct_conn               
4 5 'Structure model' chem_comp_atom            
5 5 'Structure model' chem_comp_bond            
6 5 'Structure model' database_2                
7 5 'Structure model' pdbx_entry_details        
8 5 'Structure model' pdbx_modification_feature 
9 5 'Structure model' struct_ref_seq_dif        
# 
loop_
_pdbx_audit_revision_item.ordinal 
_pdbx_audit_revision_item.revision_ordinal 
_pdbx_audit_revision_item.data_content_type 
_pdbx_audit_revision_item.item 
1  4 'Structure model' '_citation.country'                   
2  4 'Structure model' '_citation.journal_abbrev'            
3  4 'Structure model' '_citation.journal_id_ASTM'           
4  4 'Structure model' '_citation.journal_id_CSD'            
5  4 'Structure model' '_citation.journal_id_ISSN'           
6  4 'Structure model' '_citation.pdbx_database_id_DOI'      
7  4 'Structure model' '_citation.pdbx_database_id_PubMed'   
8  4 'Structure model' '_citation.title'                     
9  4 'Structure model' '_citation.year'                      
10 4 'Structure model' '_struct_conn.pdbx_leaving_atom_flag' 
11 5 'Structure model' '_database_2.pdbx_DOI'                
12 5 'Structure model' '_database_2.pdbx_database_accession' 
13 5 'Structure model' '_struct_ref_seq_dif.details'         
# 
_pdbx_database_status.status_code                     REL 
_pdbx_database_status.entry_id                        1RFE 
_pdbx_database_status.recvd_initial_deposition_date   2003-11-08 
_pdbx_database_status.deposit_site                    RCSB 
_pdbx_database_status.process_site                    RCSB 
_pdbx_database_status.status_code_sf                  REL 
_pdbx_database_status.status_code_mr                  ? 
_pdbx_database_status.SG_entry                        Y 
_pdbx_database_status.pdb_format_compatible           Y 
_pdbx_database_status.status_code_cs                  ? 
_pdbx_database_status.methods_development_category    ? 
_pdbx_database_status.status_code_nmr_data            ? 
# 
_pdbx_database_related.db_name        TargetDB 
_pdbx_database_related.db_id          Rv2991 
_pdbx_database_related.details        . 
_pdbx_database_related.content_type   unspecified 
# 
loop_
_audit_author.name 
_audit_author.pdbx_ordinal 
'Benini, S.'                                1 
'Haouz, A.'                                 2 
'Proux, F.'                                 3 
'Betton, J.M.'                              4 
'Alzari, P.'                                5 
'Dodson, G.G.'                              6 
'Wilson, K.S.'                              7 
'TB Structural Genomics Consortium (TBSGC)' 8 
# 
_citation.id                        primary 
_citation.title                     
'The crystal structure of Rv2991 from Mycobacterium tuberculosis: An F420binding protein with unknown function.' 
_citation.journal_abbrev            'J. Struct. Biol.' 
_citation.journal_volume            ? 
_citation.page_first                ? 
_citation.page_last                 ? 
_citation.year                      2019 
_citation.journal_id_ASTM           JSBIEM 
_citation.country                   US 
_citation.journal_id_ISSN           1095-8657 
_citation.journal_id_CSD            0803 
_citation.book_publisher            ? 
_citation.pdbx_database_id_PubMed   30890426 
_citation.pdbx_database_id_DOI      10.1016/j.jsb.2019.03.006 
# 
loop_
_citation_author.citation_id 
_citation_author.name 
_citation_author.ordinal 
_citation_author.identifier_ORCID 
primary 'Benini, S.' 1 ? 
primary 'Haouz, A.'  2 ? 
primary 'Proux, F.'  3 ? 
primary 'Alzari, P.' 4 ? 
primary 'Wilson, K.' 5 ? 
# 
loop_
_entity.id 
_entity.type 
_entity.src_method 
_entity.pdbx_description 
_entity.formula_weight 
_entity.pdbx_number_of_molecules 
_entity.pdbx_ec 
_entity.pdbx_mutation 
_entity.pdbx_fragment 
_entity.details 
1 polymer man 'hypothetical protein Rv2991' 18394.855 1   ? ? ? ? 
2 water   nat water                         18.015    125 ? ? ? ? 
# 
_entity_poly.entity_id                      1 
_entity_poly.type                           'polypeptide(L)' 
_entity_poly.nstd_linkage                   no 
_entity_poly.nstd_monomer                   yes 
_entity_poly.pdbx_seq_one_letter_code       
;GTKQRADIV(MSE)SEAEIADFVNSSRTGTLATIGPDGQPHLTA(MSE)WYAVIDGEIWLETKAKSQKAVNLRRDPRVSF
LLEDGDTYDTLRGVSFEGVAEIVEEPEALHRVGVSVWERYTGPYTDE(CSX)KP(MSE)VDQ(MSE)(MSE)NKRVGVRI
VARRTRSWDHRKLGLPH(MSE)SVGGSTAP
;
_entity_poly.pdbx_seq_one_letter_code_can   
;GTKQRADIVMSEAEIADFVNSSRTGTLATIGPDGQPHLTAMWYAVIDGEIWLETKAKSQKAVNLRRDPRVSFLLEDGDTY
DTLRGVSFEGVAEIVEEPEALHRVGVSVWERYTGPYTDECKPMVDQMMNKRVGVRIVARRTRSWDHRKLGLPHMSVGGST
AP
;
_entity_poly.pdbx_strand_id                 A 
_entity_poly.pdbx_target_identifier         Rv2991 
# 
_pdbx_entity_nonpoly.entity_id   2 
_pdbx_entity_nonpoly.name        water 
_pdbx_entity_nonpoly.comp_id     HOH 
# 
loop_
_entity_poly_seq.entity_id 
_entity_poly_seq.num 
_entity_poly_seq.mon_id 
_entity_poly_seq.hetero 
1 1   GLY n 
1 2   THR n 
1 3   LYS n 
1 4   GLN n 
1 5   ARG n 
1 6   ALA n 
1 7   ASP n 
1 8   ILE n 
1 9   VAL n 
1 10  MSE n 
1 11  SER n 
1 12  GLU n 
1 13  ALA n 
1 14  GLU n 
1 15  ILE n 
1 16  ALA n 
1 17  ASP n 
1 18  PHE n 
1 19  VAL n 
1 20  ASN n 
1 21  SER n 
1 22  SER n 
1 23  ARG n 
1 24  THR n 
1 25  GLY n 
1 26  THR n 
1 27  LEU n 
1 28  ALA n 
1 29  THR n 
1 30  ILE n 
1 31  GLY n 
1 32  PRO n 
1 33  ASP n 
1 34  GLY n 
1 35  GLN n 
1 36  PRO n 
1 37  HIS n 
1 38  LEU n 
1 39  THR n 
1 40  ALA n 
1 41  MSE n 
1 42  TRP n 
1 43  TYR n 
1 44  ALA n 
1 45  VAL n 
1 46  ILE n 
1 47  ASP n 
1 48  GLY n 
1 49  GLU n 
1 50  ILE n 
1 51  TRP n 
1 52  LEU n 
1 53  GLU n 
1 54  THR n 
1 55  LYS n 
1 56  ALA n 
1 57  LYS n 
1 58  SER n 
1 59  GLN n 
1 60  LYS n 
1 61  ALA n 
1 62  VAL n 
1 63  ASN n 
1 64  LEU n 
1 65  ARG n 
1 66  ARG n 
1 67  ASP n 
1 68  PRO n 
1 69  ARG n 
1 70  VAL n 
1 71  SER n 
1 72  PHE n 
1 73  LEU n 
1 74  LEU n 
1 75  GLU n 
1 76  ASP n 
1 77  GLY n 
1 78  ASP n 
1 79  THR n 
1 80  TYR n 
1 81  ASP n 
1 82  THR n 
1 83  LEU n 
1 84  ARG n 
1 85  GLY n 
1 86  VAL n 
1 87  SER n 
1 88  PHE n 
1 89  GLU n 
1 90  GLY n 
1 91  VAL n 
1 92  ALA n 
1 93  GLU n 
1 94  ILE n 
1 95  VAL n 
1 96  GLU n 
1 97  GLU n 
1 98  PRO n 
1 99  GLU n 
1 100 ALA n 
1 101 LEU n 
1 102 HIS n 
1 103 ARG n 
1 104 VAL n 
1 105 GLY n 
1 106 VAL n 
1 107 SER n 
1 108 VAL n 
1 109 TRP n 
1 110 GLU n 
1 111 ARG n 
1 112 TYR n 
1 113 THR n 
1 114 GLY n 
1 115 PRO n 
1 116 TYR n 
1 117 THR n 
1 118 ASP n 
1 119 GLU n 
1 120 CSX n 
1 121 LYS n 
1 122 PRO n 
1 123 MSE n 
1 124 VAL n 
1 125 ASP n 
1 126 GLN n 
1 127 MSE n 
1 128 MSE n 
1 129 ASN n 
1 130 LYS n 
1 131 ARG n 
1 132 VAL n 
1 133 GLY n 
1 134 VAL n 
1 135 ARG n 
1 136 ILE n 
1 137 VAL n 
1 138 ALA n 
1 139 ARG n 
1 140 ARG n 
1 141 THR n 
1 142 ARG n 
1 143 SER n 
1 144 TRP n 
1 145 ASP n 
1 146 HIS n 
1 147 ARG n 
1 148 LYS n 
1 149 LEU n 
1 150 GLY n 
1 151 LEU n 
1 152 PRO n 
1 153 HIS n 
1 154 MSE n 
1 155 SER n 
1 156 VAL n 
1 157 GLY n 
1 158 GLY n 
1 159 SER n 
1 160 THR n 
1 161 ALA n 
1 162 PRO n 
# 
_entity_src_gen.entity_id                          1 
_entity_src_gen.pdbx_src_id                        1 
_entity_src_gen.pdbx_alt_source_flag               sample 
_entity_src_gen.pdbx_seq_type                      ? 
_entity_src_gen.pdbx_beg_seq_num                   ? 
_entity_src_gen.pdbx_end_seq_num                   ? 
_entity_src_gen.gene_src_common_name               ? 
_entity_src_gen.gene_src_genus                     Mycobacterium 
_entity_src_gen.pdbx_gene_src_gene                 ? 
_entity_src_gen.gene_src_species                   'Mycobacterium tuberculosis' 
_entity_src_gen.gene_src_strain                    H37Rv 
_entity_src_gen.gene_src_tissue                    ? 
_entity_src_gen.gene_src_tissue_fraction           ? 
_entity_src_gen.gene_src_details                   ? 
_entity_src_gen.pdbx_gene_src_fragment             ? 
_entity_src_gen.pdbx_gene_src_scientific_name      'Mycobacterium tuberculosis' 
_entity_src_gen.pdbx_gene_src_ncbi_taxonomy_id     83332 
_entity_src_gen.pdbx_gene_src_variant              ? 
_entity_src_gen.pdbx_gene_src_cell_line            ? 
_entity_src_gen.pdbx_gene_src_atcc                 ? 
_entity_src_gen.pdbx_gene_src_organ                ? 
_entity_src_gen.pdbx_gene_src_organelle            ? 
_entity_src_gen.pdbx_gene_src_cell                 ? 
_entity_src_gen.pdbx_gene_src_cellular_location    ? 
_entity_src_gen.host_org_common_name               ? 
_entity_src_gen.pdbx_host_org_scientific_name      'Escherichia coli' 
_entity_src_gen.pdbx_host_org_ncbi_taxonomy_id     562 
_entity_src_gen.host_org_genus                     Escherichia 
_entity_src_gen.pdbx_host_org_gene                 ? 
_entity_src_gen.pdbx_host_org_organ                ? 
_entity_src_gen.host_org_species                   ? 
_entity_src_gen.pdbx_host_org_tissue               ? 
_entity_src_gen.pdbx_host_org_tissue_fraction      ? 
_entity_src_gen.pdbx_host_org_strain               'BL21(DE3)pLysS' 
_entity_src_gen.pdbx_host_org_variant              ? 
_entity_src_gen.pdbx_host_org_cell_line            ? 
_entity_src_gen.pdbx_host_org_atcc                 ? 
_entity_src_gen.pdbx_host_org_culture_collection   ? 
_entity_src_gen.pdbx_host_org_cell                 ? 
_entity_src_gen.pdbx_host_org_organelle            ? 
_entity_src_gen.pdbx_host_org_cellular_location    ? 
_entity_src_gen.pdbx_host_org_vector_type          plasmid 
_entity_src_gen.pdbx_host_org_vector               ? 
_entity_src_gen.host_org_details                   ? 
_entity_src_gen.expression_system_id               ? 
_entity_src_gen.plasmid_name                       pdest17 
_entity_src_gen.plasmid_details                    ? 
_entity_src_gen.pdbx_description                   ? 
# 
loop_
_chem_comp.id 
_chem_comp.type 
_chem_comp.mon_nstd_flag 
_chem_comp.name 
_chem_comp.pdbx_synonyms 
_chem_comp.formula 
_chem_comp.formula_weight 
ALA 'L-peptide linking' y ALANINE          ? 'C3 H7 N O2'     89.093  
ARG 'L-peptide linking' y ARGININE         ? 'C6 H15 N4 O2 1' 175.209 
ASN 'L-peptide linking' y ASPARAGINE       ? 'C4 H8 N2 O3'    132.118 
ASP 'L-peptide linking' y 'ASPARTIC ACID'  ? 'C4 H7 N O4'     133.103 
CSX 'L-peptide linking' n 'S-OXY CYSTEINE' ? 'C3 H7 N O3 S'   137.158 
CYS 'L-peptide linking' y CYSTEINE         ? 'C3 H7 N O2 S'   121.158 
GLN 'L-peptide linking' y GLUTAMINE        ? 'C5 H10 N2 O3'   146.144 
GLU 'L-peptide linking' y 'GLUTAMIC ACID'  ? 'C5 H9 N O4'     147.129 
GLY 'peptide linking'   y GLYCINE          ? 'C2 H5 N O2'     75.067  
HIS 'L-peptide linking' y HISTIDINE        ? 'C6 H10 N3 O2 1' 156.162 
HOH non-polymer         . WATER            ? 'H2 O'           18.015  
ILE 'L-peptide linking' y ISOLEUCINE       ? 'C6 H13 N O2'    131.173 
LEU 'L-peptide linking' y LEUCINE          ? 'C6 H13 N O2'    131.173 
LYS 'L-peptide linking' y LYSINE           ? 'C6 H15 N2 O2 1' 147.195 
MET 'L-peptide linking' y METHIONINE       ? 'C5 H11 N O2 S'  149.211 
MSE 'L-peptide linking' n SELENOMETHIONINE ? 'C5 H11 N O2 Se' 196.106 
PHE 'L-peptide linking' y PHENYLALANINE    ? 'C9 H11 N O2'    165.189 
PRO 'L-peptide linking' y PROLINE          ? 'C5 H9 N O2'     115.130 
SER 'L-peptide linking' y SERINE           ? 'C3 H7 N O3'     105.093 
THR 'L-peptide linking' y THREONINE        ? 'C4 H9 N O3'     119.119 
TRP 'L-peptide linking' y TRYPTOPHAN       ? 'C11 H12 N2 O2'  204.225 
TYR 'L-peptide linking' y TYROSINE         ? 'C9 H11 N O3'    181.189 
VAL 'L-peptide linking' y VALINE           ? 'C5 H11 N O2'    117.146 
# 
loop_
_pdbx_poly_seq_scheme.asym_id 
_pdbx_poly_seq_scheme.entity_id 
_pdbx_poly_seq_scheme.seq_id 
_pdbx_poly_seq_scheme.mon_id 
_pdbx_poly_seq_scheme.ndb_seq_num 
_pdbx_poly_seq_scheme.pdb_seq_num 
_pdbx_poly_seq_scheme.auth_seq_num 
_pdbx_poly_seq_scheme.pdb_mon_id 
_pdbx_poly_seq_scheme.auth_mon_id 
_pdbx_poly_seq_scheme.pdb_strand_id 
_pdbx_poly_seq_scheme.pdb_ins_code 
_pdbx_poly_seq_scheme.hetero 
A 1 1   GLY 1   2   ?   ?   ?   A . n 
A 1 2   THR 2   3   3   THR THR A . n 
A 1 3   LYS 3   4   4   LYS LYS A . n 
A 1 4   GLN 4   5   5   GLN GLN A . n 
A 1 5   ARG 5   6   6   ARG ARG A . n 
A 1 6   ALA 6   7   7   ALA ALA A . n 
A 1 7   ASP 7   8   8   ASP ASP A . n 
A 1 8   ILE 8   9   9   ILE ILE A . n 
A 1 9   VAL 9   10  10  VAL VAL A . n 
A 1 10  MSE 10  11  11  MSE MSE A . n 
A 1 11  SER 11  12  12  SER SER A . n 
A 1 12  GLU 12  13  13  GLU GLU A . n 
A 1 13  ALA 13  14  14  ALA ALA A . n 
A 1 14  GLU 14  15  15  GLU GLU A . n 
A 1 15  ILE 15  16  16  ILE ILE A . n 
A 1 16  ALA 16  17  17  ALA ALA A . n 
A 1 17  ASP 17  18  18  ASP ASP A . n 
A 1 18  PHE 18  19  19  PHE PHE A . n 
A 1 19  VAL 19  20  20  VAL VAL A . n 
A 1 20  ASN 20  21  21  ASN ASN A . n 
A 1 21  SER 21  22  22  SER SER A . n 
A 1 22  SER 22  23  23  SER SER A . n 
A 1 23  ARG 23  24  24  ARG ARG A . n 
A 1 24  THR 24  25  25  THR THR A . n 
A 1 25  GLY 25  26  26  GLY GLY A . n 
A 1 26  THR 26  27  27  THR THR A . n 
A 1 27  LEU 27  28  28  LEU LEU A . n 
A 1 28  ALA 28  29  29  ALA ALA A . n 
A 1 29  THR 29  30  30  THR THR A . n 
A 1 30  ILE 30  31  31  ILE ILE A . n 
A 1 31  GLY 31  32  32  GLY GLY A . n 
A 1 32  PRO 32  33  33  PRO PRO A . n 
A 1 33  ASP 33  34  34  ASP ASP A . n 
A 1 34  GLY 34  35  35  GLY GLY A . n 
A 1 35  GLN 35  36  36  GLN GLN A . n 
A 1 36  PRO 36  37  37  PRO PRO A . n 
A 1 37  HIS 37  38  38  HIS HIS A . n 
A 1 38  LEU 38  39  39  LEU LEU A . n 
A 1 39  THR 39  40  40  THR THR A . n 
A 1 40  ALA 40  41  41  ALA ALA A . n 
A 1 41  MSE 41  42  42  MSE MSE A . n 
A 1 42  TRP 42  43  43  TRP TRP A . n 
A 1 43  TYR 43  44  44  TYR TYR A . n 
A 1 44  ALA 44  45  45  ALA ALA A . n 
A 1 45  VAL 45  46  46  VAL VAL A . n 
A 1 46  ILE 46  47  47  ILE ILE A . n 
A 1 47  ASP 47  48  48  ASP ASP A . n 
A 1 48  GLY 48  49  49  GLY GLY A . n 
A 1 49  GLU 49  50  50  GLU GLU A . n 
A 1 50  ILE 50  51  51  ILE ILE A . n 
A 1 51  TRP 51  52  52  TRP TRP A . n 
A 1 52  LEU 52  53  53  LEU LEU A . n 
A 1 53  GLU 53  54  54  GLU GLU A . n 
A 1 54  THR 54  55  55  THR THR A . n 
A 1 55  LYS 55  56  56  LYS LYS A . n 
A 1 56  ALA 56  57  57  ALA ALA A . n 
A 1 57  LYS 57  58  58  LYS LYS A . n 
A 1 58  SER 58  59  59  SER SER A . n 
A 1 59  GLN 59  60  60  GLN GLN A . n 
A 1 60  LYS 60  61  61  LYS LYS A . n 
A 1 61  ALA 61  62  62  ALA ALA A . n 
A 1 62  VAL 62  63  63  VAL VAL A . n 
A 1 63  ASN 63  64  64  ASN ASN A . n 
A 1 64  LEU 64  65  65  LEU LEU A . n 
A 1 65  ARG 65  66  66  ARG ARG A . n 
A 1 66  ARG 66  67  67  ARG ARG A . n 
A 1 67  ASP 67  68  68  ASP ASP A . n 
A 1 68  PRO 68  69  69  PRO PRO A . n 
A 1 69  ARG 69  70  70  ARG ARG A . n 
A 1 70  VAL 70  71  71  VAL VAL A . n 
A 1 71  SER 71  72  72  SER SER A . n 
A 1 72  PHE 72  73  73  PHE PHE A . n 
A 1 73  LEU 73  74  74  LEU LEU A . n 
A 1 74  LEU 74  75  75  LEU LEU A . n 
A 1 75  GLU 75  76  76  GLU GLU A . n 
A 1 76  ASP 76  77  77  ASP ASP A . n 
A 1 77  GLY 77  78  78  GLY GLY A . n 
A 1 78  ASP 78  79  79  ASP ASP A . n 
A 1 79  THR 79  80  80  THR THR A . n 
A 1 80  TYR 80  81  81  TYR TYR A . n 
A 1 81  ASP 81  82  82  ASP ASP A . n 
A 1 82  THR 82  83  83  THR THR A . n 
A 1 83  LEU 83  84  84  LEU LEU A . n 
A 1 84  ARG 84  85  85  ARG ARG A . n 
A 1 85  GLY 85  86  86  GLY GLY A . n 
A 1 86  VAL 86  87  87  VAL VAL A . n 
A 1 87  SER 87  88  88  SER SER A . n 
A 1 88  PHE 88  89  89  PHE PHE A . n 
A 1 89  GLU 89  90  90  GLU GLU A . n 
A 1 90  GLY 90  91  91  GLY GLY A . n 
A 1 91  VAL 91  92  92  VAL VAL A . n 
A 1 92  ALA 92  93  93  ALA ALA A . n 
A 1 93  GLU 93  94  94  GLU GLU A . n 
A 1 94  ILE 94  95  95  ILE ILE A . n 
A 1 95  VAL 95  96  96  VAL VAL A . n 
A 1 96  GLU 96  97  97  GLU GLU A . n 
A 1 97  GLU 97  98  98  GLU GLU A . n 
A 1 98  PRO 98  99  99  PRO PRO A . n 
A 1 99  GLU 99  100 100 GLU GLU A . n 
A 1 100 ALA 100 101 101 ALA ALA A . n 
A 1 101 LEU 101 102 102 LEU LEU A . n 
A 1 102 HIS 102 103 103 HIS HIS A . n 
A 1 103 ARG 103 104 104 ARG ARG A . n 
A 1 104 VAL 104 105 105 VAL VAL A . n 
A 1 105 GLY 105 106 106 GLY GLY A . n 
A 1 106 VAL 106 107 107 VAL VAL A . n 
A 1 107 SER 107 108 108 SER SER A . n 
A 1 108 VAL 108 109 109 VAL VAL A . n 
A 1 109 TRP 109 110 110 TRP TRP A . n 
A 1 110 GLU 110 111 111 GLU GLU A . n 
A 1 111 ARG 111 112 112 ARG ARG A . n 
A 1 112 TYR 112 113 113 TYR TYR A . n 
A 1 113 THR 113 114 114 THR THR A . n 
A 1 114 GLY 114 115 115 GLY GLY A . n 
A 1 115 PRO 115 116 116 PRO PRO A . n 
A 1 116 TYR 116 117 117 TYR TYR A . n 
A 1 117 THR 117 118 118 THR THR A . n 
A 1 118 ASP 118 119 119 ASP ASP A . n 
A 1 119 GLU 119 120 120 GLU GLU A . n 
A 1 120 CSX 120 121 121 CSX CSX A . n 
A 1 121 LYS 121 122 122 LYS LYS A . n 
A 1 122 PRO 122 123 123 PRO PRO A . n 
A 1 123 MSE 123 124 124 MSE MSE A . n 
A 1 124 VAL 124 125 125 VAL VAL A . n 
A 1 125 ASP 125 126 126 ASP ASP A . n 
A 1 126 GLN 126 127 127 GLN GLN A . n 
A 1 127 MSE 127 128 128 MSE MSE A . n 
A 1 128 MSE 128 129 129 MSE MSE A . n 
A 1 129 ASN 129 130 130 ASN ASN A . n 
A 1 130 LYS 130 131 131 LYS LYS A . n 
A 1 131 ARG 131 132 132 ARG ARG A . n 
A 1 132 VAL 132 133 133 VAL VAL A . n 
A 1 133 GLY 133 134 134 GLY GLY A . n 
A 1 134 VAL 134 135 135 VAL VAL A . n 
A 1 135 ARG 135 136 136 ARG ARG A . n 
A 1 136 ILE 136 137 137 ILE ILE A . n 
A 1 137 VAL 137 138 138 VAL VAL A . n 
A 1 138 ALA 138 139 139 ALA ALA A . n 
A 1 139 ARG 139 140 140 ARG ARG A . n 
A 1 140 ARG 140 141 141 ARG ARG A . n 
A 1 141 THR 141 142 142 THR THR A . n 
A 1 142 ARG 142 143 143 ARG ARG A . n 
A 1 143 SER 143 144 144 SER SER A . n 
A 1 144 TRP 144 145 145 TRP TRP A . n 
A 1 145 ASP 145 146 146 ASP ASP A . n 
A 1 146 HIS 146 147 147 HIS HIS A . n 
A 1 147 ARG 147 148 148 ARG ARG A . n 
A 1 148 LYS 148 149 149 LYS LYS A . n 
A 1 149 LEU 149 150 150 LEU LEU A . n 
A 1 150 GLY 150 151 151 GLY GLY A . n 
A 1 151 LEU 151 152 152 LEU LEU A . n 
A 1 152 PRO 152 153 153 PRO PRO A . n 
A 1 153 HIS 153 154 154 HIS HIS A . n 
A 1 154 MSE 154 155 155 MSE MSE A . n 
A 1 155 SER 155 156 156 SER SER A . n 
A 1 156 VAL 156 157 157 VAL VAL A . n 
A 1 157 GLY 157 158 158 GLY GLY A . n 
A 1 158 GLY 158 159 159 GLY GLY A . n 
A 1 159 SER 159 160 160 SER SER A . n 
A 1 160 THR 160 161 161 THR THR A . n 
A 1 161 ALA 161 162 162 ALA ALA A . n 
A 1 162 PRO 162 163 ?   ?   ?   A . n 
# 
loop_
_pdbx_nonpoly_scheme.asym_id 
_pdbx_nonpoly_scheme.entity_id 
_pdbx_nonpoly_scheme.mon_id 
_pdbx_nonpoly_scheme.ndb_seq_num 
_pdbx_nonpoly_scheme.pdb_seq_num 
_pdbx_nonpoly_scheme.auth_seq_num 
_pdbx_nonpoly_scheme.pdb_mon_id 
_pdbx_nonpoly_scheme.auth_mon_id 
_pdbx_nonpoly_scheme.pdb_strand_id 
_pdbx_nonpoly_scheme.pdb_ins_code 
B 2 HOH 1   164 1   HOH HOH A . 
B 2 HOH 2   165 2   HOH HOH A . 
B 2 HOH 3   166 3   HOH HOH A . 
B 2 HOH 4   167 4   HOH HOH A . 
B 2 HOH 5   168 5   HOH HOH A . 
B 2 HOH 6   169 6   HOH HOH A . 
B 2 HOH 7   170 7   HOH HOH A . 
B 2 HOH 8   171 8   HOH HOH A . 
B 2 HOH 9   172 9   HOH HOH A . 
B 2 HOH 10  173 10  HOH HOH A . 
B 2 HOH 11  174 11  HOH HOH A . 
B 2 HOH 12  175 12  HOH HOH A . 
B 2 HOH 13  176 13  HOH HOH A . 
B 2 HOH 14  177 14  HOH HOH A . 
B 2 HOH 15  178 15  HOH HOH A . 
B 2 HOH 16  179 16  HOH HOH A . 
B 2 HOH 17  180 17  HOH HOH A . 
B 2 HOH 18  181 18  HOH HOH A . 
B 2 HOH 19  182 19  HOH HOH A . 
B 2 HOH 20  183 20  HOH HOH A . 
B 2 HOH 21  184 21  HOH HOH A . 
B 2 HOH 22  185 22  HOH HOH A . 
B 2 HOH 23  186 23  HOH HOH A . 
B 2 HOH 24  187 24  HOH HOH A . 
B 2 HOH 25  188 25  HOH HOH A . 
B 2 HOH 26  189 26  HOH HOH A . 
B 2 HOH 27  190 27  HOH HOH A . 
B 2 HOH 28  191 28  HOH HOH A . 
B 2 HOH 29  192 29  HOH HOH A . 
B 2 HOH 30  193 30  HOH HOH A . 
B 2 HOH 31  194 31  HOH HOH A . 
B 2 HOH 32  195 32  HOH HOH A . 
B 2 HOH 33  196 33  HOH HOH A . 
B 2 HOH 34  197 34  HOH HOH A . 
B 2 HOH 35  198 35  HOH HOH A . 
B 2 HOH 36  199 36  HOH HOH A . 
B 2 HOH 37  200 37  HOH HOH A . 
B 2 HOH 38  201 38  HOH HOH A . 
B 2 HOH 39  202 39  HOH HOH A . 
B 2 HOH 40  203 40  HOH HOH A . 
B 2 HOH 41  204 41  HOH HOH A . 
B 2 HOH 42  205 42  HOH HOH A . 
B 2 HOH 43  206 43  HOH HOH A . 
B 2 HOH 44  207 44  HOH HOH A . 
B 2 HOH 45  208 45  HOH HOH A . 
B 2 HOH 46  209 46  HOH HOH A . 
B 2 HOH 47  210 47  HOH HOH A . 
B 2 HOH 48  211 48  HOH HOH A . 
B 2 HOH 49  212 49  HOH HOH A . 
B 2 HOH 50  213 50  HOH HOH A . 
B 2 HOH 51  214 51  HOH HOH A . 
B 2 HOH 52  215 52  HOH HOH A . 
B 2 HOH 53  216 53  HOH HOH A . 
B 2 HOH 54  217 54  HOH HOH A . 
B 2 HOH 55  218 55  HOH HOH A . 
B 2 HOH 56  219 56  HOH HOH A . 
B 2 HOH 57  220 57  HOH HOH A . 
B 2 HOH 58  221 58  HOH HOH A . 
B 2 HOH 59  222 59  HOH HOH A . 
B 2 HOH 60  223 60  HOH HOH A . 
B 2 HOH 61  224 61  HOH HOH A . 
B 2 HOH 62  225 62  HOH HOH A . 
B 2 HOH 63  226 63  HOH HOH A . 
B 2 HOH 64  227 64  HOH HOH A . 
B 2 HOH 65  228 65  HOH HOH A . 
B 2 HOH 66  229 66  HOH HOH A . 
B 2 HOH 67  230 67  HOH HOH A . 
B 2 HOH 68  231 68  HOH HOH A . 
B 2 HOH 69  232 69  HOH HOH A . 
B 2 HOH 70  233 70  HOH HOH A . 
B 2 HOH 71  234 71  HOH HOH A . 
B 2 HOH 72  235 72  HOH HOH A . 
B 2 HOH 73  236 73  HOH HOH A . 
B 2 HOH 74  237 74  HOH HOH A . 
B 2 HOH 75  238 75  HOH HOH A . 
B 2 HOH 76  239 76  HOH HOH A . 
B 2 HOH 77  240 77  HOH HOH A . 
B 2 HOH 78  241 78  HOH HOH A . 
B 2 HOH 79  242 79  HOH HOH A . 
B 2 HOH 80  243 80  HOH HOH A . 
B 2 HOH 81  244 81  HOH HOH A . 
B 2 HOH 82  245 82  HOH HOH A . 
B 2 HOH 83  246 83  HOH HOH A . 
B 2 HOH 84  247 84  HOH HOH A . 
B 2 HOH 85  248 85  HOH HOH A . 
B 2 HOH 86  249 86  HOH HOH A . 
B 2 HOH 87  250 87  HOH HOH A . 
B 2 HOH 88  251 88  HOH HOH A . 
B 2 HOH 89  252 89  HOH HOH A . 
B 2 HOH 90  253 90  HOH HOH A . 
B 2 HOH 91  254 91  HOH HOH A . 
B 2 HOH 92  255 92  HOH HOH A . 
B 2 HOH 93  256 93  HOH HOH A . 
B 2 HOH 94  257 94  HOH HOH A . 
B 2 HOH 95  258 95  HOH HOH A . 
B 2 HOH 96  259 96  HOH HOH A . 
B 2 HOH 97  260 97  HOH HOH A . 
B 2 HOH 98  261 98  HOH HOH A . 
B 2 HOH 99  262 99  HOH HOH A . 
B 2 HOH 100 263 100 HOH HOH A . 
B 2 HOH 101 264 101 HOH HOH A . 
B 2 HOH 102 265 102 HOH HOH A . 
B 2 HOH 103 266 103 HOH HOH A . 
B 2 HOH 104 267 104 HOH HOH A . 
B 2 HOH 105 268 105 HOH HOH A . 
B 2 HOH 106 269 106 HOH HOH A . 
B 2 HOH 107 270 107 HOH HOH A . 
B 2 HOH 108 271 108 HOH HOH A . 
B 2 HOH 109 272 109 HOH HOH A . 
B 2 HOH 110 273 110 HOH HOH A . 
B 2 HOH 111 274 111 HOH HOH A . 
B 2 HOH 112 275 112 HOH HOH A . 
B 2 HOH 113 276 113 HOH HOH A . 
B 2 HOH 114 277 114 HOH HOH A . 
B 2 HOH 115 278 115 HOH HOH A . 
B 2 HOH 116 279 116 HOH HOH A . 
B 2 HOH 117 280 117 HOH HOH A . 
B 2 HOH 118 281 118 HOH HOH A . 
B 2 HOH 119 282 119 HOH HOH A . 
B 2 HOH 120 283 120 HOH HOH A . 
B 2 HOH 121 284 121 HOH HOH A . 
B 2 HOH 122 285 122 HOH HOH A . 
B 2 HOH 123 286 123 HOH HOH A . 
B 2 HOH 124 287 124 HOH HOH A . 
B 2 HOH 125 288 125 HOH HOH A . 
# 
loop_
_pdbx_unobs_or_zero_occ_atoms.id 
_pdbx_unobs_or_zero_occ_atoms.PDB_model_num 
_pdbx_unobs_or_zero_occ_atoms.polymer_flag 
_pdbx_unobs_or_zero_occ_atoms.occupancy_flag 
_pdbx_unobs_or_zero_occ_atoms.auth_asym_id 
_pdbx_unobs_or_zero_occ_atoms.auth_comp_id 
_pdbx_unobs_or_zero_occ_atoms.auth_seq_id 
_pdbx_unobs_or_zero_occ_atoms.PDB_ins_code 
_pdbx_unobs_or_zero_occ_atoms.auth_atom_id 
_pdbx_unobs_or_zero_occ_atoms.label_alt_id 
_pdbx_unobs_or_zero_occ_atoms.label_asym_id 
_pdbx_unobs_or_zero_occ_atoms.label_comp_id 
_pdbx_unobs_or_zero_occ_atoms.label_seq_id 
_pdbx_unobs_or_zero_occ_atoms.label_atom_id 
1  1 Y 1 A THR 3   ? CB  ? A THR 2   CB  
2  1 Y 1 A THR 3   ? OG1 ? A THR 2   OG1 
3  1 Y 1 A THR 3   ? CG2 ? A THR 2   CG2 
4  1 Y 1 A LYS 4   ? CB  ? A LYS 3   CB  
5  1 Y 1 A LYS 4   ? CG  ? A LYS 3   CG  
6  1 Y 1 A LYS 4   ? CD  ? A LYS 3   CD  
7  1 Y 1 A LYS 4   ? CE  ? A LYS 3   CE  
8  1 Y 1 A LYS 4   ? NZ  ? A LYS 3   NZ  
9  1 Y 1 A GLU 54  ? OE2 ? A GLU 53  OE2 
10 1 Y 1 A LYS 56  ? CE  ? A LYS 55  CE  
11 1 Y 1 A LYS 56  ? NZ  ? A LYS 55  NZ  
12 1 Y 1 A ARG 67  ? NE  ? A ARG 66  NE  
13 1 Y 1 A ARG 67  ? CZ  ? A ARG 66  CZ  
14 1 Y 1 A ARG 67  ? NH1 ? A ARG 66  NH1 
15 1 Y 1 A ARG 67  ? NH2 ? A ARG 66  NH2 
16 1 Y 1 A GLU 100 ? CD  ? A GLU 99  CD  
17 1 Y 1 A GLU 100 ? OE1 ? A GLU 99  OE1 
18 1 Y 1 A GLU 100 ? OE2 ? A GLU 99  OE2 
19 1 Y 1 A GLU 120 ? CD  ? A GLU 119 CD  
20 1 Y 1 A GLU 120 ? OE1 ? A GLU 119 OE1 
21 1 Y 1 A GLU 120 ? OE2 ? A GLU 119 OE2 
# 
loop_
_software.name 
_software.classification 
_software.version 
_software.citation_id 
_software.pdbx_ordinal 
REFMAC    refinement       5.1.24 ? 1 
DENZO     'data reduction' .      ? 2 
SCALEPACK 'data scaling'   .      ? 3 
SHELXD    phasing          .      ? 4 
SHARP     phasing          .      ? 5 
ARP/wARP  'model building' .      ? 6 
# 
_cell.entry_id           1RFE 
_cell.length_a           49.309 
_cell.length_b           49.309 
_cell.length_c           132.588 
_cell.angle_alpha        90.00 
_cell.angle_beta         90.00 
_cell.angle_gamma        90.00 
_cell.Z_PDB              8 
_cell.pdbx_unique_axis   ? 
# 
_symmetry.entry_id                         1RFE 
_symmetry.space_group_name_H-M             'P 43 2 2' 
_symmetry.pdbx_full_space_group_name_H-M   ? 
_symmetry.cell_setting                     ? 
_symmetry.Int_Tables_number                95 
_symmetry.space_group_name_Hall            ? 
# 
_exptl.entry_id          1RFE 
_exptl.method            'X-RAY DIFFRACTION' 
_exptl.crystals_number   1 
# 
_exptl_crystal.id                    1 
_exptl_crystal.density_meas          ? 
_exptl_crystal.density_percent_sol   44.7 
_exptl_crystal.description           ? 
_exptl_crystal.density_Matthews      2.2 
_exptl_crystal.F_000                 ? 
_exptl_crystal.preparation           ? 
# 
_exptl_crystal_grow.crystal_id      1 
_exptl_crystal_grow.method          'VAPOR DIFFUSION, HANGING DROP' 
_exptl_crystal_grow.temp            290 
_exptl_crystal_grow.temp_details    ? 
_exptl_crystal_grow.pH              7 
_exptl_crystal_grow.pdbx_details    '25% PEG 4000  , pH 7, VAPOR DIFFUSION, HANGING DROP, temperature 290K' 
_exptl_crystal_grow.pdbx_pH_range   . 
# 
_diffrn.id                     1 
_diffrn.ambient_temp           100 
_diffrn.ambient_temp_details   ? 
_diffrn.crystal_id             1 
# 
_diffrn_detector.diffrn_id              1 
_diffrn_detector.detector               CCD 
_diffrn_detector.type                   'ADSC QUANTUM 210' 
_diffrn_detector.pdbx_collection_date   2003-06-26 
_diffrn_detector.details                ? 
# 
_diffrn_radiation.diffrn_id                        1 
_diffrn_radiation.wavelength_id                    1 
_diffrn_radiation.pdbx_monochromatic_or_laue_m_l   M 
_diffrn_radiation.monochromator                    silicon 
_diffrn_radiation.pdbx_diffrn_protocol             MAD 
_diffrn_radiation.pdbx_scattering_type             x-ray 
# 
_diffrn_radiation_wavelength.id           1 
_diffrn_radiation_wavelength.wavelength   0.979 
_diffrn_radiation_wavelength.wt           1.0 
# 
_diffrn_source.diffrn_id                   1 
_diffrn_source.source                      SYNCHROTRON 
_diffrn_source.type                        'ESRF BEAMLINE ID29' 
_diffrn_source.pdbx_synchrotron_site       ESRF 
_diffrn_source.pdbx_synchrotron_beamline   ID29 
_diffrn_source.pdbx_wavelength             ? 
_diffrn_source.pdbx_wavelength_list        0.979 
# 
_reflns.entry_id                     1RFE 
_reflns.observed_criterion_sigma_F   2.000 
_reflns.observed_criterion_sigma_I   2.000 
_reflns.d_resolution_high            2.0 
_reflns.d_resolution_low             49.39 
_reflns.number_all                   127485 
_reflns.number_obs                   127155 
_reflns.percent_possible_obs         98.8 
_reflns.pdbx_Rmerge_I_obs            0.177 
_reflns.pdbx_Rsym_value              0.177 
_reflns.pdbx_netI_over_sigmaI        11.68 
_reflns.B_iso_Wilson_estimate        24.418 
_reflns.pdbx_redundancy              10.87 
_reflns.R_free_details               ? 
_reflns.limit_h_max                  ? 
_reflns.limit_h_min                  ? 
_reflns.limit_k_max                  ? 
_reflns.limit_k_min                  ? 
_reflns.limit_l_max                  ? 
_reflns.limit_l_min                  ? 
_reflns.observed_criterion_F_max     ? 
_reflns.observed_criterion_F_min     ? 
_reflns.pdbx_chi_squared             ? 
_reflns.pdbx_scaling_rejects         ? 
_reflns.pdbx_ordinal                 1 
_reflns.pdbx_diffrn_id               1 
# 
_reflns_shell.d_res_high             2.0 
_reflns_shell.d_res_low              2.03 
_reflns_shell.percent_possible_all   76.7 
_reflns_shell.Rmerge_I_obs           0.79 
_reflns_shell.pdbx_Rsym_value        0.79 
_reflns_shell.meanI_over_sigI_obs    1.23 
_reflns_shell.pdbx_redundancy        2.6 
_reflns_shell.percent_possible_obs   ? 
_reflns_shell.number_unique_all      1142 
_reflns_shell.number_measured_all    ? 
_reflns_shell.number_measured_obs    ? 
_reflns_shell.number_unique_obs      ? 
_reflns_shell.pdbx_chi_squared       ? 
_reflns_shell.pdbx_ordinal           1 
_reflns_shell.pdbx_diffrn_id         1 
# 
_refine.entry_id                                 1RFE 
_refine.ls_number_reflns_obs                     10829 
_refine.ls_number_reflns_all                     ? 
_refine.pdbx_ls_sigma_I                          ? 
_refine.pdbx_ls_sigma_F                          ? 
_refine.pdbx_data_cutoff_high_absF               ? 
_refine.pdbx_data_cutoff_low_absF                ? 
_refine.pdbx_data_cutoff_high_rms_absF           ? 
_refine.ls_d_res_low                             49.39 
_refine.ls_d_res_high                            2.00 
_refine.ls_percent_reflns_obs                    97.31 
_refine.ls_R_factor_obs                          0.20572 
_refine.ls_R_factor_all                          0.20572 
_refine.ls_R_factor_R_work                       0.20213 
_refine.ls_R_factor_R_free                       0.28106 
_refine.ls_R_factor_R_free_error                 ? 
_refine.ls_R_factor_R_free_error_details         ? 
_refine.ls_percent_reflns_R_free                 4.8 
_refine.ls_number_reflns_R_free                  542 
_refine.ls_number_parameters                     ? 
_refine.ls_number_restraints                     ? 
_refine.occupancy_min                            ? 
_refine.occupancy_max                            ? 
_refine.correlation_coeff_Fo_to_Fc               0.946 
_refine.correlation_coeff_Fo_to_Fc_free          0.897 
_refine.B_iso_mean                               25.358 
_refine.aniso_B[1][1]                            1.32 
_refine.aniso_B[2][2]                            1.32 
_refine.aniso_B[3][3]                            -2.64 
_refine.aniso_B[1][2]                            0.00 
_refine.aniso_B[1][3]                            0.00 
_refine.aniso_B[2][3]                            0.00 
_refine.solvent_model_details                    'BABINET MODEL WITH MASK' 
_refine.solvent_model_param_ksol                 ? 
_refine.solvent_model_param_bsol                 ? 
_refine.pdbx_solvent_vdw_probe_radii             1.40 
_refine.pdbx_solvent_ion_probe_radii             0.80 
_refine.pdbx_solvent_shrinkage_radii             0.80 
_refine.pdbx_ls_cross_valid_method               THROUGHOUT 
_refine.details                                  'HYDROGENS HAVE BEEN ADDED IN THE RIDING POSITIONS' 
_refine.pdbx_starting_model                      ? 
_refine.pdbx_method_to_determine_struct          SAD 
_refine.pdbx_isotropic_thermal_model             ? 
_refine.pdbx_stereochemistry_target_values       'MAXIMUM LIKELIHOOD' 
_refine.pdbx_stereochem_target_val_spec_case     ? 
_refine.pdbx_R_Free_selection_details            RANDOM 
_refine.pdbx_overall_ESU_R                       0.212 
_refine.pdbx_overall_ESU_R_Free                  0.206 
_refine.overall_SU_ML                            0.139 
_refine.overall_SU_B                             5.071 
_refine.ls_redundancy_reflns_obs                 ? 
_refine.B_iso_min                                ? 
_refine.B_iso_max                                ? 
_refine.overall_SU_R_Cruickshank_DPI             ? 
_refine.overall_SU_R_free                        ? 
_refine.ls_wR_factor_R_free                      ? 
_refine.ls_wR_factor_R_work                      ? 
_refine.overall_FOM_free_R_set                   ? 
_refine.overall_FOM_work_R_set                   ? 
_refine.pdbx_refine_id                           'X-RAY DIFFRACTION' 
_refine.pdbx_diffrn_id                           1 
_refine.pdbx_TLS_residual_ADP_flag               ? 
_refine.pdbx_overall_phase_error                 ? 
_refine.pdbx_overall_SU_R_free_Cruickshank_DPI   ? 
_refine.pdbx_overall_SU_R_Blow_DPI               ? 
_refine.pdbx_overall_SU_R_free_Blow_DPI          ? 
# 
_refine_hist.pdbx_refine_id                   'X-RAY DIFFRACTION' 
_refine_hist.cycle_id                         LAST 
_refine_hist.pdbx_number_atoms_protein        1237 
_refine_hist.pdbx_number_atoms_nucleic_acid   0 
_refine_hist.pdbx_number_atoms_ligand         0 
_refine_hist.number_atoms_solvent             125 
_refine_hist.number_atoms_total               1362 
_refine_hist.d_res_high                       2.00 
_refine_hist.d_res_low                        49.39 
# 
loop_
_refine_ls_restr.type 
_refine_ls_restr.dev_ideal 
_refine_ls_restr.dev_ideal_target 
_refine_ls_restr.weight 
_refine_ls_restr.number 
_refine_ls_restr.pdbx_refine_id 
_refine_ls_restr.pdbx_restraint_function 
r_bond_refined_d         0.020 0.021 ? 1282 'X-RAY DIFFRACTION' ? 
r_bond_other_d           0.002 0.020 ? 1173 'X-RAY DIFFRACTION' ? 
r_angle_refined_deg      1.689 1.938 ? 1738 'X-RAY DIFFRACTION' ? 
r_angle_other_deg        1.407 3.000 ? 2705 'X-RAY DIFFRACTION' ? 
r_dihedral_angle_1_deg   7.052 5.000 ? 161  'X-RAY DIFFRACTION' ? 
r_dihedral_angle_2_deg   ?     ?     ? ?    'X-RAY DIFFRACTION' ? 
r_dihedral_angle_3_deg   ?     ?     ? ?    'X-RAY DIFFRACTION' ? 
r_dihedral_angle_4_deg   ?     ?     ? ?    'X-RAY DIFFRACTION' ? 
r_chiral_restr           0.108 0.200 ? 192  'X-RAY DIFFRACTION' ? 
r_gen_planes_refined     0.007 0.020 ? 1438 'X-RAY DIFFRACTION' ? 
r_gen_planes_other       0.003 0.020 ? 272  'X-RAY DIFFRACTION' ? 
r_nbd_refined            0.218 0.200 ? 377  'X-RAY DIFFRACTION' ? 
r_nbd_other              0.263 0.200 ? 1394 'X-RAY DIFFRACTION' ? 
r_nbtor_refined          ?     ?     ? ?    'X-RAY DIFFRACTION' ? 
r_nbtor_other            0.151 0.200 ? 1103 'X-RAY DIFFRACTION' ? 
r_xyhbond_nbd_refined    0.223 0.200 ? 74   'X-RAY DIFFRACTION' ? 
r_xyhbond_nbd_other      ?     ?     ? ?    'X-RAY DIFFRACTION' ? 
r_metal_ion_refined      ?     ?     ? ?    'X-RAY DIFFRACTION' ? 
r_metal_ion_other        ?     ?     ? ?    'X-RAY DIFFRACTION' ? 
r_symmetry_vdw_refined   0.172 0.200 ? 32   'X-RAY DIFFRACTION' ? 
r_symmetry_vdw_other     0.307 0.200 ? 61   'X-RAY DIFFRACTION' ? 
r_symmetry_hbond_refined 0.212 0.200 ? 11   'X-RAY DIFFRACTION' ? 
r_symmetry_hbond_other   ?     ?     ? ?    'X-RAY DIFFRACTION' ? 
r_mcbond_it              1.011 1.500 ? 799  'X-RAY DIFFRACTION' ? 
r_mcbond_other           ?     ?     ? ?    'X-RAY DIFFRACTION' ? 
r_mcangle_it             1.795 2.000 ? 1291 'X-RAY DIFFRACTION' ? 
r_scbond_it              3.114 3.000 ? 483  'X-RAY DIFFRACTION' ? 
r_scangle_it             5.059 4.500 ? 447  'X-RAY DIFFRACTION' ? 
r_rigid_bond_restr       ?     ?     ? ?    'X-RAY DIFFRACTION' ? 
r_sphericity_free        ?     ?     ? ?    'X-RAY DIFFRACTION' ? 
r_sphericity_bonded      ?     ?     ? ?    'X-RAY DIFFRACTION' ? 
# 
_refine_ls_shell.pdbx_total_number_of_bins_used   20 
_refine_ls_shell.d_res_high                       2.004 
_refine_ls_shell.d_res_low                        2.056 
_refine_ls_shell.number_reflns_R_work             611 
_refine_ls_shell.R_factor_R_work                  0.23 
_refine_ls_shell.percent_reflns_obs               ? 
_refine_ls_shell.R_factor_R_free                  0.301 
_refine_ls_shell.R_factor_R_free_error            ? 
_refine_ls_shell.percent_reflns_R_free            ? 
_refine_ls_shell.number_reflns_R_free             34 
_refine_ls_shell.number_reflns_obs                ? 
_refine_ls_shell.redundancy_reflns_obs            ? 
_refine_ls_shell.number_reflns_all                ? 
_refine_ls_shell.pdbx_refine_id                   'X-RAY DIFFRACTION' 
_refine_ls_shell.R_factor_all                     ? 
# 
_struct.entry_id                  1RFE 
_struct.title                     'Crystal structure of conserved hypothetical protein Rv2991 from Mycobacterium tuberculosis' 
_struct.pdbx_model_details        ? 
_struct.pdbx_CASP_flag            ? 
_struct.pdbx_model_type_details   ? 
# 
_struct_keywords.entry_id        1RFE 
_struct_keywords.pdbx_keywords   'STRUCTURAL GENOMICS, UNKNOWN FUNCTION' 
_struct_keywords.text            
;STRUCTURAL GENOMICS, TB, Mycobacterium tuberculosis, FMN binding, PSI, Protein Structure Initiative, TB Structural Genomics Consortium, TBSGC, UNKNOWN FUNCTION
;
# 
loop_
_struct_asym.id 
_struct_asym.pdbx_blank_PDB_chainid_flag 
_struct_asym.pdbx_modified 
_struct_asym.entity_id 
_struct_asym.details 
A N N 1 ? 
B N N 2 ? 
# 
_struct_ref.id                         1 
_struct_ref.db_name                    UNP 
_struct_ref.db_code                    O53240_MYCTU 
_struct_ref.pdbx_db_accession          O53240 
_struct_ref.entity_id                  1 
_struct_ref.pdbx_seq_one_letter_code   
;GTKQRADIVMSEAEIADFVNSSRTGTLATIGPDGQPHLTAMWYAVIDGEIWLETKAKSQKAVNLRRDPRVSFLLEDGDTY
DTLRGVSFEGVAEIVEEPEALHRVGVSVWERYTGPYTDECKPMVDQMMNKRVGVRIVARRTRSWDHRKLGLPHMSVGGST
AP
;
_struct_ref.pdbx_align_begin           2 
_struct_ref.pdbx_db_isoform            ? 
# 
_struct_ref_seq.align_id                      1 
_struct_ref_seq.ref_id                        1 
_struct_ref_seq.pdbx_PDB_id_code              1RFE 
_struct_ref_seq.pdbx_strand_id                A 
_struct_ref_seq.seq_align_beg                 1 
_struct_ref_seq.pdbx_seq_align_beg_ins_code   ? 
_struct_ref_seq.seq_align_end                 162 
_struct_ref_seq.pdbx_seq_align_end_ins_code   ? 
_struct_ref_seq.pdbx_db_accession             O53240 
_struct_ref_seq.db_align_beg                  2 
_struct_ref_seq.pdbx_db_align_beg_ins_code    ? 
_struct_ref_seq.db_align_end                  163 
_struct_ref_seq.pdbx_db_align_end_ins_code    ? 
_struct_ref_seq.pdbx_auth_seq_align_beg       2 
_struct_ref_seq.pdbx_auth_seq_align_end       163 
# 
loop_
_struct_ref_seq_dif.align_id 
_struct_ref_seq_dif.pdbx_pdb_id_code 
_struct_ref_seq_dif.mon_id 
_struct_ref_seq_dif.pdbx_pdb_strand_id 
_struct_ref_seq_dif.seq_num 
_struct_ref_seq_dif.pdbx_pdb_ins_code 
_struct_ref_seq_dif.pdbx_seq_db_name 
_struct_ref_seq_dif.pdbx_seq_db_accession_code 
_struct_ref_seq_dif.db_mon_id 
_struct_ref_seq_dif.pdbx_seq_db_seq_num 
_struct_ref_seq_dif.details 
_struct_ref_seq_dif.pdbx_auth_seq_num 
_struct_ref_seq_dif.pdbx_ordinal 
1 1RFE MSE A 10  ? UNP O53240 MET 11  'modified residue' 11  1 
1 1RFE MSE A 41  ? UNP O53240 MET 42  'modified residue' 42  2 
1 1RFE CSX A 120 ? UNP O53240 CYS 121 'modified residue' 121 3 
1 1RFE MSE A 123 ? UNP O53240 MET 124 'modified residue' 124 4 
1 1RFE MSE A 127 ? UNP O53240 MET 128 'modified residue' 128 5 
1 1RFE MSE A 128 ? UNP O53240 MET 129 'modified residue' 129 6 
1 1RFE MSE A 154 ? UNP O53240 MET 155 'modified residue' 155 7 
# 
_pdbx_struct_assembly.id                   1 
_pdbx_struct_assembly.details              author_defined_assembly 
_pdbx_struct_assembly.method_details       ? 
_pdbx_struct_assembly.oligomeric_details   monomeric 
_pdbx_struct_assembly.oligomeric_count     1 
# 
_pdbx_struct_assembly_gen.assembly_id       1 
_pdbx_struct_assembly_gen.oper_expression   1 
_pdbx_struct_assembly_gen.asym_id_list      A,B 
# 
_pdbx_struct_oper_list.id                   1 
_pdbx_struct_oper_list.type                 'identity operation' 
_pdbx_struct_oper_list.name                 1_555 
_pdbx_struct_oper_list.symmetry_operation   x,y,z 
_pdbx_struct_oper_list.matrix[1][1]         1.0000000000 
_pdbx_struct_oper_list.matrix[1][2]         0.0000000000 
_pdbx_struct_oper_list.matrix[1][3]         0.0000000000 
_pdbx_struct_oper_list.vector[1]            0.0000000000 
_pdbx_struct_oper_list.matrix[2][1]         0.0000000000 
_pdbx_struct_oper_list.matrix[2][2]         1.0000000000 
_pdbx_struct_oper_list.matrix[2][3]         0.0000000000 
_pdbx_struct_oper_list.vector[2]            0.0000000000 
_pdbx_struct_oper_list.matrix[3][1]         0.0000000000 
_pdbx_struct_oper_list.matrix[3][2]         0.0000000000 
_pdbx_struct_oper_list.matrix[3][3]         1.0000000000 
_pdbx_struct_oper_list.vector[3]            0.0000000000 
# 
_struct_biol.id   1 
# 
loop_
_struct_conf.conf_type_id 
_struct_conf.id 
_struct_conf.pdbx_PDB_helix_id 
_struct_conf.beg_label_comp_id 
_struct_conf.beg_label_asym_id 
_struct_conf.beg_label_seq_id 
_struct_conf.pdbx_beg_PDB_ins_code 
_struct_conf.end_label_comp_id 
_struct_conf.end_label_asym_id 
_struct_conf.end_label_seq_id 
_struct_conf.pdbx_end_PDB_ins_code 
_struct_conf.beg_auth_comp_id 
_struct_conf.beg_auth_asym_id 
_struct_conf.beg_auth_seq_id 
_struct_conf.end_auth_comp_id 
_struct_conf.end_auth_asym_id 
_struct_conf.end_auth_seq_id 
_struct_conf.pdbx_PDB_helix_class 
_struct_conf.details 
_struct_conf.pdbx_PDB_helix_length 
HELX_P HELX_P1 1 SER A 11  ? SER A 22  ? SER A 12  SER A 23  1 ? 12 
HELX_P HELX_P2 2 SER A 58  ? ASP A 67  ? SER A 59  ASP A 68  1 ? 10 
HELX_P HELX_P3 3 THR A 79  ? THR A 82  ? THR A 80  THR A 83  5 ? 4  
HELX_P HELX_P4 4 GLU A 97  ? THR A 113 ? GLU A 98  THR A 114 1 ? 17 
HELX_P HELX_P5 5 THR A 117 ? GLU A 119 ? THR A 118 GLU A 120 5 ? 3  
HELX_P HELX_P6 6 CSX A 120 ? MSE A 128 ? CSX A 121 MSE A 129 1 ? 9  
HELX_P HELX_P7 7 ARG A 147 ? GLY A 150 ? ARG A 148 GLY A 151 5 ? 4  
# 
_struct_conf_type.id          HELX_P 
_struct_conf_type.criteria    ? 
_struct_conf_type.reference   ? 
# 
loop_
_struct_conn.id 
_struct_conn.conn_type_id 
_struct_conn.pdbx_leaving_atom_flag 
_struct_conn.pdbx_PDB_id 
_struct_conn.ptnr1_label_asym_id 
_struct_conn.ptnr1_label_comp_id 
_struct_conn.ptnr1_label_seq_id 
_struct_conn.ptnr1_label_atom_id 
_struct_conn.pdbx_ptnr1_label_alt_id 
_struct_conn.pdbx_ptnr1_PDB_ins_code 
_struct_conn.pdbx_ptnr1_standard_comp_id 
_struct_conn.ptnr1_symmetry 
_struct_conn.ptnr2_label_asym_id 
_struct_conn.ptnr2_label_comp_id 
_struct_conn.ptnr2_label_seq_id 
_struct_conn.ptnr2_label_atom_id 
_struct_conn.pdbx_ptnr2_label_alt_id 
_struct_conn.pdbx_ptnr2_PDB_ins_code 
_struct_conn.ptnr1_auth_asym_id 
_struct_conn.ptnr1_auth_comp_id 
_struct_conn.ptnr1_auth_seq_id 
_struct_conn.ptnr2_auth_asym_id 
_struct_conn.ptnr2_auth_comp_id 
_struct_conn.ptnr2_auth_seq_id 
_struct_conn.ptnr2_symmetry 
_struct_conn.pdbx_ptnr3_label_atom_id 
_struct_conn.pdbx_ptnr3_label_seq_id 
_struct_conn.pdbx_ptnr3_label_comp_id 
_struct_conn.pdbx_ptnr3_label_asym_id 
_struct_conn.pdbx_ptnr3_label_alt_id 
_struct_conn.pdbx_ptnr3_PDB_ins_code 
_struct_conn.details 
_struct_conn.pdbx_dist_value 
_struct_conn.pdbx_value_order 
_struct_conn.pdbx_role 
covale1  covale both ? A VAL 9   C ? ? ? 1_555 A MSE 10  N ? ? A VAL 10  A MSE 11  1_555 ? ? ? ? ? ? ? 1.325 ? ? 
covale2  covale both ? A MSE 10  C ? ? ? 1_555 A SER 11  N ? ? A MSE 11  A SER 12  1_555 ? ? ? ? ? ? ? 1.327 ? ? 
covale3  covale both ? A ALA 40  C ? ? ? 1_555 A MSE 41  N ? ? A ALA 41  A MSE 42  1_555 ? ? ? ? ? ? ? 1.331 ? ? 
covale4  covale both ? A MSE 41  C ? ? ? 1_555 A TRP 42  N ? ? A MSE 42  A TRP 43  1_555 ? ? ? ? ? ? ? 1.334 ? ? 
covale5  covale both ? A GLU 119 C ? ? ? 1_555 A CSX 120 N ? ? A GLU 120 A CSX 121 1_555 ? ? ? ? ? ? ? 1.337 ? ? 
covale6  covale both ? A CSX 120 C ? ? ? 1_555 A LYS 121 N ? ? A CSX 121 A LYS 122 1_555 ? ? ? ? ? ? ? 1.346 ? ? 
covale7  covale both ? A PRO 122 C ? ? ? 1_555 A MSE 123 N ? ? A PRO 123 A MSE 124 1_555 ? ? ? ? ? ? ? 1.318 ? ? 
covale8  covale both ? A MSE 123 C ? ? ? 1_555 A VAL 124 N ? ? A MSE 124 A VAL 125 1_555 ? ? ? ? ? ? ? 1.313 ? ? 
covale9  covale both ? A GLN 126 C ? ? ? 1_555 A MSE 127 N ? ? A GLN 127 A MSE 128 1_555 ? ? ? ? ? ? ? 1.314 ? ? 
covale10 covale both ? A MSE 127 C ? ? ? 1_555 A MSE 128 N ? ? A MSE 128 A MSE 129 1_555 ? ? ? ? ? ? ? 1.322 ? ? 
covale11 covale both ? A MSE 128 C ? ? ? 1_555 A ASN 129 N ? ? A MSE 129 A ASN 130 1_555 ? ? ? ? ? ? ? 1.332 ? ? 
covale12 covale both ? A HIS 153 C ? ? ? 1_555 A MSE 154 N ? ? A HIS 154 A MSE 155 1_555 ? ? ? ? ? ? ? 1.331 ? ? 
covale13 covale both ? A MSE 154 C ? ? ? 1_555 A SER 155 N ? ? A MSE 155 A SER 156 1_555 ? ? ? ? ? ? ? 1.319 ? ? 
# 
_struct_conn_type.id          covale 
_struct_conn_type.criteria    ? 
_struct_conn_type.reference   ? 
# 
loop_
_pdbx_modification_feature.ordinal 
_pdbx_modification_feature.label_comp_id 
_pdbx_modification_feature.label_asym_id 
_pdbx_modification_feature.label_seq_id 
_pdbx_modification_feature.label_alt_id 
_pdbx_modification_feature.modified_residue_label_comp_id 
_pdbx_modification_feature.modified_residue_label_asym_id 
_pdbx_modification_feature.modified_residue_label_seq_id 
_pdbx_modification_feature.modified_residue_label_alt_id 
_pdbx_modification_feature.auth_comp_id 
_pdbx_modification_feature.auth_asym_id 
_pdbx_modification_feature.auth_seq_id 
_pdbx_modification_feature.PDB_ins_code 
_pdbx_modification_feature.symmetry 
_pdbx_modification_feature.modified_residue_auth_comp_id 
_pdbx_modification_feature.modified_residue_auth_asym_id 
_pdbx_modification_feature.modified_residue_auth_seq_id 
_pdbx_modification_feature.modified_residue_PDB_ins_code 
_pdbx_modification_feature.modified_residue_symmetry 
_pdbx_modification_feature.comp_id_linking_atom 
_pdbx_modification_feature.modified_residue_id_linking_atom 
_pdbx_modification_feature.modified_residue_id 
_pdbx_modification_feature.ref_pcm_id 
_pdbx_modification_feature.ref_comp_id 
_pdbx_modification_feature.type 
_pdbx_modification_feature.category 
1 MSE A 10  ? . . . . MSE A 11  ? 1_555 . . . . . . . MET 1 MSE Selenomethionine 'Named protein modification' 
2 MSE A 41  ? . . . . MSE A 42  ? 1_555 . . . . . . . MET 1 MSE Selenomethionine 'Named protein modification' 
3 CSX A 120 ? . . . . CSX A 121 ? 1_555 . . . . . . . CYS 1 CSX Oxidation        'Named protein modification' 
4 MSE A 123 ? . . . . MSE A 124 ? 1_555 . . . . . . . MET 1 MSE Selenomethionine 'Named protein modification' 
5 MSE A 127 ? . . . . MSE A 128 ? 1_555 . . . . . . . MET 1 MSE Selenomethionine 'Named protein modification' 
6 MSE A 128 ? . . . . MSE A 129 ? 1_555 . . . . . . . MET 1 MSE Selenomethionine 'Named protein modification' 
7 MSE A 154 ? . . . . MSE A 155 ? 1_555 . . . . . . . MET 1 MSE Selenomethionine 'Named protein modification' 
# 
_struct_sheet.id               A 
_struct_sheet.type             ? 
_struct_sheet.number_strands   7 
_struct_sheet.details          ? 
# 
loop_
_struct_sheet_order.sheet_id 
_struct_sheet_order.range_id_1 
_struct_sheet_order.range_id_2 
_struct_sheet_order.offset 
_struct_sheet_order.sense 
A 1 2 ? anti-parallel 
A 2 3 ? anti-parallel 
A 3 4 ? anti-parallel 
A 4 5 ? anti-parallel 
A 5 6 ? anti-parallel 
A 6 7 ? anti-parallel 
# 
loop_
_struct_sheet_range.sheet_id 
_struct_sheet_range.id 
_struct_sheet_range.beg_label_comp_id 
_struct_sheet_range.beg_label_asym_id 
_struct_sheet_range.beg_label_seq_id 
_struct_sheet_range.pdbx_beg_PDB_ins_code 
_struct_sheet_range.end_label_comp_id 
_struct_sheet_range.end_label_asym_id 
_struct_sheet_range.end_label_seq_id 
_struct_sheet_range.pdbx_end_PDB_ins_code 
_struct_sheet_range.beg_auth_comp_id 
_struct_sheet_range.beg_auth_asym_id 
_struct_sheet_range.beg_auth_seq_id 
_struct_sheet_range.end_auth_comp_id 
_struct_sheet_range.end_auth_asym_id 
_struct_sheet_range.end_auth_seq_id 
A 1 PRO A 36  ? MSE A 41  ? PRO A 37  MSE A 42  
A 2 GLY A 25  ? ILE A 30  ? GLY A 26  ILE A 31  
A 3 ARG A 69  ? ASP A 76  ? ARG A 70  ASP A 77  
A 4 ARG A 84  ? VAL A 95  ? ARG A 85  VAL A 96  
A 5 ARG A 131 ? ASP A 145 ? ARG A 132 ASP A 146 
A 6 GLU A 49  ? LYS A 55  ? GLU A 50  LYS A 56  
A 7 ALA A 44  ? ILE A 46  ? ALA A 45  ILE A 47  
# 
loop_
_pdbx_struct_sheet_hbond.sheet_id 
_pdbx_struct_sheet_hbond.range_id_1 
_pdbx_struct_sheet_hbond.range_id_2 
_pdbx_struct_sheet_hbond.range_1_label_atom_id 
_pdbx_struct_sheet_hbond.range_1_label_comp_id 
_pdbx_struct_sheet_hbond.range_1_label_asym_id 
_pdbx_struct_sheet_hbond.range_1_label_seq_id 
_pdbx_struct_sheet_hbond.range_1_PDB_ins_code 
_pdbx_struct_sheet_hbond.range_1_auth_atom_id 
_pdbx_struct_sheet_hbond.range_1_auth_comp_id 
_pdbx_struct_sheet_hbond.range_1_auth_asym_id 
_pdbx_struct_sheet_hbond.range_1_auth_seq_id 
_pdbx_struct_sheet_hbond.range_2_label_atom_id 
_pdbx_struct_sheet_hbond.range_2_label_comp_id 
_pdbx_struct_sheet_hbond.range_2_label_asym_id 
_pdbx_struct_sheet_hbond.range_2_label_seq_id 
_pdbx_struct_sheet_hbond.range_2_PDB_ins_code 
_pdbx_struct_sheet_hbond.range_2_auth_atom_id 
_pdbx_struct_sheet_hbond.range_2_auth_comp_id 
_pdbx_struct_sheet_hbond.range_2_auth_asym_id 
_pdbx_struct_sheet_hbond.range_2_auth_seq_id 
A 1 2 O HIS A 37  ? O HIS A 38  N THR A 29  ? N THR A 30  
A 2 3 N ALA A 28  ? N ALA A 29  O SER A 71  ? O SER A 72  
A 3 4 N ASP A 76  ? N ASP A 77  O ARG A 84  ? O ARG A 85  
A 4 5 N SER A 87  ? N SER A 88  O ARG A 142 ? O ARG A 143 
A 5 6 O VAL A 132 ? O VAL A 133 N THR A 54  ? N THR A 55  
A 6 7 O TRP A 51  ? O TRP A 52  N ALA A 44  ? N ALA A 45  
# 
_pdbx_entry_details.entry_id                   1RFE 
_pdbx_entry_details.compound_details           ? 
_pdbx_entry_details.source_details             ? 
_pdbx_entry_details.nonpolymer_details         ? 
_pdbx_entry_details.sequence_details           ? 
_pdbx_entry_details.has_ligand_of_interest     ? 
_pdbx_entry_details.has_protein_modification   Y 
# 
loop_
_pdbx_validate_close_contact.id 
_pdbx_validate_close_contact.PDB_model_num 
_pdbx_validate_close_contact.auth_atom_id_1 
_pdbx_validate_close_contact.auth_asym_id_1 
_pdbx_validate_close_contact.auth_comp_id_1 
_pdbx_validate_close_contact.auth_seq_id_1 
_pdbx_validate_close_contact.PDB_ins_code_1 
_pdbx_validate_close_contact.label_alt_id_1 
_pdbx_validate_close_contact.auth_atom_id_2 
_pdbx_validate_close_contact.auth_asym_id_2 
_pdbx_validate_close_contact.auth_comp_id_2 
_pdbx_validate_close_contact.auth_seq_id_2 
_pdbx_validate_close_contact.PDB_ins_code_2 
_pdbx_validate_close_contact.label_alt_id_2 
_pdbx_validate_close_contact.dist 
1 1 O A HOH 168 ? ? O A HOH 256 ? ? 1.99 
2 1 O A HOH 174 ? ? O A HOH 276 ? ? 2.18 
# 
loop_
_pdbx_validate_rmsd_angle.id 
_pdbx_validate_rmsd_angle.PDB_model_num 
_pdbx_validate_rmsd_angle.auth_atom_id_1 
_pdbx_validate_rmsd_angle.auth_asym_id_1 
_pdbx_validate_rmsd_angle.auth_comp_id_1 
_pdbx_validate_rmsd_angle.auth_seq_id_1 
_pdbx_validate_rmsd_angle.PDB_ins_code_1 
_pdbx_validate_rmsd_angle.label_alt_id_1 
_pdbx_validate_rmsd_angle.auth_atom_id_2 
_pdbx_validate_rmsd_angle.auth_asym_id_2 
_pdbx_validate_rmsd_angle.auth_comp_id_2 
_pdbx_validate_rmsd_angle.auth_seq_id_2 
_pdbx_validate_rmsd_angle.PDB_ins_code_2 
_pdbx_validate_rmsd_angle.label_alt_id_2 
_pdbx_validate_rmsd_angle.auth_atom_id_3 
_pdbx_validate_rmsd_angle.auth_asym_id_3 
_pdbx_validate_rmsd_angle.auth_comp_id_3 
_pdbx_validate_rmsd_angle.auth_seq_id_3 
_pdbx_validate_rmsd_angle.PDB_ins_code_3 
_pdbx_validate_rmsd_angle.label_alt_id_3 
_pdbx_validate_rmsd_angle.angle_value 
_pdbx_validate_rmsd_angle.angle_target_value 
_pdbx_validate_rmsd_angle.angle_deviation 
_pdbx_validate_rmsd_angle.angle_standard_deviation 
_pdbx_validate_rmsd_angle.linker_flag 
1 1 NE A ARG 24  ? ? CZ A ARG 24  ? ? NH1 A ARG 24  ? ? 123.58 120.30 3.28 0.50 N 
2 1 NE A ARG 136 ? ? CZ A ARG 136 ? ? NH1 A ARG 136 ? ? 124.59 120.30 4.29 0.50 N 
# 
loop_
_pdbx_validate_torsion.id 
_pdbx_validate_torsion.PDB_model_num 
_pdbx_validate_torsion.auth_comp_id 
_pdbx_validate_torsion.auth_asym_id 
_pdbx_validate_torsion.auth_seq_id 
_pdbx_validate_torsion.PDB_ins_code 
_pdbx_validate_torsion.label_alt_id 
_pdbx_validate_torsion.phi 
_pdbx_validate_torsion.psi 
1 1 LYS A 4   ? ? 140.69  -134.73 
2 1 GLN A 5   ? ? 111.03  99.25   
3 1 THR A 114 ? ? -120.61 -50.24  
# 
_pdbx_SG_project.project_name          'PSI, Protein Structure Initiative' 
_pdbx_SG_project.full_name_of_center   'TB Structural Genomics Consortium' 
_pdbx_SG_project.initial_of_center     TBSGC 
_pdbx_SG_project.id                    1 
# 
loop_
_pdbx_struct_mod_residue.id 
_pdbx_struct_mod_residue.label_asym_id 
_pdbx_struct_mod_residue.label_comp_id 
_pdbx_struct_mod_residue.label_seq_id 
_pdbx_struct_mod_residue.auth_asym_id 
_pdbx_struct_mod_residue.auth_comp_id 
_pdbx_struct_mod_residue.auth_seq_id 
_pdbx_struct_mod_residue.PDB_ins_code 
_pdbx_struct_mod_residue.parent_comp_id 
_pdbx_struct_mod_residue.details 
1 A MSE 10  A MSE 11  ? MET SELENOMETHIONINE 
2 A MSE 41  A MSE 42  ? MET SELENOMETHIONINE 
3 A CSX 120 A CSX 121 ? CYS 'S-OXY CYSTEINE' 
4 A MSE 123 A MSE 124 ? MET SELENOMETHIONINE 
5 A MSE 127 A MSE 128 ? MET SELENOMETHIONINE 
6 A MSE 128 A MSE 129 ? MET SELENOMETHIONINE 
7 A MSE 154 A MSE 155 ? MET SELENOMETHIONINE 
# 
loop_
_pdbx_struct_special_symmetry.id 
_pdbx_struct_special_symmetry.PDB_model_num 
_pdbx_struct_special_symmetry.auth_asym_id 
_pdbx_struct_special_symmetry.auth_comp_id 
_pdbx_struct_special_symmetry.auth_seq_id 
_pdbx_struct_special_symmetry.PDB_ins_code 
_pdbx_struct_special_symmetry.label_asym_id 
_pdbx_struct_special_symmetry.label_comp_id 
_pdbx_struct_special_symmetry.label_seq_id 
1 1 A HOH 243 ? B HOH . 
2 1 A HOH 244 ? B HOH . 
# 
loop_
_pdbx_unobs_or_zero_occ_residues.id 
_pdbx_unobs_or_zero_occ_residues.PDB_model_num 
_pdbx_unobs_or_zero_occ_residues.polymer_flag 
_pdbx_unobs_or_zero_occ_residues.occupancy_flag 
_pdbx_unobs_or_zero_occ_residues.auth_asym_id 
_pdbx_unobs_or_zero_occ_residues.auth_comp_id 
_pdbx_unobs_or_zero_occ_residues.auth_seq_id 
_pdbx_unobs_or_zero_occ_residues.PDB_ins_code 
_pdbx_unobs_or_zero_occ_residues.label_asym_id 
_pdbx_unobs_or_zero_occ_residues.label_comp_id 
_pdbx_unobs_or_zero_occ_residues.label_seq_id 
1 1 Y 1 A GLY 2   ? A GLY 1   
2 1 Y 1 A PRO 163 ? A PRO 162 
# 
loop_
_chem_comp_atom.comp_id 
_chem_comp_atom.atom_id 
_chem_comp_atom.type_symbol 
_chem_comp_atom.pdbx_aromatic_flag 
_chem_comp_atom.pdbx_stereo_config 
_chem_comp_atom.pdbx_ordinal 
ALA N    N  N N 1   
ALA CA   C  N S 2   
ALA C    C  N N 3   
ALA O    O  N N 4   
ALA CB   C  N N 5   
ALA OXT  O  N N 6   
ALA H    H  N N 7   
ALA H2   H  N N 8   
ALA HA   H  N N 9   
ALA HB1  H  N N 10  
ALA HB2  H  N N 11  
ALA HB3  H  N N 12  
ALA HXT  H  N N 13  
ARG N    N  N N 14  
ARG CA   C  N S 15  
ARG C    C  N N 16  
ARG O    O  N N 17  
ARG CB   C  N N 18  
ARG CG   C  N N 19  
ARG CD   C  N N 20  
ARG NE   N  N N 21  
ARG CZ   C  N N 22  
ARG NH1  N  N N 23  
ARG NH2  N  N N 24  
ARG OXT  O  N N 25  
ARG H    H  N N 26  
ARG H2   H  N N 27  
ARG HA   H  N N 28  
ARG HB2  H  N N 29  
ARG HB3  H  N N 30  
ARG HG2  H  N N 31  
ARG HG3  H  N N 32  
ARG HD2  H  N N 33  
ARG HD3  H  N N 34  
ARG HE   H  N N 35  
ARG HH11 H  N N 36  
ARG HH12 H  N N 37  
ARG HH21 H  N N 38  
ARG HH22 H  N N 39  
ARG HXT  H  N N 40  
ASN N    N  N N 41  
ASN CA   C  N S 42  
ASN C    C  N N 43  
ASN O    O  N N 44  
ASN CB   C  N N 45  
ASN CG   C  N N 46  
ASN OD1  O  N N 47  
ASN ND2  N  N N 48  
ASN OXT  O  N N 49  
ASN H    H  N N 50  
ASN H2   H  N N 51  
ASN HA   H  N N 52  
ASN HB2  H  N N 53  
ASN HB3  H  N N 54  
ASN HD21 H  N N 55  
ASN HD22 H  N N 56  
ASN HXT  H  N N 57  
ASP N    N  N N 58  
ASP CA   C  N S 59  
ASP C    C  N N 60  
ASP O    O  N N 61  
ASP CB   C  N N 62  
ASP CG   C  N N 63  
ASP OD1  O  N N 64  
ASP OD2  O  N N 65  
ASP OXT  O  N N 66  
ASP H    H  N N 67  
ASP H2   H  N N 68  
ASP HA   H  N N 69  
ASP HB2  H  N N 70  
ASP HB3  H  N N 71  
ASP HD2  H  N N 72  
ASP HXT  H  N N 73  
CSX N    N  N N 74  
CSX CA   C  N R 75  
CSX CB   C  N N 76  
CSX SG   S  N S 77  
CSX C    C  N N 78  
CSX O    O  N N 79  
CSX OXT  O  N N 80  
CSX OD   O  N N 81  
CSX H    H  N N 82  
CSX H2   H  N N 83  
CSX HA   H  N N 84  
CSX HB2  H  N N 85  
CSX HB3  H  N N 86  
CSX HG   H  N N 87  
CSX HXT  H  N N 88  
CYS N    N  N N 89  
CYS CA   C  N R 90  
CYS C    C  N N 91  
CYS O    O  N N 92  
CYS CB   C  N N 93  
CYS SG   S  N N 94  
CYS OXT  O  N N 95  
CYS H    H  N N 96  
CYS H2   H  N N 97  
CYS HA   H  N N 98  
CYS HB2  H  N N 99  
CYS HB3  H  N N 100 
CYS HG   H  N N 101 
CYS HXT  H  N N 102 
GLN N    N  N N 103 
GLN CA   C  N S 104 
GLN C    C  N N 105 
GLN O    O  N N 106 
GLN CB   C  N N 107 
GLN CG   C  N N 108 
GLN CD   C  N N 109 
GLN OE1  O  N N 110 
GLN NE2  N  N N 111 
GLN OXT  O  N N 112 
GLN H    H  N N 113 
GLN H2   H  N N 114 
GLN HA   H  N N 115 
GLN HB2  H  N N 116 
GLN HB3  H  N N 117 
GLN HG2  H  N N 118 
GLN HG3  H  N N 119 
GLN HE21 H  N N 120 
GLN HE22 H  N N 121 
GLN HXT  H  N N 122 
GLU N    N  N N 123 
GLU CA   C  N S 124 
GLU C    C  N N 125 
GLU O    O  N N 126 
GLU CB   C  N N 127 
GLU CG   C  N N 128 
GLU CD   C  N N 129 
GLU OE1  O  N N 130 
GLU OE2  O  N N 131 
GLU OXT  O  N N 132 
GLU H    H  N N 133 
GLU H2   H  N N 134 
GLU HA   H  N N 135 
GLU HB2  H  N N 136 
GLU HB3  H  N N 137 
GLU HG2  H  N N 138 
GLU HG3  H  N N 139 
GLU HE2  H  N N 140 
GLU HXT  H  N N 141 
GLY N    N  N N 142 
GLY CA   C  N N 143 
GLY C    C  N N 144 
GLY O    O  N N 145 
GLY OXT  O  N N 146 
GLY H    H  N N 147 
GLY H2   H  N N 148 
GLY HA2  H  N N 149 
GLY HA3  H  N N 150 
GLY HXT  H  N N 151 
HIS N    N  N N 152 
HIS CA   C  N S 153 
HIS C    C  N N 154 
HIS O    O  N N 155 
HIS CB   C  N N 156 
HIS CG   C  Y N 157 
HIS ND1  N  Y N 158 
HIS CD2  C  Y N 159 
HIS CE1  C  Y N 160 
HIS NE2  N  Y N 161 
HIS OXT  O  N N 162 
HIS H    H  N N 163 
HIS H2   H  N N 164 
HIS HA   H  N N 165 
HIS HB2  H  N N 166 
HIS HB3  H  N N 167 
HIS HD1  H  N N 168 
HIS HD2  H  N N 169 
HIS HE1  H  N N 170 
HIS HE2  H  N N 171 
HIS HXT  H  N N 172 
HOH O    O  N N 173 
HOH H1   H  N N 174 
HOH H2   H  N N 175 
ILE N    N  N N 176 
ILE CA   C  N S 177 
ILE C    C  N N 178 
ILE O    O  N N 179 
ILE CB   C  N S 180 
ILE CG1  C  N N 181 
ILE CG2  C  N N 182 
ILE CD1  C  N N 183 
ILE OXT  O  N N 184 
ILE H    H  N N 185 
ILE H2   H  N N 186 
ILE HA   H  N N 187 
ILE HB   H  N N 188 
ILE HG12 H  N N 189 
ILE HG13 H  N N 190 
ILE HG21 H  N N 191 
ILE HG22 H  N N 192 
ILE HG23 H  N N 193 
ILE HD11 H  N N 194 
ILE HD12 H  N N 195 
ILE HD13 H  N N 196 
ILE HXT  H  N N 197 
LEU N    N  N N 198 
LEU CA   C  N S 199 
LEU C    C  N N 200 
LEU O    O  N N 201 
LEU CB   C  N N 202 
LEU CG   C  N N 203 
LEU CD1  C  N N 204 
LEU CD2  C  N N 205 
LEU OXT  O  N N 206 
LEU H    H  N N 207 
LEU H2   H  N N 208 
LEU HA   H  N N 209 
LEU HB2  H  N N 210 
LEU HB3  H  N N 211 
LEU HG   H  N N 212 
LEU HD11 H  N N 213 
LEU HD12 H  N N 214 
LEU HD13 H  N N 215 
LEU HD21 H  N N 216 
LEU HD22 H  N N 217 
LEU HD23 H  N N 218 
LEU HXT  H  N N 219 
LYS N    N  N N 220 
LYS CA   C  N S 221 
LYS C    C  N N 222 
LYS O    O  N N 223 
LYS CB   C  N N 224 
LYS CG   C  N N 225 
LYS CD   C  N N 226 
LYS CE   C  N N 227 
LYS NZ   N  N N 228 
LYS OXT  O  N N 229 
LYS H    H  N N 230 
LYS H2   H  N N 231 
LYS HA   H  N N 232 
LYS HB2  H  N N 233 
LYS HB3  H  N N 234 
LYS HG2  H  N N 235 
LYS HG3  H  N N 236 
LYS HD2  H  N N 237 
LYS HD3  H  N N 238 
LYS HE2  H  N N 239 
LYS HE3  H  N N 240 
LYS HZ1  H  N N 241 
LYS HZ2  H  N N 242 
LYS HZ3  H  N N 243 
LYS HXT  H  N N 244 
MET N    N  N N 245 
MET CA   C  N S 246 
MET C    C  N N 247 
MET O    O  N N 248 
MET CB   C  N N 249 
MET CG   C  N N 250 
MET SD   S  N N 251 
MET CE   C  N N 252 
MET OXT  O  N N 253 
MET H    H  N N 254 
MET H2   H  N N 255 
MET HA   H  N N 256 
MET HB2  H  N N 257 
MET HB3  H  N N 258 
MET HG2  H  N N 259 
MET HG3  H  N N 260 
MET HE1  H  N N 261 
MET HE2  H  N N 262 
MET HE3  H  N N 263 
MET HXT  H  N N 264 
MSE N    N  N N 265 
MSE CA   C  N S 266 
MSE C    C  N N 267 
MSE O    O  N N 268 
MSE OXT  O  N N 269 
MSE CB   C  N N 270 
MSE CG   C  N N 271 
MSE SE   SE N N 272 
MSE CE   C  N N 273 
MSE H    H  N N 274 
MSE H2   H  N N 275 
MSE HA   H  N N 276 
MSE HXT  H  N N 277 
MSE HB2  H  N N 278 
MSE HB3  H  N N 279 
MSE HG2  H  N N 280 
MSE HG3  H  N N 281 
MSE HE1  H  N N 282 
MSE HE2  H  N N 283 
MSE HE3  H  N N 284 
PHE N    N  N N 285 
PHE CA   C  N S 286 
PHE C    C  N N 287 
PHE O    O  N N 288 
PHE CB   C  N N 289 
PHE CG   C  Y N 290 
PHE CD1  C  Y N 291 
PHE CD2  C  Y N 292 
PHE CE1  C  Y N 293 
PHE CE2  C  Y N 294 
PHE CZ   C  Y N 295 
PHE OXT  O  N N 296 
PHE H    H  N N 297 
PHE H2   H  N N 298 
PHE HA   H  N N 299 
PHE HB2  H  N N 300 
PHE HB3  H  N N 301 
PHE HD1  H  N N 302 
PHE HD2  H  N N 303 
PHE HE1  H  N N 304 
PHE HE2  H  N N 305 
PHE HZ   H  N N 306 
PHE HXT  H  N N 307 
PRO N    N  N N 308 
PRO CA   C  N S 309 
PRO C    C  N N 310 
PRO O    O  N N 311 
PRO CB   C  N N 312 
PRO CG   C  N N 313 
PRO CD   C  N N 314 
PRO OXT  O  N N 315 
PRO H    H  N N 316 
PRO HA   H  N N 317 
PRO HB2  H  N N 318 
PRO HB3  H  N N 319 
PRO HG2  H  N N 320 
PRO HG3  H  N N 321 
PRO HD2  H  N N 322 
PRO HD3  H  N N 323 
PRO HXT  H  N N 324 
SER N    N  N N 325 
SER CA   C  N S 326 
SER C    C  N N 327 
SER O    O  N N 328 
SER CB   C  N N 329 
SER OG   O  N N 330 
SER OXT  O  N N 331 
SER H    H  N N 332 
SER H2   H  N N 333 
SER HA   H  N N 334 
SER HB2  H  N N 335 
SER HB3  H  N N 336 
SER HG   H  N N 337 
SER HXT  H  N N 338 
THR N    N  N N 339 
THR CA   C  N S 340 
THR C    C  N N 341 
THR O    O  N N 342 
THR CB   C  N R 343 
THR OG1  O  N N 344 
THR CG2  C  N N 345 
THR OXT  O  N N 346 
THR H    H  N N 347 
THR H2   H  N N 348 
THR HA   H  N N 349 
THR HB   H  N N 350 
THR HG1  H  N N 351 
THR HG21 H  N N 352 
THR HG22 H  N N 353 
THR HG23 H  N N 354 
THR HXT  H  N N 355 
TRP N    N  N N 356 
TRP CA   C  N S 357 
TRP C    C  N N 358 
TRP O    O  N N 359 
TRP CB   C  N N 360 
TRP CG   C  Y N 361 
TRP CD1  C  Y N 362 
TRP CD2  C  Y N 363 
TRP NE1  N  Y N 364 
TRP CE2  C  Y N 365 
TRP CE3  C  Y N 366 
TRP CZ2  C  Y N 367 
TRP CZ3  C  Y N 368 
TRP CH2  C  Y N 369 
TRP OXT  O  N N 370 
TRP H    H  N N 371 
TRP H2   H  N N 372 
TRP HA   H  N N 373 
TRP HB2  H  N N 374 
TRP HB3  H  N N 375 
TRP HD1  H  N N 376 
TRP HE1  H  N N 377 
TRP HE3  H  N N 378 
TRP HZ2  H  N N 379 
TRP HZ3  H  N N 380 
TRP HH2  H  N N 381 
TRP HXT  H  N N 382 
TYR N    N  N N 383 
TYR CA   C  N S 384 
TYR C    C  N N 385 
TYR O    O  N N 386 
TYR CB   C  N N 387 
TYR CG   C  Y N 388 
TYR CD1  C  Y N 389 
TYR CD2  C  Y N 390 
TYR CE1  C  Y N 391 
TYR CE2  C  Y N 392 
TYR CZ   C  Y N 393 
TYR OH   O  N N 394 
TYR OXT  O  N N 395 
TYR H    H  N N 396 
TYR H2   H  N N 397 
TYR HA   H  N N 398 
TYR HB2  H  N N 399 
TYR HB3  H  N N 400 
TYR HD1  H  N N 401 
TYR HD2  H  N N 402 
TYR HE1  H  N N 403 
TYR HE2  H  N N 404 
TYR HH   H  N N 405 
TYR HXT  H  N N 406 
VAL N    N  N N 407 
VAL CA   C  N S 408 
VAL C    C  N N 409 
VAL O    O  N N 410 
VAL CB   C  N N 411 
VAL CG1  C  N N 412 
VAL CG2  C  N N 413 
VAL OXT  O  N N 414 
VAL H    H  N N 415 
VAL H2   H  N N 416 
VAL HA   H  N N 417 
VAL HB   H  N N 418 
VAL HG11 H  N N 419 
VAL HG12 H  N N 420 
VAL HG13 H  N N 421 
VAL HG21 H  N N 422 
VAL HG22 H  N N 423 
VAL HG23 H  N N 424 
VAL HXT  H  N N 425 
# 
loop_
_chem_comp_bond.comp_id 
_chem_comp_bond.atom_id_1 
_chem_comp_bond.atom_id_2 
_chem_comp_bond.value_order 
_chem_comp_bond.pdbx_aromatic_flag 
_chem_comp_bond.pdbx_stereo_config 
_chem_comp_bond.pdbx_ordinal 
ALA N   CA   sing N N 1   
ALA N   H    sing N N 2   
ALA N   H2   sing N N 3   
ALA CA  C    sing N N 4   
ALA CA  CB   sing N N 5   
ALA CA  HA   sing N N 6   
ALA C   O    doub N N 7   
ALA C   OXT  sing N N 8   
ALA CB  HB1  sing N N 9   
ALA CB  HB2  sing N N 10  
ALA CB  HB3  sing N N 11  
ALA OXT HXT  sing N N 12  
ARG N   CA   sing N N 13  
ARG N   H    sing N N 14  
ARG N   H2   sing N N 15  
ARG CA  C    sing N N 16  
ARG CA  CB   sing N N 17  
ARG CA  HA   sing N N 18  
ARG C   O    doub N N 19  
ARG C   OXT  sing N N 20  
ARG CB  CG   sing N N 21  
ARG CB  HB2  sing N N 22  
ARG CB  HB3  sing N N 23  
ARG CG  CD   sing N N 24  
ARG CG  HG2  sing N N 25  
ARG CG  HG3  sing N N 26  
ARG CD  NE   sing N N 27  
ARG CD  HD2  sing N N 28  
ARG CD  HD3  sing N N 29  
ARG NE  CZ   sing N N 30  
ARG NE  HE   sing N N 31  
ARG CZ  NH1  sing N N 32  
ARG CZ  NH2  doub N N 33  
ARG NH1 HH11 sing N N 34  
ARG NH1 HH12 sing N N 35  
ARG NH2 HH21 sing N N 36  
ARG NH2 HH22 sing N N 37  
ARG OXT HXT  sing N N 38  
ASN N   CA   sing N N 39  
ASN N   H    sing N N 40  
ASN N   H2   sing N N 41  
ASN CA  C    sing N N 42  
ASN CA  CB   sing N N 43  
ASN CA  HA   sing N N 44  
ASN C   O    doub N N 45  
ASN C   OXT  sing N N 46  
ASN CB  CG   sing N N 47  
ASN CB  HB2  sing N N 48  
ASN CB  HB3  sing N N 49  
ASN CG  OD1  doub N N 50  
ASN CG  ND2  sing N N 51  
ASN ND2 HD21 sing N N 52  
ASN ND2 HD22 sing N N 53  
ASN OXT HXT  sing N N 54  
ASP N   CA   sing N N 55  
ASP N   H    sing N N 56  
ASP N   H2   sing N N 57  
ASP CA  C    sing N N 58  
ASP CA  CB   sing N N 59  
ASP CA  HA   sing N N 60  
ASP C   O    doub N N 61  
ASP C   OXT  sing N N 62  
ASP CB  CG   sing N N 63  
ASP CB  HB2  sing N N 64  
ASP CB  HB3  sing N N 65  
ASP CG  OD1  doub N N 66  
ASP CG  OD2  sing N N 67  
ASP OD2 HD2  sing N N 68  
ASP OXT HXT  sing N N 69  
CSX N   CA   sing N N 70  
CSX N   H    sing N N 71  
CSX N   H2   sing N N 72  
CSX CA  CB   sing N N 73  
CSX CA  C    sing N N 74  
CSX CA  HA   sing N N 75  
CSX CB  SG   sing N N 76  
CSX CB  HB2  sing N N 77  
CSX CB  HB3  sing N N 78  
CSX SG  OD   doub N N 79  
CSX SG  HG   sing N N 80  
CSX C   O    doub N N 81  
CSX C   OXT  sing N N 82  
CSX OXT HXT  sing N N 83  
CYS N   CA   sing N N 84  
CYS N   H    sing N N 85  
CYS N   H2   sing N N 86  
CYS CA  C    sing N N 87  
CYS CA  CB   sing N N 88  
CYS CA  HA   sing N N 89  
CYS C   O    doub N N 90  
CYS C   OXT  sing N N 91  
CYS CB  SG   sing N N 92  
CYS CB  HB2  sing N N 93  
CYS CB  HB3  sing N N 94  
CYS SG  HG   sing N N 95  
CYS OXT HXT  sing N N 96  
GLN N   CA   sing N N 97  
GLN N   H    sing N N 98  
GLN N   H2   sing N N 99  
GLN CA  C    sing N N 100 
GLN CA  CB   sing N N 101 
GLN CA  HA   sing N N 102 
GLN C   O    doub N N 103 
GLN C   OXT  sing N N 104 
GLN CB  CG   sing N N 105 
GLN CB  HB2  sing N N 106 
GLN CB  HB3  sing N N 107 
GLN CG  CD   sing N N 108 
GLN CG  HG2  sing N N 109 
GLN CG  HG3  sing N N 110 
GLN CD  OE1  doub N N 111 
GLN CD  NE2  sing N N 112 
GLN NE2 HE21 sing N N 113 
GLN NE2 HE22 sing N N 114 
GLN OXT HXT  sing N N 115 
GLU N   CA   sing N N 116 
GLU N   H    sing N N 117 
GLU N   H2   sing N N 118 
GLU CA  C    sing N N 119 
GLU CA  CB   sing N N 120 
GLU CA  HA   sing N N 121 
GLU C   O    doub N N 122 
GLU C   OXT  sing N N 123 
GLU CB  CG   sing N N 124 
GLU CB  HB2  sing N N 125 
GLU CB  HB3  sing N N 126 
GLU CG  CD   sing N N 127 
GLU CG  HG2  sing N N 128 
GLU CG  HG3  sing N N 129 
GLU CD  OE1  doub N N 130 
GLU CD  OE2  sing N N 131 
GLU OE2 HE2  sing N N 132 
GLU OXT HXT  sing N N 133 
GLY N   CA   sing N N 134 
GLY N   H    sing N N 135 
GLY N   H2   sing N N 136 
GLY CA  C    sing N N 137 
GLY CA  HA2  sing N N 138 
GLY CA  HA3  sing N N 139 
GLY C   O    doub N N 140 
GLY C   OXT  sing N N 141 
GLY OXT HXT  sing N N 142 
HIS N   CA   sing N N 143 
HIS N   H    sing N N 144 
HIS N   H2   sing N N 145 
HIS CA  C    sing N N 146 
HIS CA  CB   sing N N 147 
HIS CA  HA   sing N N 148 
HIS C   O    doub N N 149 
HIS C   OXT  sing N N 150 
HIS CB  CG   sing N N 151 
HIS CB  HB2  sing N N 152 
HIS CB  HB3  sing N N 153 
HIS CG  ND1  sing Y N 154 
HIS CG  CD2  doub Y N 155 
HIS ND1 CE1  doub Y N 156 
HIS ND1 HD1  sing N N 157 
HIS CD2 NE2  sing Y N 158 
HIS CD2 HD2  sing N N 159 
HIS CE1 NE2  sing Y N 160 
HIS CE1 HE1  sing N N 161 
HIS NE2 HE2  sing N N 162 
HIS OXT HXT  sing N N 163 
HOH O   H1   sing N N 164 
HOH O   H2   sing N N 165 
ILE N   CA   sing N N 166 
ILE N   H    sing N N 167 
ILE N   H2   sing N N 168 
ILE CA  C    sing N N 169 
ILE CA  CB   sing N N 170 
ILE CA  HA   sing N N 171 
ILE C   O    doub N N 172 
ILE C   OXT  sing N N 173 
ILE CB  CG1  sing N N 174 
ILE CB  CG2  sing N N 175 
ILE CB  HB   sing N N 176 
ILE CG1 CD1  sing N N 177 
ILE CG1 HG12 sing N N 178 
ILE CG1 HG13 sing N N 179 
ILE CG2 HG21 sing N N 180 
ILE CG2 HG22 sing N N 181 
ILE CG2 HG23 sing N N 182 
ILE CD1 HD11 sing N N 183 
ILE CD1 HD12 sing N N 184 
ILE CD1 HD13 sing N N 185 
ILE OXT HXT  sing N N 186 
LEU N   CA   sing N N 187 
LEU N   H    sing N N 188 
LEU N   H2   sing N N 189 
LEU CA  C    sing N N 190 
LEU CA  CB   sing N N 191 
LEU CA  HA   sing N N 192 
LEU C   O    doub N N 193 
LEU C   OXT  sing N N 194 
LEU CB  CG   sing N N 195 
LEU CB  HB2  sing N N 196 
LEU CB  HB3  sing N N 197 
LEU CG  CD1  sing N N 198 
LEU CG  CD2  sing N N 199 
LEU CG  HG   sing N N 200 
LEU CD1 HD11 sing N N 201 
LEU CD1 HD12 sing N N 202 
LEU CD1 HD13 sing N N 203 
LEU CD2 HD21 sing N N 204 
LEU CD2 HD22 sing N N 205 
LEU CD2 HD23 sing N N 206 
LEU OXT HXT  sing N N 207 
LYS N   CA   sing N N 208 
LYS N   H    sing N N 209 
LYS N   H2   sing N N 210 
LYS CA  C    sing N N 211 
LYS CA  CB   sing N N 212 
LYS CA  HA   sing N N 213 
LYS C   O    doub N N 214 
LYS C   OXT  sing N N 215 
LYS CB  CG   sing N N 216 
LYS CB  HB2  sing N N 217 
LYS CB  HB3  sing N N 218 
LYS CG  CD   sing N N 219 
LYS CG  HG2  sing N N 220 
LYS CG  HG3  sing N N 221 
LYS CD  CE   sing N N 222 
LYS CD  HD2  sing N N 223 
LYS CD  HD3  sing N N 224 
LYS CE  NZ   sing N N 225 
LYS CE  HE2  sing N N 226 
LYS CE  HE3  sing N N 227 
LYS NZ  HZ1  sing N N 228 
LYS NZ  HZ2  sing N N 229 
LYS NZ  HZ3  sing N N 230 
LYS OXT HXT  sing N N 231 
MET N   CA   sing N N 232 
MET N   H    sing N N 233 
MET N   H2   sing N N 234 
MET CA  C    sing N N 235 
MET CA  CB   sing N N 236 
MET CA  HA   sing N N 237 
MET C   O    doub N N 238 
MET C   OXT  sing N N 239 
MET CB  CG   sing N N 240 
MET CB  HB2  sing N N 241 
MET CB  HB3  sing N N 242 
MET CG  SD   sing N N 243 
MET CG  HG2  sing N N 244 
MET CG  HG3  sing N N 245 
MET SD  CE   sing N N 246 
MET CE  HE1  sing N N 247 
MET CE  HE2  sing N N 248 
MET CE  HE3  sing N N 249 
MET OXT HXT  sing N N 250 
MSE N   CA   sing N N 251 
MSE N   H    sing N N 252 
MSE N   H2   sing N N 253 
MSE CA  C    sing N N 254 
MSE CA  CB   sing N N 255 
MSE CA  HA   sing N N 256 
MSE C   O    doub N N 257 
MSE C   OXT  sing N N 258 
MSE OXT HXT  sing N N 259 
MSE CB  CG   sing N N 260 
MSE CB  HB2  sing N N 261 
MSE CB  HB3  sing N N 262 
MSE CG  SE   sing N N 263 
MSE CG  HG2  sing N N 264 
MSE CG  HG3  sing N N 265 
MSE SE  CE   sing N N 266 
MSE CE  HE1  sing N N 267 
MSE CE  HE2  sing N N 268 
MSE CE  HE3  sing N N 269 
PHE N   CA   sing N N 270 
PHE N   H    sing N N 271 
PHE N   H2   sing N N 272 
PHE CA  C    sing N N 273 
PHE CA  CB   sing N N 274 
PHE CA  HA   sing N N 275 
PHE C   O    doub N N 276 
PHE C   OXT  sing N N 277 
PHE CB  CG   sing N N 278 
PHE CB  HB2  sing N N 279 
PHE CB  HB3  sing N N 280 
PHE CG  CD1  doub Y N 281 
PHE CG  CD2  sing Y N 282 
PHE CD1 CE1  sing Y N 283 
PHE CD1 HD1  sing N N 284 
PHE CD2 CE2  doub Y N 285 
PHE CD2 HD2  sing N N 286 
PHE CE1 CZ   doub Y N 287 
PHE CE1 HE1  sing N N 288 
PHE CE2 CZ   sing Y N 289 
PHE CE2 HE2  sing N N 290 
PHE CZ  HZ   sing N N 291 
PHE OXT HXT  sing N N 292 
PRO N   CA   sing N N 293 
PRO N   CD   sing N N 294 
PRO N   H    sing N N 295 
PRO CA  C    sing N N 296 
PRO CA  CB   sing N N 297 
PRO CA  HA   sing N N 298 
PRO C   O    doub N N 299 
PRO C   OXT  sing N N 300 
PRO CB  CG   sing N N 301 
PRO CB  HB2  sing N N 302 
PRO CB  HB3  sing N N 303 
PRO CG  CD   sing N N 304 
PRO CG  HG2  sing N N 305 
PRO CG  HG3  sing N N 306 
PRO CD  HD2  sing N N 307 
PRO CD  HD3  sing N N 308 
PRO OXT HXT  sing N N 309 
SER N   CA   sing N N 310 
SER N   H    sing N N 311 
SER N   H2   sing N N 312 
SER CA  C    sing N N 313 
SER CA  CB   sing N N 314 
SER CA  HA   sing N N 315 
SER C   O    doub N N 316 
SER C   OXT  sing N N 317 
SER CB  OG   sing N N 318 
SER CB  HB2  sing N N 319 
SER CB  HB3  sing N N 320 
SER OG  HG   sing N N 321 
SER OXT HXT  sing N N 322 
THR N   CA   sing N N 323 
THR N   H    sing N N 324 
THR N   H2   sing N N 325 
THR CA  C    sing N N 326 
THR CA  CB   sing N N 327 
THR CA  HA   sing N N 328 
THR C   O    doub N N 329 
THR C   OXT  sing N N 330 
THR CB  OG1  sing N N 331 
THR CB  CG2  sing N N 332 
THR CB  HB   sing N N 333 
THR OG1 HG1  sing N N 334 
THR CG2 HG21 sing N N 335 
THR CG2 HG22 sing N N 336 
THR CG2 HG23 sing N N 337 
THR OXT HXT  sing N N 338 
TRP N   CA   sing N N 339 
TRP N   H    sing N N 340 
TRP N   H2   sing N N 341 
TRP CA  C    sing N N 342 
TRP CA  CB   sing N N 343 
TRP CA  HA   sing N N 344 
TRP C   O    doub N N 345 
TRP C   OXT  sing N N 346 
TRP CB  CG   sing N N 347 
TRP CB  HB2  sing N N 348 
TRP CB  HB3  sing N N 349 
TRP CG  CD1  doub Y N 350 
TRP CG  CD2  sing Y N 351 
TRP CD1 NE1  sing Y N 352 
TRP CD1 HD1  sing N N 353 
TRP CD2 CE2  doub Y N 354 
TRP CD2 CE3  sing Y N 355 
TRP NE1 CE2  sing Y N 356 
TRP NE1 HE1  sing N N 357 
TRP CE2 CZ2  sing Y N 358 
TRP CE3 CZ3  doub Y N 359 
TRP CE3 HE3  sing N N 360 
TRP CZ2 CH2  doub Y N 361 
TRP CZ2 HZ2  sing N N 362 
TRP CZ3 CH2  sing Y N 363 
TRP CZ3 HZ3  sing N N 364 
TRP CH2 HH2  sing N N 365 
TRP OXT HXT  sing N N 366 
TYR N   CA   sing N N 367 
TYR N   H    sing N N 368 
TYR N   H2   sing N N 369 
TYR CA  C    sing N N 370 
TYR CA  CB   sing N N 371 
TYR CA  HA   sing N N 372 
TYR C   O    doub N N 373 
TYR C   OXT  sing N N 374 
TYR CB  CG   sing N N 375 
TYR CB  HB2  sing N N 376 
TYR CB  HB3  sing N N 377 
TYR CG  CD1  doub Y N 378 
TYR CG  CD2  sing Y N 379 
TYR CD1 CE1  sing Y N 380 
TYR CD1 HD1  sing N N 381 
TYR CD2 CE2  doub Y N 382 
TYR CD2 HD2  sing N N 383 
TYR CE1 CZ   doub Y N 384 
TYR CE1 HE1  sing N N 385 
TYR CE2 CZ   sing Y N 386 
TYR CE2 HE2  sing N N 387 
TYR CZ  OH   sing N N 388 
TYR OH  HH   sing N N 389 
TYR OXT HXT  sing N N 390 
VAL N   CA   sing N N 391 
VAL N   H    sing N N 392 
VAL N   H2   sing N N 393 
VAL CA  C    sing N N 394 
VAL CA  CB   sing N N 395 
VAL CA  HA   sing N N 396 
VAL C   O    doub N N 397 
VAL C   OXT  sing N N 398 
VAL CB  CG1  sing N N 399 
VAL CB  CG2  sing N N 400 
VAL CB  HB   sing N N 401 
VAL CG1 HG11 sing N N 402 
VAL CG1 HG12 sing N N 403 
VAL CG1 HG13 sing N N 404 
VAL CG2 HG21 sing N N 405 
VAL CG2 HG22 sing N N 406 
VAL CG2 HG23 sing N N 407 
VAL OXT HXT  sing N N 408 
# 
_atom_sites.entry_id                    1RFE 
_atom_sites.fract_transf_matrix[1][1]   -0.01020410 
_atom_sites.fract_transf_matrix[1][2]   -0.00760705 
_atom_sites.fract_transf_matrix[1][3]   0.01578884 
_atom_sites.fract_transf_matrix[2][1]   -0.01712627 
_atom_sites.fract_transf_matrix[2][2]   0.00044910 
_atom_sites.fract_transf_matrix[2][3]   -0.01085208 
_atom_sites.fract_transf_matrix[3][1]   0.00138381 
_atom_sites.fract_transf_matrix[3][2]   -0.00698932 
_atom_sites.fract_transf_matrix[3][3]   -0.00247311 
_atom_sites.fract_transf_vector[1]      0.398590 
_atom_sites.fract_transf_vector[2]      0.005834 
_atom_sites.fract_transf_vector[3]      0.064173 
# 
loop_
_atom_type.symbol 
C  
N  
O  
S  
SE 
# 
loop_
_atom_site.group_PDB 
_atom_site.id 
_atom_site.type_symbol 
_atom_site.label_atom_id 
_atom_site.label_alt_id 
_atom_site.label_comp_id 
_atom_site.label_asym_id 
_atom_site.label_entity_id 
_atom_site.label_seq_id 
_atom_site.pdbx_PDB_ins_code 
_atom_site.Cartn_x 
_atom_site.Cartn_y 
_atom_site.Cartn_z 
_atom_site.occupancy 
_atom_site.B_iso_or_equiv 
_atom_site.pdbx_formal_charge 
_atom_site.auth_seq_id 
_atom_site.auth_comp_id 
_atom_site.auth_asym_id 
_atom_site.auth_atom_id 
_atom_site.pdbx_PDB_model_num 
ATOM   1    N  N   . THR A 1 2   ? -6.782  16.980  -9.789  1.00 59.29 ? 3   THR A N   1 
ATOM   2    C  CA  . THR A 1 2   ? -6.835  18.431  -9.430  1.00 58.88 ? 3   THR A CA  1 
ATOM   3    C  C   . THR A 1 2   ? -5.543  18.960  -8.759  1.00 58.85 ? 3   THR A C   1 
ATOM   4    O  O   . THR A 1 2   ? -5.591  19.453  -7.619  1.00 58.86 ? 3   THR A O   1 
ATOM   5    N  N   . LYS A 1 3   ? -4.407  18.861  -9.469  1.00 58.00 ? 4   LYS A N   1 
ATOM   6    C  CA  . LYS A 1 3   ? -3.162  19.554  -9.091  1.00 56.87 ? 4   LYS A CA  1 
ATOM   7    C  C   . LYS A 1 3   ? -1.815  18.800  -9.270  1.00 55.65 ? 4   LYS A C   1 
ATOM   8    O  O   . LYS A 1 3   ? -1.548  18.163  -10.294 1.00 56.21 ? 4   LYS A O   1 
ATOM   9    N  N   . GLN A 1 4   ? -0.991  18.902  -8.230  1.00 53.91 ? 5   GLN A N   1 
ATOM   10   C  CA  . GLN A 1 4   ? 0.357   18.292  -8.089  1.00 52.37 ? 5   GLN A CA  1 
ATOM   11   C  C   . GLN A 1 4   ? 1.341   19.436  -8.127  1.00 51.18 ? 5   GLN A C   1 
ATOM   12   O  O   . GLN A 1 4   ? 1.673   19.944  -9.199  1.00 50.72 ? 5   GLN A O   1 
ATOM   13   C  CB  . GLN A 1 4   ? 0.759   17.208  -9.128  1.00 52.40 ? 5   GLN A CB  1 
ATOM   14   C  CG  . GLN A 1 4   ? 2.205   16.621  -8.929  1.00 50.47 ? 5   GLN A CG  1 
ATOM   15   C  CD  . GLN A 1 4   ? 2.434   15.889  -7.552  1.00 49.94 ? 5   GLN A CD  1 
ATOM   16   O  OE1 . GLN A 1 4   ? 1.995   14.752  -7.386  1.00 46.49 ? 5   GLN A OE1 1 
ATOM   17   N  NE2 . GLN A 1 4   ? 3.148   16.544  -6.603  1.00 45.23 ? 5   GLN A NE2 1 
ATOM   18   N  N   . ARG A 1 5   ? 1.779   19.843  -6.944  1.00 49.70 ? 6   ARG A N   1 
ATOM   19   C  CA  . ARG A 1 5   ? 2.792   20.869  -6.807  1.00 49.28 ? 6   ARG A CA  1 
ATOM   20   C  C   . ARG A 1 5   ? 4.100   20.358  -7.414  1.00 47.55 ? 6   ARG A C   1 
ATOM   21   O  O   . ARG A 1 5   ? 4.494   19.204  -7.226  1.00 47.55 ? 6   ARG A O   1 
ATOM   22   C  CB  . ARG A 1 5   ? 2.979   21.258  -5.335  1.00 49.49 ? 6   ARG A CB  1 
ATOM   23   C  CG  . ARG A 1 5   ? 1.898   22.213  -4.794  1.00 51.94 ? 6   ARG A CG  1 
ATOM   24   C  CD  . ARG A 1 5   ? 1.920   22.407  -3.271  1.00 55.41 ? 6   ARG A CD  1 
ATOM   25   N  NE  . ARG A 1 5   ? 3.078   23.192  -2.807  1.00 58.80 ? 6   ARG A NE  1 
ATOM   26   C  CZ  . ARG A 1 5   ? 3.450   23.351  -1.517  1.00 60.20 ? 6   ARG A CZ  1 
ATOM   27   N  NH1 . ARG A 1 5   ? 2.775   22.775  -0.518  1.00 59.81 ? 6   ARG A NH1 1 
ATOM   28   N  NH2 . ARG A 1 5   ? 4.516   24.105  -1.228  1.00 59.88 ? 6   ARG A NH2 1 
ATOM   29   N  N   . ALA A 1 6   ? 4.748   21.208  -8.186  1.00 45.92 ? 7   ALA A N   1 
ATOM   30   C  CA  . ALA A 1 6   ? 5.996   20.828  -8.844  1.00 44.90 ? 7   ALA A CA  1 
ATOM   31   C  C   . ALA A 1 6   ? 7.165   20.856  -7.840  1.00 43.35 ? 7   ALA A C   1 
ATOM   32   O  O   . ALA A 1 6   ? 8.155   20.146  -8.027  1.00 43.85 ? 7   ALA A O   1 
ATOM   33   C  CB  . ALA A 1 6   ? 6.274   21.737  -10.049 1.00 45.51 ? 7   ALA A CB  1 
ATOM   34   N  N   . ASP A 1 7   ? 7.036   21.647  -6.773  1.00 41.21 ? 8   ASP A N   1 
ATOM   35   C  CA  . ASP A 1 7   ? 8.149   21.827  -5.851  1.00 40.59 ? 8   ASP A CA  1 
ATOM   36   C  C   . ASP A 1 7   ? 8.383   20.631  -4.942  1.00 38.71 ? 8   ASP A C   1 
ATOM   37   O  O   . ASP A 1 7   ? 9.547   20.377  -4.603  1.00 38.42 ? 8   ASP A O   1 
ATOM   38   C  CB  . ASP A 1 7   ? 8.067   23.126  -5.023  1.00 41.08 ? 8   ASP A CB  1 
ATOM   39   C  CG  . ASP A 1 7   ? 6.715   23.345  -4.362  1.00 43.13 ? 8   ASP A CG  1 
ATOM   40   O  OD1 . ASP A 1 7   ? 5.892   22.402  -4.263  1.00 45.85 ? 8   ASP A OD1 1 
ATOM   41   O  OD2 . ASP A 1 7   ? 6.390   24.464  -3.917  1.00 46.83 ? 8   ASP A OD2 1 
ATOM   42   N  N   . ILE A 1 8   ? 7.307   19.905  -4.575  1.00 35.06 ? 9   ILE A N   1 
ATOM   43   C  CA  . ILE A 1 8   ? 7.401   18.844  -3.570  1.00 33.20 ? 9   ILE A CA  1 
ATOM   44   C  C   . ILE A 1 8   ? 7.088   17.441  -4.122  1.00 30.97 ? 9   ILE A C   1 
ATOM   45   O  O   . ILE A 1 8   ? 7.180   16.473  -3.383  1.00 28.96 ? 9   ILE A O   1 
ATOM   46   C  CB  . ILE A 1 8   ? 6.487   19.140  -2.356  1.00 33.38 ? 9   ILE A CB  1 
ATOM   47   C  CG1 . ILE A 1 8   ? 5.023   19.258  -2.815  1.00 34.72 ? 9   ILE A CG1 1 
ATOM   48   C  CG2 . ILE A 1 8   ? 6.965   20.394  -1.639  1.00 33.55 ? 9   ILE A CG2 1 
ATOM   49   C  CD1 . ILE A 1 8   ? 4.025   19.348  -1.694  1.00 36.50 ? 9   ILE A CD1 1 
ATOM   50   N  N   . VAL A 1 9   ? 6.719   17.352  -5.396  1.00 29.44 ? 10  VAL A N   1 
ATOM   51   C  CA  . VAL A 1 9   ? 6.554   16.083  -6.096  1.00 29.59 ? 10  VAL A CA  1 
ATOM   52   C  C   . VAL A 1 9   ? 7.784   15.189  -5.996  1.00 29.61 ? 10  VAL A C   1 
ATOM   53   O  O   . VAL A 1 9   ? 8.929   15.648  -6.001  1.00 28.79 ? 10  VAL A O   1 
ATOM   54   C  CB  . VAL A 1 9   ? 6.182   16.294  -7.609  1.00 30.32 ? 10  VAL A CB  1 
ATOM   55   C  CG1 . VAL A 1 9   ? 7.382   16.832  -8.416  1.00 30.72 ? 10  VAL A CG1 1 
ATOM   56   C  CG2 . VAL A 1 9   ? 5.632   15.014  -8.239  1.00 31.35 ? 10  VAL A CG2 1 
HETATM 57   N  N   . MSE A 1 10  ? 7.539   13.902  -5.800  1.00 29.55 ? 11  MSE A N   1 
HETATM 58   C  CA  . MSE A 1 10  ? 8.604   12.911  -5.875  1.00 29.09 ? 11  MSE A CA  1 
HETATM 59   C  C   . MSE A 1 10  ? 8.715   12.354  -7.279  1.00 28.70 ? 11  MSE A C   1 
HETATM 60   O  O   . MSE A 1 10  ? 7.726   12.233  -7.973  1.00 28.22 ? 11  MSE A O   1 
HETATM 61   C  CB  . MSE A 1 10  ? 8.329   11.776  -4.888  1.00 29.00 ? 11  MSE A CB  1 
HETATM 62   C  CG  . MSE A 1 10  ? 8.548   12.176  -3.447  1.00 30.98 ? 11  MSE A CG  1 
HETATM 63   SE SE  . MSE A 1 10  ? 8.886   10.630  -2.312  0.50 37.44 ? 11  MSE A SE  1 
HETATM 64   C  CE  . MSE A 1 10  ? 7.217   10.064  -2.326  1.00 29.89 ? 11  MSE A CE  1 
ATOM   65   N  N   . SER A 1 11  ? 9.936   12.046  -7.697  1.00 28.67 ? 12  SER A N   1 
ATOM   66   C  CA  . SER A 1 11  ? 10.194  11.323  -8.954  1.00 29.38 ? 12  SER A CA  1 
ATOM   67   C  C   . SER A 1 11  ? 9.658   9.894   -8.938  1.00 29.44 ? 12  SER A C   1 
ATOM   68   O  O   . SER A 1 11  ? 9.444   9.269   -7.885  1.00 28.39 ? 12  SER A O   1 
ATOM   69   C  CB  . SER A 1 11  ? 11.700  11.243  -9.231  1.00 29.47 ? 12  SER A CB  1 
ATOM   70   O  OG  . SER A 1 11  ? 12.349  10.389  -8.276  1.00 29.84 ? 12  SER A OG  1 
ATOM   71   N  N   . GLU A 1 12  ? 9.454   9.371   -10.126 1.00 30.69 ? 13  GLU A N   1 
ATOM   72   C  CA  . GLU A 1 12  ? 9.067   7.980   -10.283 1.00 32.22 ? 13  GLU A CA  1 
ATOM   73   C  C   . GLU A 1 12  ? 9.946   7.078   -9.430  1.00 31.53 ? 13  GLU A C   1 
ATOM   74   O  O   . GLU A 1 12  ? 9.451   6.176   -8.750  1.00 31.86 ? 13  GLU A O   1 
ATOM   75   C  CB  . GLU A 1 12  ? 9.159   7.590   -11.742 1.00 32.86 ? 13  GLU A CB  1 
ATOM   76   C  CG  . GLU A 1 12  ? 8.500   6.272   -12.073 1.00 38.42 ? 13  GLU A CG  1 
ATOM   77   C  CD  . GLU A 1 12  ? 8.407   6.046   -13.563 1.00 45.45 ? 13  GLU A CD  1 
ATOM   78   O  OE1 . GLU A 1 12  ? 9.440   5.614   -14.143 1.00 49.30 ? 13  GLU A OE1 1 
ATOM   79   O  OE2 . GLU A 1 12  ? 7.308   6.338   -14.142 1.00 51.66 ? 13  GLU A OE2 1 
ATOM   80   N  N   . ALA A 1 13  ? 11.246  7.334   -9.442  1.00 30.85 ? 14  ALA A N   1 
ATOM   81   C  CA  . ALA A 1 13  ? 12.167  6.470   -8.750  1.00 31.31 ? 14  ALA A CA  1 
ATOM   82   C  C   . ALA A 1 13  ? 12.084  6.655   -7.245  1.00 29.27 ? 14  ALA A C   1 
ATOM   83   O  O   . ALA A 1 13  ? 12.240  5.724   -6.517  1.00 29.98 ? 14  ALA A O   1 
ATOM   84   C  CB  . ALA A 1 13  ? 13.622  6.688   -9.239  1.00 32.20 ? 14  ALA A CB  1 
ATOM   85   N  N   . GLU A 1 14  ? 11.870  7.871   -6.781  1.00 28.74 ? 15  GLU A N   1 
ATOM   86   C  CA  . GLU A 1 14  ? 11.703  8.136   -5.333  1.00 27.18 ? 15  GLU A CA  1 
ATOM   87   C  C   . GLU A 1 14  ? 10.435  7.475   -4.766  1.00 26.04 ? 15  GLU A C   1 
ATOM   88   O  O   . GLU A 1 14  ? 10.449  6.935   -3.683  1.00 25.96 ? 15  GLU A O   1 
ATOM   89   C  CB  . GLU A 1 14  ? 11.661  9.648   -5.090  1.00 27.37 ? 15  GLU A CB  1 
ATOM   90   C  CG  . GLU A 1 14  ? 13.029  10.342  -5.228  1.00 29.37 ? 15  GLU A CG  1 
ATOM   91   C  CD  . GLU A 1 14  ? 12.933  11.871  -5.242  1.00 30.89 ? 15  GLU A CD  1 
ATOM   92   O  OE1 . GLU A 1 14  ? 11.842  12.464  -5.440  1.00 34.15 ? 15  GLU A OE1 1 
ATOM   93   O  OE2 . GLU A 1 14  ? 13.963  12.502  -5.035  1.00 36.91 ? 15  GLU A OE2 1 
ATOM   94   N  N   . ILE A 1 15  ? 9.368   7.475   -5.545  1.00 25.15 ? 16  ILE A N   1 
ATOM   95   C  CA  . ILE A 1 15  ? 8.098   6.840   -5.166  1.00 24.88 ? 16  ILE A CA  1 
ATOM   96   C  C   . ILE A 1 15  ? 8.318   5.339   -5.056  1.00 24.59 ? 16  ILE A C   1 
ATOM   97   O  O   . ILE A 1 15  ? 7.969   4.722   -4.053  1.00 23.49 ? 16  ILE A O   1 
ATOM   98   C  CB  . ILE A 1 15  ? 7.013   7.145   -6.221  1.00 24.33 ? 16  ILE A CB  1 
ATOM   99   C  CG1 . ILE A 1 15  ? 6.611   8.610   -6.167  1.00 25.76 ? 16  ILE A CG1 1 
ATOM   100  C  CG2 . ILE A 1 15  ? 5.738   6.255   -6.061  1.00 24.59 ? 16  ILE A CG2 1 
ATOM   101  C  CD1 . ILE A 1 15  ? 5.803   9.056   -7.398  1.00 27.43 ? 16  ILE A CD1 1 
ATOM   102  N  N   . ALA A 1 16  ? 8.943   4.767   -6.068  1.00 25.11 ? 17  ALA A N   1 
ATOM   103  C  CA  . ALA A 1 16  ? 9.341   3.351   -6.016  1.00 26.10 ? 17  ALA A CA  1 
ATOM   104  C  C   . ALA A 1 16  ? 10.084  2.979   -4.726  1.00 26.71 ? 17  ALA A C   1 
ATOM   105  O  O   . ALA A 1 16  ? 9.665   2.070   -4.048  1.00 26.90 ? 17  ALA A O   1 
ATOM   106  C  CB  . ALA A 1 16  ? 10.112  2.953   -7.265  1.00 25.59 ? 17  ALA A CB  1 
ATOM   107  N  N   . ASP A 1 17  ? 11.135  3.724   -4.374  1.00 27.64 ? 18  ASP A N   1 
ATOM   108  C  CA  . ASP A 1 17  ? 11.879  3.528   -3.132  1.00 28.10 ? 18  ASP A CA  1 
ATOM   109  C  C   . ASP A 1 17  ? 11.005  3.650   -1.915  1.00 26.49 ? 18  ASP A C   1 
ATOM   110  O  O   . ASP A 1 17  ? 11.131  2.865   -0.995  1.00 25.29 ? 18  ASP A O   1 
ATOM   111  C  CB  . ASP A 1 17  ? 13.080  4.522   -3.000  1.00 28.58 ? 18  ASP A CB  1 
ATOM   112  C  CG  . ASP A 1 17  ? 14.190  4.259   -4.027  1.00 34.72 ? 18  ASP A CG  1 
ATOM   113  O  OD1 . ASP A 1 17  ? 14.043  3.309   -4.858  1.00 40.32 ? 18  ASP A OD1 1 
ATOM   114  O  OD2 . ASP A 1 17  ? 15.267  4.947   -4.094  1.00 40.44 ? 18  ASP A OD2 1 
ATOM   115  N  N   . PHE A 1 18  ? 10.087  4.608   -1.930  1.00 26.12 ? 19  PHE A N   1 
ATOM   116  C  CA  . PHE A 1 18  ? 9.214   4.864   -0.791  1.00 24.67 ? 19  PHE A CA  1 
ATOM   117  C  C   . PHE A 1 18  ? 8.202   3.695   -0.603  1.00 23.60 ? 19  PHE A C   1 
ATOM   118  O  O   . PHE A 1 18  ? 7.965   3.249   0.510   1.00 22.87 ? 19  PHE A O   1 
ATOM   119  C  CB  . PHE A 1 18  ? 8.497   6.234   -0.942  1.00 24.36 ? 19  PHE A CB  1 
ATOM   120  C  CG  . PHE A 1 18  ? 7.680   6.630   0.244   1.00 21.79 ? 19  PHE A CG  1 
ATOM   121  C  CD1 . PHE A 1 18  ? 8.300   6.972   1.443   1.00 23.48 ? 19  PHE A CD1 1 
ATOM   122  C  CD2 . PHE A 1 18  ? 6.269   6.679   0.165   1.00 22.97 ? 19  PHE A CD2 1 
ATOM   123  C  CE1 . PHE A 1 18  ? 7.546   7.361   2.564   1.00 23.70 ? 19  PHE A CE1 1 
ATOM   124  C  CE2 . PHE A 1 18  ? 5.521   7.035   1.257   1.00 19.38 ? 19  PHE A CE2 1 
ATOM   125  C  CZ  . PHE A 1 18  ? 6.152   7.384   2.482   1.00 20.65 ? 19  PHE A CZ  1 
ATOM   126  N  N   . VAL A 1 19  ? 7.642   3.199   -1.693  1.00 22.80 ? 20  VAL A N   1 
ATOM   127  C  CA  . VAL A 1 19  ? 6.726   2.039   -1.650  1.00 23.40 ? 20  VAL A CA  1 
ATOM   128  C  C   . VAL A 1 19  ? 7.467   0.783   -1.125  1.00 23.10 ? 20  VAL A C   1 
ATOM   129  O  O   . VAL A 1 19  ? 6.913   0.030   -0.345  1.00 23.45 ? 20  VAL A O   1 
ATOM   130  C  CB  . VAL A 1 19  ? 6.115   1.759   -3.021  1.00 23.75 ? 20  VAL A CB  1 
ATOM   131  C  CG1 . VAL A 1 19  ? 5.525   0.362   -3.097  1.00 24.45 ? 20  VAL A CG1 1 
ATOM   132  C  CG2 . VAL A 1 19  ? 5.004   2.797   -3.395  1.00 25.07 ? 20  VAL A CG2 1 
ATOM   133  N  N   . ASN A 1 20  ? 8.708   0.554   -1.579  1.00 22.74 ? 21  ASN A N   1 
ATOM   134  C  CA  . ASN A 1 20  ? 9.524   -0.552  -1.086  1.00 22.61 ? 21  ASN A CA  1 
ATOM   135  C  C   . ASN A 1 20  ? 9.955   -0.388  0.347   1.00 22.49 ? 21  ASN A C   1 
ATOM   136  O  O   . ASN A 1 20  ? 10.016  -1.372  1.086   1.00 23.19 ? 21  ASN A O   1 
ATOM   137  C  CB  . ASN A 1 20  ? 10.762  -0.768  -1.979  1.00 23.12 ? 21  ASN A CB  1 
ATOM   138  C  CG  . ASN A 1 20  ? 10.432  -1.519  -3.237  1.00 25.62 ? 21  ASN A CG  1 
ATOM   139  O  OD1 . ASN A 1 20  ? 10.772  -1.088  -4.365  1.00 32.94 ? 21  ASN A OD1 1 
ATOM   140  N  ND2 . ASN A 1 20  ? 9.779   -2.653  -3.070  1.00 24.22 ? 21  ASN A ND2 1 
ATOM   141  N  N   . SER A 1 21  ? 10.212  0.847   0.767   1.00 21.90 ? 22  SER A N   1 
ATOM   142  C  CA  . SER A 1 21  ? 10.651  1.111   2.126   1.00 23.22 ? 22  SER A CA  1 
ATOM   143  C  C   . SER A 1 21  ? 9.581   1.150   3.196   1.00 22.91 ? 22  SER A C   1 
ATOM   144  O  O   . SER A 1 21  ? 9.847   0.751   4.326   1.00 24.43 ? 22  SER A O   1 
ATOM   145  C  CB  . SER A 1 21  ? 11.388  2.441   2.184   1.00 23.71 ? 22  SER A CB  1 
ATOM   146  O  OG  . SER A 1 21  ? 12.461  2.274   1.323   1.00 27.46 ? 22  SER A OG  1 
ATOM   147  N  N   . SER A 1 22  ? 8.390   1.609   2.852   1.00 22.27 ? 23  SER A N   1 
ATOM   148  C  CA  . SER A 1 22  ? 7.279   1.674   3.810   1.00 21.41 ? 23  SER A CA  1 
ATOM   149  C  C   . SER A 1 22  ? 6.750   0.291   4.190   1.00 21.65 ? 23  SER A C   1 
ATOM   150  O  O   . SER A 1 22  ? 6.983   -0.722  3.477   1.00 22.79 ? 23  SER A O   1 
ATOM   151  C  CB  . SER A 1 22  ? 6.173   2.559   3.241   1.00 20.53 ? 23  SER A CB  1 
ATOM   152  O  OG  . SER A 1 22  ? 6.675   3.851   2.902   1.00 18.29 ? 23  SER A OG  1 
ATOM   153  N  N   . ARG A 1 23  ? 6.055   0.246   5.325   1.00 20.67 ? 24  ARG A N   1 
ATOM   154  C  CA  . ARG A 1 23  ? 5.472   -0.971  5.880   1.00 21.06 ? 24  ARG A CA  1 
ATOM   155  C  C   . ARG A 1 23  ? 3.951   -1.042  5.849   1.00 22.39 ? 24  ARG A C   1 
ATOM   156  O  O   . ARG A 1 23  ? 3.333   -2.133  5.678   1.00 22.28 ? 24  ARG A O   1 
ATOM   157  C  CB  . ARG A 1 23  ? 5.918   -1.105  7.336   1.00 20.96 ? 24  ARG A CB  1 
ATOM   158  C  CG  . ARG A 1 23  ? 7.375   -1.544  7.400   1.00 18.78 ? 24  ARG A CG  1 
ATOM   159  C  CD  . ARG A 1 23  ? 7.988   -1.662  8.775   1.00 20.94 ? 24  ARG A CD  1 
ATOM   160  N  NE  . ARG A 1 23  ? 7.353   -2.686  9.597   1.00 16.94 ? 24  ARG A NE  1 
ATOM   161  C  CZ  . ARG A 1 23  ? 7.756   -3.937  9.702   1.00 21.34 ? 24  ARG A CZ  1 
ATOM   162  N  NH1 . ARG A 1 23  ? 8.848   -4.423  9.080   1.00 23.49 ? 24  ARG A NH1 1 
ATOM   163  N  NH2 . ARG A 1 23  ? 7.100   -4.714  10.524  1.00 24.21 ? 24  ARG A NH2 1 
ATOM   164  N  N   . THR A 1 24  ? 3.347   0.115   6.092   1.00 23.35 ? 25  THR A N   1 
ATOM   165  C  CA  . THR A 1 24  ? 1.896   0.237   6.256   1.00 23.66 ? 25  THR A CA  1 
ATOM   166  C  C   . THR A 1 24  ? 1.328   1.371   5.454   1.00 22.94 ? 25  THR A C   1 
ATOM   167  O  O   . THR A 1 24  ? 1.803   2.479   5.532   1.00 25.05 ? 25  THR A O   1 
ATOM   168  C  CB  . THR A 1 24  ? 1.515   0.504   7.734   1.00 24.44 ? 25  THR A CB  1 
ATOM   169  O  OG1 . THR A 1 24  ? 2.114   -0.481  8.566   1.00 26.95 ? 25  THR A OG1 1 
ATOM   170  C  CG2 . THR A 1 24  ? -0.026  0.289   7.965   1.00 25.11 ? 25  THR A CG2 1 
ATOM   171  N  N   . GLY A 1 25  ? 0.278   1.087   4.696   1.00 21.54 ? 26  GLY A N   1 
ATOM   172  C  CA  . GLY A 1 25  ? -0.555  2.113   4.132   1.00 21.58 ? 26  GLY A CA  1 
ATOM   173  C  C   . GLY A 1 25  ? -2.004  1.945   4.555   1.00 20.31 ? 26  GLY A C   1 
ATOM   174  O  O   . GLY A 1 25  ? -2.342  1.022   5.234   1.00 18.56 ? 26  GLY A O   1 
ATOM   175  N  N   . THR A 1 26  ? -2.825  2.893   4.131   1.00 20.29 ? 27  THR A N   1 
ATOM   176  C  CA  . THR A 1 26  ? -4.266  2.888   4.295   1.00 18.80 ? 27  THR A CA  1 
ATOM   177  C  C   . THR A 1 26  ? -4.979  2.650   2.974   1.00 19.95 ? 27  THR A C   1 
ATOM   178  O  O   . THR A 1 26  ? -4.820  3.405   2.029   1.00 16.10 ? 27  THR A O   1 
ATOM   179  C  CB  . THR A 1 26  ? -4.719  4.244   4.864   1.00 20.00 ? 27  THR A CB  1 
ATOM   180  O  OG1 . THR A 1 26  ? -4.079  4.478   6.137   1.00 21.07 ? 27  THR A OG1 1 
ATOM   181  C  CG2 . THR A 1 26  ? -6.212  4.233   5.197   1.00 18.06 ? 27  THR A CG2 1 
ATOM   182  N  N   . LEU A 1 27  ? -5.789  1.576   2.942   1.00 18.76 ? 28  LEU A N   1 
ATOM   183  C  CA  . LEU A 1 27  ? -6.590  1.243   1.811   1.00 17.74 ? 28  LEU A CA  1 
ATOM   184  C  C   . LEU A 1 27  ? -7.992  1.761   2.067   1.00 17.63 ? 28  LEU A C   1 
ATOM   185  O  O   . LEU A 1 27  ? -8.476  1.678   3.174   1.00 14.08 ? 28  LEU A O   1 
ATOM   186  C  CB  . LEU A 1 27  ? -6.632  -0.282  1.636   1.00 17.71 ? 28  LEU A CB  1 
ATOM   187  C  CG  . LEU A 1 27  ? -7.570  -0.835  0.551   1.00 16.99 ? 28  LEU A CG  1 
ATOM   188  C  CD1 . LEU A 1 27  ? -6.992  -0.599  -0.813  1.00 18.97 ? 28  LEU A CD1 1 
ATOM   189  C  CD2 . LEU A 1 27  ? -7.825  -2.272  0.808   1.00 17.81 ? 28  LEU A CD2 1 
ATOM   190  N  N   . ALA A 1 28  ? -8.601  2.360   1.047   1.00 17.43 ? 29  ALA A N   1 
ATOM   191  C  CA  . ALA A 1 28  ? -10.028 2.653   1.058   1.00 18.54 ? 29  ALA A CA  1 
ATOM   192  C  C   . ALA A 1 28  ? -10.700 1.866   -0.066  1.00 18.96 ? 29  ALA A C   1 
ATOM   193  O  O   . ALA A 1 28  ? -10.332 2.016   -1.216  1.00 19.78 ? 29  ALA A O   1 
ATOM   194  C  CB  . ALA A 1 28  ? -10.292 4.140   0.833   1.00 18.79 ? 29  ALA A CB  1 
ATOM   195  N  N   . THR A 1 29  ? -11.724 1.111   0.266   1.00 18.62 ? 30  THR A N   1 
ATOM   196  C  CA  . THR A 1 29  ? -12.670 0.586   -0.735  1.00 19.09 ? 30  THR A CA  1 
ATOM   197  C  C   . THR A 1 29  ? -14.039 1.238   -0.526  1.00 18.57 ? 30  THR A C   1 
ATOM   198  O  O   . THR A 1 29  ? -14.280 2.008   0.442   1.00 19.57 ? 30  THR A O   1 
ATOM   199  C  CB  . THR A 1 29  ? -12.813 -0.979  -0.617  1.00 18.74 ? 30  THR A CB  1 
ATOM   200  O  OG1 . THR A 1 29  ? -13.258 -1.341  0.706   1.00 21.20 ? 30  THR A OG1 1 
ATOM   201  C  CG2 . THR A 1 29  ? -11.502 -1.697  -0.716  1.00 20.05 ? 30  THR A CG2 1 
ATOM   202  N  N   . ILE A 1 30  ? -14.960 0.951   -1.416  1.00 18.17 ? 31  ILE A N   1 
ATOM   203  C  CA  . ILE A 1 30  ? -16.222 1.637   -1.393  1.00 18.42 ? 31  ILE A CA  1 
ATOM   204  C  C   . ILE A 1 30  ? -17.266 0.679   -0.824  1.00 19.14 ? 31  ILE A C   1 
ATOM   205  O  O   . ILE A 1 30  ? -17.475 -0.364  -1.370  1.00 15.22 ? 31  ILE A O   1 
ATOM   206  C  CB  . ILE A 1 30  ? -16.612 2.076   -2.803  1.00 19.22 ? 31  ILE A CB  1 
ATOM   207  C  CG1 . ILE A 1 30  ? -15.571 3.042   -3.302  1.00 18.18 ? 31  ILE A CG1 1 
ATOM   208  C  CG2 . ILE A 1 30  ? -18.050 2.740   -2.807  1.00 20.63 ? 31  ILE A CG2 1 
ATOM   209  C  CD1 . ILE A 1 30  ? -15.825 3.544   -4.679  1.00 16.81 ? 31  ILE A CD1 1 
ATOM   210  N  N   . GLY A 1 31  ? -17.864 1.034   0.310   1.00 20.39 ? 32  GLY A N   1 
ATOM   211  C  CA  . GLY A 1 31  ? -18.895 0.206   0.884   1.00 21.37 ? 32  GLY A CA  1 
ATOM   212  C  C   . GLY A 1 31  ? -20.122 0.153   0.011   1.00 21.16 ? 32  GLY A C   1 
ATOM   213  O  O   . GLY A 1 31  ? -20.274 0.960   -0.887  1.00 18.02 ? 32  GLY A O   1 
ATOM   214  N  N   . PRO A 1 32  ? -21.025 -0.777  0.305   1.00 23.94 ? 33  PRO A N   1 
ATOM   215  C  CA  . PRO A 1 32  ? -22.241 -0.938  -0.504  1.00 24.62 ? 33  PRO A CA  1 
ATOM   216  C  C   . PRO A 1 32  ? -23.176 0.271   -0.542  1.00 24.35 ? 33  PRO A C   1 
ATOM   217  O  O   . PRO A 1 32  ? -23.962 0.386   -1.489  1.00 24.31 ? 33  PRO A O   1 
ATOM   218  C  CB  . PRO A 1 32  ? -22.968 -2.156  0.135   1.00 24.31 ? 33  PRO A CB  1 
ATOM   219  C  CG  . PRO A 1 32  ? -22.353 -2.414  1.390   1.00 24.92 ? 33  PRO A CG  1 
ATOM   220  C  CD  . PRO A 1 32  ? -20.966 -1.757  1.398   1.00 23.93 ? 33  PRO A CD  1 
ATOM   221  N  N   . ASP A 1 33  ? -23.104 1.149   0.447   1.00 24.23 ? 34  ASP A N   1 
ATOM   222  C  CA  . ASP A 1 33  ? -23.894 2.421   0.425   1.00 23.94 ? 34  ASP A CA  1 
ATOM   223  C  C   . ASP A 1 33  ? -23.048 3.640   0.053   1.00 22.98 ? 34  ASP A C   1 
ATOM   224  O  O   . ASP A 1 33  ? -23.484 4.788   0.211   1.00 20.65 ? 34  ASP A O   1 
ATOM   225  C  CB  . ASP A 1 33  ? -24.586 2.660   1.790   1.00 24.86 ? 34  ASP A CB  1 
ATOM   226  C  CG  . ASP A 1 33  ? -23.601 2.779   2.935   1.00 29.41 ? 34  ASP A CG  1 
ATOM   227  O  OD1 . ASP A 1 33  ? -22.372 2.547   2.750   1.00 38.01 ? 34  ASP A OD1 1 
ATOM   228  O  OD2 . ASP A 1 33  ? -23.939 3.117   4.073   1.00 38.63 ? 34  ASP A OD2 1 
ATOM   229  N  N   . GLY A 1 34  ? -21.855 3.379   -0.494  1.00 20.92 ? 35  GLY A N   1 
ATOM   230  C  CA  . GLY A 1 34  ? -20.963 4.417   -0.896  1.00 21.22 ? 35  GLY A CA  1 
ATOM   231  C  C   . GLY A 1 34  ? -19.972 4.911   0.140   1.00 21.43 ? 35  GLY A C   1 
ATOM   232  O  O   . GLY A 1 34  ? -19.076 5.699   -0.198  1.00 22.94 ? 35  GLY A O   1 
ATOM   233  N  N   . GLN A 1 35  ? -20.140 4.494   1.388   1.00 20.70 ? 36  GLN A N   1 
ATOM   234  C  CA  . GLN A 1 35  ? -19.236 4.842   2.516   1.00 20.19 ? 36  GLN A CA  1 
ATOM   235  C  C   . GLN A 1 35  ? -17.828 4.347   2.331   1.00 20.15 ? 36  GLN A C   1 
ATOM   236  O  O   . GLN A 1 35  ? -17.651 3.180   2.089   1.00 21.32 ? 36  GLN A O   1 
ATOM   237  C  CB  . GLN A 1 35  ? -19.749 4.261   3.840   1.00 21.04 ? 36  GLN A CB  1 
ATOM   238  C  CG  . GLN A 1 35  ? -18.906 4.663   5.084   1.00 20.15 ? 36  GLN A CG  1 
ATOM   239  C  CD  . GLN A 1 35  ? -19.148 6.059   5.591   1.00 24.93 ? 36  GLN A CD  1 
ATOM   240  O  OE1 . GLN A 1 35  ? -20.270 6.524   5.589   1.00 29.53 ? 36  GLN A OE1 1 
ATOM   241  N  NE2 . GLN A 1 35  ? -18.101 6.698   6.131   1.00 30.02 ? 36  GLN A NE2 1 
ATOM   242  N  N   . PRO A 1 36  ? -16.814 5.206   2.461   1.00 19.49 ? 37  PRO A N   1 
ATOM   243  C  CA  . PRO A 1 36  ? -15.449 4.724   2.361   1.00 19.22 ? 37  PRO A CA  1 
ATOM   244  C  C   . PRO A 1 36  ? -15.101 3.792   3.537   1.00 19.01 ? 37  PRO A C   1 
ATOM   245  O  O   . PRO A 1 36  ? -15.381 4.112   4.678   1.00 18.87 ? 37  PRO A O   1 
ATOM   246  C  CB  . PRO A 1 36  ? -14.601 5.978   2.379   1.00 20.27 ? 37  PRO A CB  1 
ATOM   247  C  CG  . PRO A 1 36  ? -15.477 7.081   2.354   1.00 20.06 ? 37  PRO A CG  1 
ATOM   248  C  CD  . PRO A 1 36  ? -16.869 6.653   2.654   1.00 19.69 ? 37  PRO A CD  1 
ATOM   249  N  N   A HIS A 1 37  ? -14.566 2.626   3.212   0.65 18.56 ? 38  HIS A N   1 
ATOM   250  N  N   B HIS A 1 37  ? -14.548 2.630   3.210   0.35 18.71 ? 38  HIS A N   1 
ATOM   251  C  CA  A HIS A 1 37  ? -14.241 1.614   4.202   0.65 19.72 ? 38  HIS A CA  1 
ATOM   252  C  CA  B HIS A 1 37  ? -14.226 1.588   4.179   0.35 19.24 ? 38  HIS A CA  1 
ATOM   253  C  C   A HIS A 1 37  ? -12.731 1.609   4.293   0.65 19.59 ? 38  HIS A C   1 
ATOM   254  C  C   B HIS A 1 37  ? -12.714 1.580   4.301   0.35 19.35 ? 38  HIS A C   1 
ATOM   255  O  O   A HIS A 1 37  ? -12.066 1.301   3.306   0.65 19.12 ? 38  HIS A O   1 
ATOM   256  O  O   B HIS A 1 37  ? -12.023 1.240   3.340   0.35 19.23 ? 38  HIS A O   1 
ATOM   257  C  CB  A HIS A 1 37  ? -14.753 0.232   3.780   0.65 19.99 ? 38  HIS A CB  1 
ATOM   258  C  CB  B HIS A 1 37  ? -14.732 0.223   3.688   0.35 19.31 ? 38  HIS A CB  1 
ATOM   259  C  CG  A HIS A 1 37  ? -16.207 0.000   4.084   0.65 22.60 ? 38  HIS A CG  1 
ATOM   260  C  CG  B HIS A 1 37  ? -14.462 -0.914  4.632   0.35 19.72 ? 38  HIS A CG  1 
ATOM   261  N  ND1 A HIS A 1 37  ? -16.918 -1.063  3.548   0.65 24.10 ? 38  HIS A ND1 1 
ATOM   262  N  ND1 B HIS A 1 37  ? -13.243 -1.554  4.696   0.35 22.23 ? 38  HIS A ND1 1 
ATOM   263  C  CD2 A HIS A 1 37  ? -17.075 0.677   4.882   0.65 21.88 ? 38  HIS A CD2 1 
ATOM   264  C  CD2 B HIS A 1 37  ? -15.267 -1.558  5.507   0.35 19.77 ? 38  HIS A CD2 1 
ATOM   265  C  CE1 A HIS A 1 37  ? -18.157 -1.033  4.018   0.65 24.20 ? 38  HIS A CE1 1 
ATOM   266  C  CE1 B HIS A 1 37  ? -13.295 -2.516  5.596   0.35 19.25 ? 38  HIS A CE1 1 
ATOM   267  N  NE2 A HIS A 1 37  ? -18.285 0.029   4.803   0.65 23.69 ? 38  HIS A NE2 1 
ATOM   268  N  NE2 B HIS A 1 37  ? -14.514 -2.548  6.097   0.35 18.91 ? 38  HIS A NE2 1 
ATOM   269  N  N   . LEU A 1 38  ? -12.205 1.952   5.478   1.00 19.52 ? 39  LEU A N   1 
ATOM   270  C  CA  . LEU A 1 38  ? -10.767 2.101   5.671   1.00 18.94 ? 39  LEU A CA  1 
ATOM   271  C  C   . LEU A 1 38  ? -10.111 0.988   6.470   1.00 19.93 ? 39  LEU A C   1 
ATOM   272  O  O   . LEU A 1 38  ? -10.611 0.614   7.526   1.00 19.19 ? 39  LEU A O   1 
ATOM   273  C  CB  . LEU A 1 38  ? -10.486 3.406   6.372   1.00 18.64 ? 39  LEU A CB  1 
ATOM   274  C  CG  . LEU A 1 38  ? -10.976 4.706   5.735   1.00 20.68 ? 39  LEU A CG  1 
ATOM   275  C  CD1 . LEU A 1 38  ? -10.480 5.940   6.553   1.00 19.18 ? 39  LEU A CD1 1 
ATOM   276  C  CD2 . LEU A 1 38  ? -10.629 4.785   4.195   1.00 18.68 ? 39  LEU A CD2 1 
ATOM   277  N  N   . THR A 1 39  ? -8.953  0.497   6.000   1.00 19.69 ? 40  THR A N   1 
ATOM   278  C  CA  . THR A 1 39  ? -8.165  -0.495  6.757   1.00 19.25 ? 40  THR A CA  1 
ATOM   279  C  C   . THR A 1 39  ? -6.679  -0.160  6.628   1.00 20.37 ? 40  THR A C   1 
ATOM   280  O  O   . THR A 1 39  ? -6.253  0.381   5.620   1.00 19.13 ? 40  THR A O   1 
ATOM   281  C  CB  A THR A 1 39  ? -8.416  -1.934  6.249   0.65 20.72 ? 40  THR A CB  1 
ATOM   282  C  CB  B THR A 1 39  ? -8.583  -1.961  6.267   0.35 19.90 ? 40  THR A CB  1 
ATOM   283  O  OG1 A THR A 1 39  ? -7.875  -2.086  4.933   0.65 21.96 ? 40  THR A OG1 1 
ATOM   284  O  OG1 B THR A 1 39  ? -7.723  -3.006  6.769   0.35 15.86 ? 40  THR A OG1 1 
ATOM   285  C  CG2 A THR A 1 39  ? -9.916  -2.254  6.087   0.65 19.52 ? 40  THR A CG2 1 
ATOM   286  C  CG2 B THR A 1 39  ? -8.506  -2.100  4.754   0.35 19.71 ? 40  THR A CG2 1 
ATOM   287  N  N   . ALA A 1 40  ? -5.895  -0.402  7.687   1.00 21.02 ? 41  ALA A N   1 
ATOM   288  C  CA  . ALA A 1 40  ? -4.457  -0.242  7.643   1.00 21.91 ? 41  ALA A CA  1 
ATOM   289  C  C   . ALA A 1 40  ? -3.849  -1.607  7.237   1.00 22.04 ? 41  ALA A C   1 
ATOM   290  O  O   . ALA A 1 40  ? -4.102  -2.605  7.894   1.00 23.45 ? 41  ALA A O   1 
ATOM   291  C  CB  . ALA A 1 40  ? -3.963  0.138   8.964   1.00 22.77 ? 41  ALA A CB  1 
HETATM 292  N  N   . MSE A 1 41  ? -3.076  -1.631  6.154   1.00 21.42 ? 42  MSE A N   1 
HETATM 293  C  CA  . MSE A 1 41  ? -2.668  -2.861  5.481   1.00 20.97 ? 42  MSE A CA  1 
HETATM 294  C  C   . MSE A 1 41  ? -1.114  -2.921  5.394   1.00 20.28 ? 42  MSE A C   1 
HETATM 295  O  O   . MSE A 1 41  ? -0.499  -1.961  5.006   1.00 18.39 ? 42  MSE A O   1 
HETATM 296  C  CB  . MSE A 1 41  ? -3.225  -2.886  4.024   1.00 21.11 ? 42  MSE A CB  1 
HETATM 297  C  CG  . MSE A 1 41  ? -4.784  -3.027  3.874   1.00 23.14 ? 42  MSE A CG  1 
HETATM 298  SE SE  . MSE A 1 41  ? -5.355  -4.628  4.733   0.50 30.41 ? 42  MSE A SE  1 
HETATM 299  C  CE  . MSE A 1 41  ? -4.900  -5.838  3.338   1.00 29.58 ? 42  MSE A CE  1 
ATOM   300  N  N   . TRP A 1 42  ? -0.531  -4.074  5.724   1.00 20.00 ? 43  TRP A N   1 
ATOM   301  C  CA  . TRP A 1 42  ? 0.762   -4.473  5.183   1.00 20.15 ? 43  TRP A CA  1 
ATOM   302  C  C   . TRP A 1 42  ? 0.572   -4.928  3.761   1.00 20.03 ? 43  TRP A C   1 
ATOM   303  O  O   . TRP A 1 42  ? -0.539  -5.206  3.333   1.00 20.87 ? 43  TRP A O   1 
ATOM   304  C  CB  . TRP A 1 42  ? 1.381   -5.598  5.959   1.00 20.46 ? 43  TRP A CB  1 
ATOM   305  C  CG  . TRP A 1 42  ? 1.881   -5.194  7.307   1.00 23.22 ? 43  TRP A CG  1 
ATOM   306  C  CD1 . TRP A 1 42  ? 1.913   -3.942  7.843   1.00 27.02 ? 43  TRP A CD1 1 
ATOM   307  C  CD2 . TRP A 1 42  ? 2.445   -6.059  8.284   1.00 26.45 ? 43  TRP A CD2 1 
ATOM   308  N  NE1 . TRP A 1 42  ? 2.458   -3.979  9.108   1.00 28.55 ? 43  TRP A NE1 1 
ATOM   309  C  CE2 . TRP A 1 42  ? 2.803   -5.270  9.396   1.00 29.57 ? 43  TRP A CE2 1 
ATOM   310  C  CE3 . TRP A 1 42  ? 2.715   -7.431  8.325   1.00 30.93 ? 43  TRP A CE3 1 
ATOM   311  C  CZ2 . TRP A 1 42  ? 3.391   -5.815  10.553  1.00 31.62 ? 43  TRP A CZ2 1 
ATOM   312  C  CZ3 . TRP A 1 42  ? 3.314   -7.982  9.488   1.00 30.60 ? 43  TRP A CZ3 1 
ATOM   313  C  CH2 . TRP A 1 42  ? 3.630   -7.176  10.570  1.00 33.24 ? 43  TRP A CH2 1 
ATOM   314  N  N   . TYR A 1 43  ? 1.656   -4.983  3.013   1.00 20.06 ? 44  TYR A N   1 
ATOM   315  C  CA  . TYR A 1 43  ? 1.517   -5.268  1.598   1.00 18.55 ? 44  TYR A CA  1 
ATOM   316  C  C   . TYR A 1 43  ? 2.696   -5.927  0.978   1.00 18.51 ? 44  TYR A C   1 
ATOM   317  O  O   . TYR A 1 43  ? 3.838   -5.944  1.542   1.00 19.55 ? 44  TYR A O   1 
ATOM   318  C  CB  . TYR A 1 43  ? 1.108   -3.997  0.827   1.00 18.70 ? 44  TYR A CB  1 
ATOM   319  C  CG  . TYR A 1 43  ? 2.072   -2.866  0.915   1.00 16.94 ? 44  TYR A CG  1 
ATOM   320  C  CD1 . TYR A 1 43  ? 3.071   -2.690  -0.054  1.00 15.78 ? 44  TYR A CD1 1 
ATOM   321  C  CD2 . TYR A 1 43  ? 1.998   -1.957  1.964   1.00 10.06 ? 44  TYR A CD2 1 
ATOM   322  C  CE1 . TYR A 1 43  ? 3.977   -1.603  0.040   1.00 18.33 ? 44  TYR A CE1 1 
ATOM   323  C  CE2 . TYR A 1 43  ? 2.900   -0.864  2.039   1.00 16.59 ? 44  TYR A CE2 1 
ATOM   324  C  CZ  . TYR A 1 43  ? 3.873   -0.700  1.083   1.00 15.69 ? 44  TYR A CZ  1 
ATOM   325  O  OH  . TYR A 1 43  ? 4.749   0.370   1.196   1.00 21.22 ? 44  TYR A OH  1 
ATOM   326  N  N   . ALA A 1 44  ? 2.408   -6.482  -0.194  1.00 17.72 ? 45  ALA A N   1 
ATOM   327  C  CA  . ALA A 1 44  ? 3.411   -6.997  -1.099  1.00 18.60 ? 45  ALA A CA  1 
ATOM   328  C  C   . ALA A 1 44  ? 3.731   -6.003  -2.198  1.00 19.61 ? 45  ALA A C   1 
ATOM   329  O  O   . ALA A 1 44  ? 2.915   -5.114  -2.523  1.00 21.10 ? 45  ALA A O   1 
ATOM   330  C  CB  . ALA A 1 44  ? 2.980   -8.340  -1.701  1.00 17.21 ? 45  ALA A CB  1 
ATOM   331  N  N   . VAL A 1 45  ? 4.933   -6.152  -2.757  1.00 20.93 ? 46  VAL A N   1 
ATOM   332  C  CA  . VAL A 1 45  ? 5.368   -5.387  -3.928  1.00 20.81 ? 46  VAL A CA  1 
ATOM   333  C  C   . VAL A 1 45  ? 5.901   -6.333  -4.999  1.00 22.65 ? 46  VAL A C   1 
ATOM   334  O  O   . VAL A 1 45  ? 6.882   -7.065  -4.767  1.00 23.45 ? 46  VAL A O   1 
ATOM   335  C  CB  . VAL A 1 45  ? 6.465   -4.325  -3.596  1.00 19.86 ? 46  VAL A CB  1 
ATOM   336  C  CG1 . VAL A 1 45  ? 6.691   -3.438  -4.780  1.00 18.06 ? 46  VAL A CG1 1 
ATOM   337  C  CG2 . VAL A 1 45  ? 6.071   -3.433  -2.357  1.00 19.83 ? 46  VAL A CG2 1 
ATOM   338  N  N   . ILE A 1 46  ? 5.278   -6.331  -6.163  1.00 23.70 ? 47  ILE A N   1 
ATOM   339  C  CA  . ILE A 1 46  ? 5.640   -7.250  -7.242  1.00 25.05 ? 47  ILE A CA  1 
ATOM   340  C  C   . ILE A 1 46  ? 5.686   -6.511  -8.589  1.00 26.54 ? 47  ILE A C   1 
ATOM   341  O  O   . ILE A 1 46  ? 4.696   -5.933  -9.004  1.00 24.79 ? 47  ILE A O   1 
ATOM   342  C  CB  . ILE A 1 46  ? 4.611   -8.360  -7.329  1.00 25.84 ? 47  ILE A CB  1 
ATOM   343  C  CG1 . ILE A 1 46  ? 4.535   -9.121  -5.995  1.00 27.70 ? 47  ILE A CG1 1 
ATOM   344  C  CG2 . ILE A 1 46  ? 4.927   -9.290  -8.520  1.00 24.20 ? 47  ILE A CG2 1 
ATOM   345  C  CD1 . ILE A 1 46  ? 3.328   -9.921  -5.864  1.00 29.44 ? 47  ILE A CD1 1 
ATOM   346  N  N   . ASP A 1 47  ? 6.860   -6.517  -9.238  1.00 28.00 ? 48  ASP A N   1 
ATOM   347  C  CA  . ASP A 1 47  ? 7.062   -5.829  -10.521 1.00 30.08 ? 48  ASP A CA  1 
ATOM   348  C  C   . ASP A 1 47  ? 6.595   -4.373  -10.476 1.00 29.60 ? 48  ASP A C   1 
ATOM   349  O  O   . ASP A 1 47  ? 5.911   -3.893  -11.395 1.00 30.85 ? 48  ASP A O   1 
ATOM   350  C  CB  . ASP A 1 47  ? 6.324   -6.564  -11.675 1.00 30.67 ? 48  ASP A CB  1 
ATOM   351  C  CG  . ASP A 1 47  ? 6.858   -7.967  -11.910 1.00 36.21 ? 48  ASP A CG  1 
ATOM   352  O  OD1 . ASP A 1 47  ? 8.106   -8.146  -11.787 1.00 40.73 ? 48  ASP A OD1 1 
ATOM   353  O  OD2 . ASP A 1 47  ? 6.103   -8.948  -12.203 1.00 42.37 ? 48  ASP A OD2 1 
ATOM   354  N  N   . GLY A 1 48  ? 6.942   -3.706  -9.387  1.00 27.92 ? 49  GLY A N   1 
ATOM   355  C  CA  . GLY A 1 48  ? 6.607   -2.318  -9.180  1.00 27.47 ? 49  GLY A CA  1 
ATOM   356  C  C   . GLY A 1 48  ? 5.243   -2.013  -8.584  1.00 26.13 ? 49  GLY A C   1 
ATOM   357  O  O   . GLY A 1 48  ? 4.941   -0.844  -8.325  1.00 27.14 ? 49  GLY A O   1 
ATOM   358  N  N   . GLU A 1 49  ? 4.398   -3.014  -8.398  1.00 24.57 ? 50  GLU A N   1 
ATOM   359  C  CA  . GLU A 1 49  ? 2.992   -2.760  -8.056  1.00 24.79 ? 50  GLU A CA  1 
ATOM   360  C  C   . GLU A 1 49  ? 2.670   -3.284  -6.679  1.00 23.30 ? 50  GLU A C   1 
ATOM   361  O  O   . GLU A 1 49  ? 3.184   -4.330  -6.290  1.00 20.69 ? 50  GLU A O   1 
ATOM   362  C  CB  . GLU A 1 49  ? 2.041   -3.465  -9.038  1.00 25.95 ? 50  GLU A CB  1 
ATOM   363  C  CG  . GLU A 1 49  ? 2.047   -2.924  -10.474 1.00 31.32 ? 50  GLU A CG  1 
ATOM   364  C  CD  . GLU A 1 49  ? 0.961   -3.595  -11.315 1.00 37.04 ? 50  GLU A CD  1 
ATOM   365  O  OE1 . GLU A 1 49  ? 0.990   -4.855  -11.427 1.00 36.38 ? 50  GLU A OE1 1 
ATOM   366  O  OE2 . GLU A 1 49  ? 0.092   -2.853  -11.840 1.00 39.59 ? 50  GLU A OE2 1 
ATOM   367  N  N   . ILE A 1 50  ? 1.807   -2.563  -5.973  1.00 22.30 ? 51  ILE A N   1 
ATOM   368  C  CA  . ILE A 1 50  ? 1.310   -2.953  -4.676  1.00 21.70 ? 51  ILE A CA  1 
ATOM   369  C  C   . ILE A 1 50  ? 0.215   -4.008  -4.830  1.00 21.74 ? 51  ILE A C   1 
ATOM   370  O  O   . ILE A 1 50  ? -0.692  -3.847  -5.651  1.00 20.12 ? 51  ILE A O   1 
ATOM   371  C  CB  . ILE A 1 50  ? 0.738   -1.710  -3.863  1.00 22.43 ? 51  ILE A CB  1 
ATOM   372  C  CG1 . ILE A 1 50  ? 1.882   -0.763  -3.516  1.00 24.75 ? 51  ILE A CG1 1 
ATOM   373  C  CG2 . ILE A 1 50  ? -0.025  -2.172  -2.576  1.00 20.15 ? 51  ILE A CG2 1 
ATOM   374  C  CD1 . ILE A 1 50  ? 1.479   0.622   -3.090  1.00 28.00 ? 51  ILE A CD1 1 
ATOM   375  N  N   . TRP A 1 51  ? 0.374   -5.083  -4.046  1.00 19.11 ? 52  TRP A N   1 
ATOM   376  C  CA  . TRP A 1 51  ? -0.605  -6.144  -3.888  1.00 18.94 ? 52  TRP A CA  1 
ATOM   377  C  C   . TRP A 1 51  ? -0.920  -6.361  -2.433  1.00 18.92 ? 52  TRP A C   1 
ATOM   378  O  O   . TRP A 1 51  ? -0.033  -6.292  -1.577  1.00 17.76 ? 52  TRP A O   1 
ATOM   379  C  CB  . TRP A 1 51  ? -0.079  -7.485  -4.396  1.00 18.12 ? 52  TRP A CB  1 
ATOM   380  C  CG  . TRP A 1 51  ? 0.120   -7.647  -5.883  1.00 20.29 ? 52  TRP A CG  1 
ATOM   381  C  CD1 . TRP A 1 51  ? 0.976   -6.974  -6.638  1.00 21.96 ? 52  TRP A CD1 1 
ATOM   382  C  CD2 . TRP A 1 51  ? -0.571  -8.551  -6.757  1.00 21.11 ? 52  TRP A CD2 1 
ATOM   383  N  NE1 . TRP A 1 51  ? 0.883   -7.368  -7.941  1.00 20.95 ? 52  TRP A NE1 1 
ATOM   384  C  CE2 . TRP A 1 51  ? -0.016  -8.389  -8.032  1.00 18.82 ? 52  TRP A CE2 1 
ATOM   385  C  CE3 . TRP A 1 51  ? -1.571  -9.524  -6.574  1.00 19.24 ? 52  TRP A CE3 1 
ATOM   386  C  CZ2 . TRP A 1 51  ? -0.432  -9.142  -9.145  1.00 23.04 ? 52  TRP A CZ2 1 
ATOM   387  C  CZ3 . TRP A 1 51  ? -1.974  -10.286 -7.667  1.00 20.38 ? 52  TRP A CZ3 1 
ATOM   388  C  CH2 . TRP A 1 51  ? -1.419  -10.085 -8.939  1.00 19.41 ? 52  TRP A CH2 1 
ATOM   389  N  N   . LEU A 1 52  ? -2.175  -6.730  -2.195  1.00 21.16 ? 53  LEU A N   1 
ATOM   390  C  CA  . LEU A 1 52  ? -2.674  -7.043  -0.901  1.00 23.01 ? 53  LEU A CA  1 
ATOM   391  C  C   . LEU A 1 52  ? -3.129  -8.487  -0.883  1.00 23.89 ? 53  LEU A C   1 
ATOM   392  O  O   . LEU A 1 52  ? -3.320  -9.102  -1.940  1.00 24.08 ? 53  LEU A O   1 
ATOM   393  C  CB  . LEU A 1 52  ? -3.827  -6.105  -0.508  1.00 22.21 ? 53  LEU A CB  1 
ATOM   394  C  CG  . LEU A 1 52  ? -3.531  -4.611  -0.713  1.00 25.28 ? 53  LEU A CG  1 
ATOM   395  C  CD1 . LEU A 1 52  ? -4.765  -3.788  -0.481  1.00 26.67 ? 53  LEU A CD1 1 
ATOM   396  C  CD2 . LEU A 1 52  ? -2.361  -4.056  0.132   1.00 24.30 ? 53  LEU A CD2 1 
ATOM   397  N  N   . GLU A 1 53  ? -3.231  -9.043  0.336   1.00 24.05 ? 54  GLU A N   1 
ATOM   398  C  CA  . GLU A 1 53  ? -3.843  -10.356 0.518   1.00 25.31 ? 54  GLU A CA  1 
ATOM   399  C  C   . GLU A 1 53  ? -4.997  -10.189 1.467   1.00 25.25 ? 54  GLU A C   1 
ATOM   400  O  O   . GLU A 1 53  ? -4.878  -9.436  2.425   1.00 26.00 ? 54  GLU A O   1 
ATOM   401  C  CB  . GLU A 1 53  ? -2.830  -11.419 0.994   1.00 26.03 ? 54  GLU A CB  1 
ATOM   402  C  CG  . GLU A 1 53  ? -2.067  -11.156 2.302   1.00 27.03 ? 54  GLU A CG  1 
ATOM   403  C  CD  . GLU A 1 53  ? -2.758  -11.699 3.551   1.00 32.65 ? 54  GLU A CD  1 
ATOM   404  O  OE1 . GLU A 1 53  ? -3.054  -10.889 4.466   1.00 36.96 ? 54  GLU A OE1 1 
ATOM   405  N  N   . THR A 1 54  ? -6.112  -10.839 1.187   1.00 23.97 ? 55  THR A N   1 
ATOM   406  C  CA  . THR A 1 54  ? -7.273  -10.748 2.046   1.00 24.90 ? 55  THR A CA  1 
ATOM   407  C  C   . THR A 1 54  ? -8.097  -12.054 1.951   1.00 25.35 ? 55  THR A C   1 
ATOM   408  O  O   . THR A 1 54  ? -7.991  -12.815 0.976   1.00 24.32 ? 55  THR A O   1 
ATOM   409  C  CB  . THR A 1 54  ? -8.134  -9.486  1.674   1.00 25.31 ? 55  THR A CB  1 
ATOM   410  O  OG1 . THR A 1 54  ? -9.243  -9.355  2.579   1.00 27.76 ? 55  THR A OG1 1 
ATOM   411  C  CG2 . THR A 1 54  ? -8.827  -9.658  0.309   1.00 26.11 ? 55  THR A CG2 1 
ATOM   412  N  N   . LYS A 1 55  ? -8.944  -12.334 2.932   1.00 26.12 ? 56  LYS A N   1 
ATOM   413  C  CA  . LYS A 1 55  ? -9.761  -13.540 2.807   1.00 27.31 ? 56  LYS A CA  1 
ATOM   414  C  C   . LYS A 1 55  ? -10.699 -13.361 1.602   1.00 27.73 ? 56  LYS A C   1 
ATOM   415  O  O   . LYS A 1 55  ? -11.148 -12.242 1.327   1.00 27.22 ? 56  LYS A O   1 
ATOM   416  C  CB  . LYS A 1 55  ? -10.528 -13.839 4.105   1.00 28.92 ? 56  LYS A CB  1 
ATOM   417  C  CG  . LYS A 1 55  ? -9.613  -14.335 5.290   1.00 29.90 ? 56  LYS A CG  1 
ATOM   418  C  CD  . LYS A 1 55  ? -10.443 -14.633 6.541   1.00 33.24 ? 56  LYS A CD  1 
ATOM   419  N  N   . ALA A 1 56  ? -10.942 -14.431 0.854   1.00 28.76 ? 57  ALA A N   1 
ATOM   420  C  CA  . ALA A 1 56  ? -11.887 -14.395 -0.272  1.00 29.95 ? 57  ALA A CA  1 
ATOM   421  C  C   . ALA A 1 56  ? -13.223 -13.737 0.096   1.00 30.55 ? 57  ALA A C   1 
ATOM   422  O  O   . ALA A 1 56  ? -13.802 -13.046 -0.726  1.00 29.78 ? 57  ALA A O   1 
ATOM   423  C  CB  . ALA A 1 56  ? -12.133 -15.848 -0.853  1.00 30.71 ? 57  ALA A CB  1 
ATOM   424  N  N   . LYS A 1 57  ? -13.695 -13.917 1.337   1.00 30.86 ? 58  LYS A N   1 
ATOM   425  C  CA  . LYS A 1 57  ? -15.007 -13.349 1.750   1.00 31.08 ? 58  LYS A CA  1 
ATOM   426  C  C   . LYS A 1 57  ? -14.913 -12.165 2.709   1.00 29.22 ? 58  LYS A C   1 
ATOM   427  O  O   . LYS A 1 57  ? -15.873 -11.816 3.350   1.00 28.38 ? 58  LYS A O   1 
ATOM   428  C  CB  . LYS A 1 57  ? -15.891 -14.444 2.353   1.00 31.94 ? 58  LYS A CB  1 
ATOM   429  C  CG  . LYS A 1 57  ? -16.825 -15.139 1.269   1.00 35.98 ? 58  LYS A CG  1 
ATOM   430  C  CD  . LYS A 1 57  ? -16.547 -16.655 1.154   1.00 40.34 ? 58  LYS A CD  1 
ATOM   431  C  CE  . LYS A 1 57  ? -17.807 -17.556 1.293   1.00 41.90 ? 58  LYS A CE  1 
ATOM   432  N  NZ  . LYS A 1 57  ? -17.361 -18.974 1.254   1.00 42.70 ? 58  LYS A NZ  1 
ATOM   433  N  N   . SER A 1 58  ? -13.760 -11.514 2.792   1.00 28.40 ? 59  SER A N   1 
ATOM   434  C  CA  . SER A 1 58  ? -13.621 -10.342 3.647   1.00 27.65 ? 59  SER A CA  1 
ATOM   435  C  C   . SER A 1 58  ? -14.411 -9.158  3.083   1.00 28.82 ? 59  SER A C   1 
ATOM   436  O  O   . SER A 1 58  ? -14.640 -9.064  1.859   1.00 28.89 ? 59  SER A O   1 
ATOM   437  C  CB  . SER A 1 58  ? -12.144 -9.908  3.715   1.00 28.02 ? 59  SER A CB  1 
ATOM   438  O  OG  . SER A 1 58  ? -11.691 -9.472  2.432   1.00 24.19 ? 59  SER A OG  1 
ATOM   439  N  N   . GLN A 1 59  ? -14.742 -8.200  3.944   1.00 28.53 ? 60  GLN A N   1 
ATOM   440  C  CA  . GLN A 1 59  ? -15.467 -7.037  3.471   1.00 29.97 ? 60  GLN A CA  1 
ATOM   441  C  C   . GLN A 1 59  ? -14.790 -6.359  2.265   1.00 29.14 ? 60  GLN A C   1 
ATOM   442  O  O   . GLN A 1 59  ? -15.485 -5.882  1.347   1.00 29.16 ? 60  GLN A O   1 
ATOM   443  C  CB  . GLN A 1 59  ? -15.690 -6.002  4.575   1.00 30.00 ? 60  GLN A CB  1 
ATOM   444  C  CG  . GLN A 1 59  ? -16.696 -4.917  4.198   1.00 33.82 ? 60  GLN A CG  1 
ATOM   445  C  CD  . GLN A 1 59  ? -18.085 -5.479  3.867   1.00 36.64 ? 60  GLN A CD  1 
ATOM   446  O  OE1 . GLN A 1 59  ? -18.633 -5.252  2.756   1.00 41.18 ? 60  GLN A OE1 1 
ATOM   447  N  NE2 . GLN A 1 59  ? -18.654 -6.216  4.818   1.00 39.75 ? 60  GLN A NE2 1 
ATOM   448  N  N   . LYS A 1 60  ? -13.469 -6.292  2.279   1.00 29.39 ? 61  LYS A N   1 
ATOM   449  C  CA  . LYS A 1 60  ? -12.775 -5.560  1.263   1.00 30.28 ? 61  LYS A CA  1 
ATOM   450  C  C   . LYS A 1 60  ? -12.870 -6.266  -0.096  1.00 30.23 ? 61  LYS A C   1 
ATOM   451  O  O   . LYS A 1 60  ? -13.093 -5.599  -1.127  1.00 29.08 ? 61  LYS A O   1 
ATOM   452  C  CB  . LYS A 1 60  ? -11.372 -5.045  1.727   1.00 31.43 ? 61  LYS A CB  1 
ATOM   453  C  CG  . LYS A 1 60  ? -10.133 -5.951  1.758   1.00 31.45 ? 61  LYS A CG  1 
ATOM   454  C  CD  . LYS A 1 60  ? -9.257  -5.687  3.031   1.00 35.77 ? 61  LYS A CD  1 
ATOM   455  C  CE  . LYS A 1 60  ? -9.749  -6.479  4.336   1.00 36.39 ? 61  LYS A CE  1 
ATOM   456  N  NZ  . LYS A 1 60  ? -11.274 -6.297  4.803   1.00 33.13 ? 61  LYS A NZ  1 
ATOM   457  N  N   . ALA A 1 61  ? -12.816 -7.599  -0.078  1.00 29.97 ? 62  ALA A N   1 
ATOM   458  C  CA  . ALA A 1 61  ? -12.963 -8.392  -1.297  1.00 30.62 ? 62  ALA A CA  1 
ATOM   459  C  C   . ALA A 1 61  ? -14.387 -8.295  -1.867  1.00 29.59 ? 62  ALA A C   1 
ATOM   460  O  O   . ALA A 1 61  ? -14.557 -8.206  -3.064  1.00 30.66 ? 62  ALA A O   1 
ATOM   461  C  CB  . ALA A 1 61  ? -12.611 -9.817  -1.041  1.00 30.66 ? 62  ALA A CB  1 
ATOM   462  N  N   . VAL A 1 62  ? -15.374 -8.292  -0.990  1.00 29.33 ? 63  VAL A N   1 
ATOM   463  C  CA  . VAL A 1 62  ? -16.779 -8.091  -1.360  1.00 29.33 ? 63  VAL A CA  1 
ATOM   464  C  C   . VAL A 1 62  ? -17.031 -6.685  -1.915  1.00 27.45 ? 63  VAL A C   1 
ATOM   465  O  O   . VAL A 1 62  ? -17.603 -6.543  -2.990  1.00 26.89 ? 63  VAL A O   1 
ATOM   466  C  CB  . VAL A 1 62  ? -17.746 -8.438  -0.169  1.00 29.72 ? 63  VAL A CB  1 
ATOM   467  C  CG1 . VAL A 1 62  ? -19.153 -7.795  -0.359  1.00 31.94 ? 63  VAL A CG1 1 
ATOM   468  C  CG2 . VAL A 1 62  ? -17.864 -9.943  -0.021  1.00 29.55 ? 63  VAL A CG2 1 
ATOM   469  N  N   . ASN A 1 63  ? -16.479 -5.661  -1.272  1.00 27.06 ? 64  ASN A N   1 
ATOM   470  C  CA  . ASN A 1 63  ? -16.575 -4.306  -1.823  1.00 26.25 ? 64  ASN A CA  1 
ATOM   471  C  C   . ASN A 1 63  ? -15.957 -4.259  -3.201  1.00 26.62 ? 64  ASN A C   1 
ATOM   472  O  O   . ASN A 1 63  ? -16.477 -3.644  -4.159  1.00 25.14 ? 64  ASN A O   1 
ATOM   473  C  CB  . ASN A 1 63  ? -15.869 -3.259  -0.953  1.00 25.37 ? 64  ASN A CB  1 
ATOM   474  C  CG  . ASN A 1 63  ? -16.523 -3.023  0.385   1.00 23.67 ? 64  ASN A CG  1 
ATOM   475  O  OD1 . ASN A 1 63  ? -15.877 -2.402  1.269   1.00 26.81 ? 64  ASN A OD1 1 
ATOM   476  N  ND2 . ASN A 1 63  ? -17.768 -3.529  0.605   1.00 16.07 ? 64  ASN A ND2 1 
ATOM   477  N  N   . LEU A 1 64  ? -14.837 -4.940  -3.337  1.00 27.02 ? 65  LEU A N   1 
ATOM   478  C  CA  . LEU A 1 64  ? -14.069 -4.758  -4.540  1.00 28.05 ? 65  LEU A CA  1 
ATOM   479  C  C   . LEU A 1 64  ? -14.620 -5.460  -5.801  1.00 28.18 ? 65  LEU A C   1 
ATOM   480  O  O   . LEU A 1 64  ? -14.328 -5.050  -6.897  1.00 27.32 ? 65  LEU A O   1 
ATOM   481  C  CB  . LEU A 1 64  ? -12.633 -5.179  -4.323  1.00 27.52 ? 65  LEU A CB  1 
ATOM   482  C  CG  . LEU A 1 64  ? -11.796 -4.160  -3.562  1.00 29.86 ? 65  LEU A CG  1 
ATOM   483  C  CD1 . LEU A 1 64  ? -10.413 -4.769  -3.268  1.00 30.77 ? 65  LEU A CD1 1 
ATOM   484  C  CD2 . LEU A 1 64  ? -11.666 -2.864  -4.270  1.00 27.80 ? 65  LEU A CD2 1 
ATOM   485  N  N   . ARG A 1 65  ? -15.363 -6.520  -5.622  1.00 29.72 ? 66  ARG A N   1 
ATOM   486  C  CA  . ARG A 1 65  ? -15.949 -7.245  -6.744  1.00 31.56 ? 66  ARG A CA  1 
ATOM   487  C  C   . ARG A 1 65  ? -17.139 -6.453  -7.233  1.00 31.80 ? 66  ARG A C   1 
ATOM   488  O  O   . ARG A 1 65  ? -17.413 -6.426  -8.442  1.00 32.69 ? 66  ARG A O   1 
ATOM   489  C  CB  . ARG A 1 65  ? -16.399 -8.656  -6.314  1.00 32.63 ? 66  ARG A CB  1 
ATOM   490  C  CG  . ARG A 1 65  ? -15.242 -9.691  -6.206  1.00 34.98 ? 66  ARG A CG  1 
ATOM   491  C  CD  . ARG A 1 65  ? -15.678 -11.116 -5.828  1.00 38.36 ? 66  ARG A CD  1 
ATOM   492  N  NE  . ARG A 1 65  ? -14.590 -11.863 -5.180  1.00 39.60 ? 66  ARG A NE  1 
ATOM   493  C  CZ  . ARG A 1 65  ? -14.494 -12.192 -3.865  1.00 39.90 ? 66  ARG A CZ  1 
ATOM   494  N  NH1 . ARG A 1 65  ? -15.424 -11.874 -2.968  1.00 35.14 ? 66  ARG A NH1 1 
ATOM   495  N  NH2 . ARG A 1 65  ? -13.409 -12.869 -3.454  1.00 39.62 ? 66  ARG A NH2 1 
ATOM   496  N  N   . ARG A 1 66  ? -17.829 -5.812  -6.286  1.00 31.58 ? 67  ARG A N   1 
ATOM   497  C  CA  . ARG A 1 66  ? -18.992 -4.956  -6.557  1.00 30.93 ? 67  ARG A CA  1 
ATOM   498  C  C   . ARG A 1 66  ? -18.555 -3.642  -7.201  1.00 29.72 ? 67  ARG A C   1 
ATOM   499  O  O   . ARG A 1 66  ? -19.209 -3.157  -8.094  1.00 30.45 ? 67  ARG A O   1 
ATOM   500  C  CB  . ARG A 1 66  ? -19.778 -4.696  -5.251  1.00 31.23 ? 67  ARG A CB  1 
ATOM   501  C  CG  . ARG A 1 66  ? -21.103 -3.933  -5.460  1.00 32.48 ? 67  ARG A CG  1 
ATOM   502  C  CD  . ARG A 1 66  ? -21.952 -3.651  -4.223  1.00 33.15 ? 67  ARG A CD  1 
ATOM   503  N  N   . ASP A 1 67  ? -17.413 -3.101  -6.763  1.00 28.35 ? 68  ASP A N   1 
ATOM   504  C  CA  . ASP A 1 67  ? -16.898 -1.849  -7.274  1.00 26.77 ? 68  ASP A CA  1 
ATOM   505  C  C   . ASP A 1 67  ? -15.348 -1.826  -7.168  1.00 25.87 ? 68  ASP A C   1 
ATOM   506  O  O   . ASP A 1 67  ? -14.816 -1.643  -6.079  1.00 26.87 ? 68  ASP A O   1 
ATOM   507  C  CB  . ASP A 1 67  ? -17.531 -0.699  -6.509  1.00 26.01 ? 68  ASP A CB  1 
ATOM   508  C  CG  . ASP A 1 67  ? -17.223 0.658   -7.106  1.00 27.79 ? 68  ASP A CG  1 
ATOM   509  O  OD1 . ASP A 1 67  ? -16.165 0.875   -7.795  1.00 24.44 ? 68  ASP A OD1 1 
ATOM   510  O  OD2 . ASP A 1 67  ? -17.999 1.620   -6.874  1.00 31.66 ? 68  ASP A OD2 1 
ATOM   511  N  N   . PRO A 1 68  ? -14.630 -1.935  -8.287  1.00 25.47 ? 69  PRO A N   1 
ATOM   512  C  CA  . PRO A 1 68  ? -13.174 -2.139  -8.245  1.00 24.48 ? 69  PRO A CA  1 
ATOM   513  C  C   . PRO A 1 68  ? -12.377 -0.918  -7.814  1.00 23.05 ? 69  PRO A C   1 
ATOM   514  O  O   . PRO A 1 68  ? -11.182 -1.033  -7.721  1.00 22.45 ? 69  PRO A O   1 
ATOM   515  C  CB  . PRO A 1 68  ? -12.812 -2.436  -9.717  1.00 25.40 ? 69  PRO A CB  1 
ATOM   516  C  CG  . PRO A 1 68  ? -14.112 -2.598  -10.414 1.00 26.14 ? 69  PRO A CG  1 
ATOM   517  C  CD  . PRO A 1 68  ? -15.103 -1.807  -9.670  1.00 23.95 ? 69  PRO A CD  1 
ATOM   518  N  N   . ARG A 1 69  ? -13.019 0.228   -7.629  1.00 22.74 ? 70  ARG A N   1 
ATOM   519  C  CA  . ARG A 1 69  ? -12.333 1.479   -7.347  1.00 22.33 ? 70  ARG A CA  1 
ATOM   520  C  C   . ARG A 1 69  ? -11.721 1.440   -5.932  1.00 21.59 ? 70  ARG A C   1 
ATOM   521  O  O   . ARG A 1 69  ? -12.359 1.014   -4.971  1.00 20.89 ? 70  ARG A O   1 
ATOM   522  C  CB  . ARG A 1 69  ? -13.291 2.664   -7.529  1.00 23.31 ? 70  ARG A CB  1 
ATOM   523  C  CG  . ARG A 1 69  ? -13.595 2.989   -9.040  1.00 22.73 ? 70  ARG A CG  1 
ATOM   524  C  CD  . ARG A 1 69  ? -14.536 4.122   -9.233  1.00 22.72 ? 70  ARG A CD  1 
ATOM   525  N  NE  . ARG A 1 69  ? -15.777 3.888   -8.472  1.00 23.73 ? 70  ARG A NE  1 
ATOM   526  C  CZ  . ARG A 1 69  ? -16.652 4.824   -8.131  1.00 23.93 ? 70  ARG A CZ  1 
ATOM   527  N  NH1 . ARG A 1 69  ? -16.467 6.081   -8.466  1.00 24.86 ? 70  ARG A NH1 1 
ATOM   528  N  NH2 . ARG A 1 69  ? -17.724 4.494   -7.438  1.00 27.64 ? 70  ARG A NH2 1 
ATOM   529  N  N   . VAL A 1 70  ? -10.449 1.804   -5.864  1.00 22.10 ? 71  VAL A N   1 
ATOM   530  C  CA  . VAL A 1 70  ? -9.672  1.814   -4.636  1.00 21.89 ? 71  VAL A CA  1 
ATOM   531  C  C   . VAL A 1 70  ? -8.843  3.065   -4.519  1.00 21.23 ? 71  VAL A C   1 
ATOM   532  O  O   . VAL A 1 70  ? -8.475  3.699   -5.542  1.00 20.62 ? 71  VAL A O   1 
ATOM   533  C  CB  . VAL A 1 70  ? -8.628  0.665   -4.525  1.00 22.90 ? 71  VAL A CB  1 
ATOM   534  C  CG1 . VAL A 1 70  ? -9.221  -0.490  -3.984  1.00 25.39 ? 71  VAL A CG1 1 
ATOM   535  C  CG2 . VAL A 1 70  ? -7.893  0.367   -5.858  1.00 22.63 ? 71  VAL A CG2 1 
ATOM   536  N  N   . SER A 1 71  ? -8.537  3.421   -3.272  1.00 20.35 ? 72  SER A N   1 
ATOM   537  C  CA  . SER A 1 71  ? -7.487  4.392   -2.984  1.00 20.77 ? 72  SER A CA  1 
ATOM   538  C  C   . SER A 1 71  ? -6.524  3.808   -1.981  1.00 20.00 ? 72  SER A C   1 
ATOM   539  O  O   . SER A 1 71  ? -6.918  2.996   -1.105  1.00 20.00 ? 72  SER A O   1 
ATOM   540  C  CB  . SER A 1 71  ? -8.069  5.679   -2.404  1.00 20.86 ? 72  SER A CB  1 
ATOM   541  O  OG  . SER A 1 71  ? -8.998  6.216   -3.310  1.00 25.11 ? 72  SER A OG  1 
ATOM   542  N  N   . PHE A 1 72  ? -5.259  4.205   -2.085  1.00 18.73 ? 73  PHE A N   1 
ATOM   543  C  CA  . PHE A 1 72  ? -4.254  3.673   -1.147  1.00 18.73 ? 73  PHE A CA  1 
ATOM   544  C  C   . PHE A 1 72  ? -3.282  4.779   -0.846  1.00 18.28 ? 73  PHE A C   1 
ATOM   545  O  O   . PHE A 1 72  ? -2.790  5.423   -1.764  1.00 18.77 ? 73  PHE A O   1 
ATOM   546  C  CB  . PHE A 1 72  ? -3.577  2.441   -1.750  1.00 18.80 ? 73  PHE A CB  1 
ATOM   547  C  CG  . PHE A 1 72  ? -2.768  1.628   -0.777  1.00 18.48 ? 73  PHE A CG  1 
ATOM   548  C  CD1 . PHE A 1 72  ? -3.375  0.733   0.066   1.00 20.74 ? 73  PHE A CD1 1 
ATOM   549  C  CD2 . PHE A 1 72  ? -1.386  1.756   -0.726  1.00 20.62 ? 73  PHE A CD2 1 
ATOM   550  C  CE1 . PHE A 1 72  ? -2.608  -0.012  0.952   1.00 19.82 ? 73  PHE A CE1 1 
ATOM   551  C  CE2 . PHE A 1 72  ? -0.628  1.011   0.133   1.00 22.66 ? 73  PHE A CE2 1 
ATOM   552  C  CZ  . PHE A 1 72  ? -1.244  0.118   0.979   1.00 24.27 ? 73  PHE A CZ  1 
ATOM   553  N  N   . LEU A 1 73  ? -2.989  4.986   0.445   1.00 18.15 ? 74  LEU A N   1 
ATOM   554  C  CA  . LEU A 1 73  ? -2.164  6.096   0.900   1.00 19.11 ? 74  LEU A CA  1 
ATOM   555  C  C   . LEU A 1 73  ? -1.013  5.620   1.803   1.00 19.31 ? 74  LEU A C   1 
ATOM   556  O  O   . LEU A 1 73  ? -1.224  4.889   2.759   1.00 18.27 ? 74  LEU A O   1 
ATOM   557  C  CB  . LEU A 1 73  ? -3.023  7.136   1.653   1.00 18.90 ? 74  LEU A CB  1 
ATOM   558  C  CG  . LEU A 1 73  ? -2.330  8.468   2.095   1.00 24.35 ? 74  LEU A CG  1 
ATOM   559  C  CD1 . LEU A 1 73  ? -3.281  9.656   2.199   1.00 28.38 ? 74  LEU A CD1 1 
ATOM   560  C  CD2 . LEU A 1 73  ? -1.660  8.348   3.471   1.00 25.66 ? 74  LEU A CD2 1 
ATOM   561  N  N   . LEU A 1 74  ? 0.189   6.069   1.473   1.00 19.80 ? 75  LEU A N   1 
ATOM   562  C  CA  . LEU A 1 74  ? 1.385   5.880   2.266   1.00 21.03 ? 75  LEU A CA  1 
ATOM   563  C  C   . LEU A 1 74  ? 1.904   7.234   2.709   1.00 23.04 ? 75  LEU A C   1 
ATOM   564  O  O   . LEU A 1 74  ? 1.987   8.149   1.910   1.00 24.79 ? 75  LEU A O   1 
ATOM   565  C  CB  . LEU A 1 74  ? 2.474   5.204   1.423   1.00 21.50 ? 75  LEU A CB  1 
ATOM   566  C  CG  . LEU A 1 74  ? 2.270   3.750   1.009   1.00 20.61 ? 75  LEU A CG  1 
ATOM   567  C  CD1 . LEU A 1 74  ? 3.214   3.335   -0.090  1.00 22.81 ? 75  LEU A CD1 1 
ATOM   568  C  CD2 . LEU A 1 74  ? 2.420   2.850   2.255   1.00 22.41 ? 75  LEU A CD2 1 
ATOM   569  N  N   . GLU A 1 75  ? 2.338   7.330   3.955   1.00 23.14 ? 76  GLU A N   1 
ATOM   570  C  CA  . GLU A 1 75  ? 2.796   8.576   4.493   1.00 25.74 ? 76  GLU A CA  1 
ATOM   571  C  C   . GLU A 1 75  ? 3.768   8.343   5.623   1.00 24.90 ? 76  GLU A C   1 
ATOM   572  O  O   . GLU A 1 75  ? 3.609   7.386   6.412   1.00 23.91 ? 76  GLU A O   1 
ATOM   573  C  CB  . GLU A 1 75  ? 1.559   9.408   4.948   1.00 26.88 ? 76  GLU A CB  1 
ATOM   574  C  CG  . GLU A 1 75  ? 1.513   10.001  6.346   1.00 32.99 ? 76  GLU A CG  1 
ATOM   575  C  CD  . GLU A 1 75  ? 1.411   9.015   7.489   1.00 41.12 ? 76  GLU A CD  1 
ATOM   576  O  OE1 . GLU A 1 75  ? 0.586   8.077   7.433   1.00 48.89 ? 76  GLU A OE1 1 
ATOM   577  O  OE2 . GLU A 1 75  ? 2.165   9.207   8.467   1.00 46.61 ? 76  GLU A OE2 1 
ATOM   578  N  N   . ASP A 1 76  ? 4.784   9.202   5.718   1.00 24.35 ? 77  ASP A N   1 
ATOM   579  C  CA  . ASP A 1 76  ? 5.528   9.258   6.949   1.00 25.30 ? 77  ASP A CA  1 
ATOM   580  C  C   . ASP A 1 76  ? 6.080   10.650  7.239   1.00 24.89 ? 77  ASP A C   1 
ATOM   581  O  O   . ASP A 1 76  ? 5.699   11.613  6.583   1.00 21.84 ? 77  ASP A O   1 
ATOM   582  C  CB  . ASP A 1 76  ? 6.594   8.165   6.962   1.00 26.92 ? 77  ASP A CB  1 
ATOM   583  C  CG  . ASP A 1 76  ? 7.792   8.484   6.112   1.00 30.98 ? 77  ASP A CG  1 
ATOM   584  O  OD1 . ASP A 1 76  ? 7.798   9.469   5.342   1.00 34.35 ? 77  ASP A OD1 1 
ATOM   585  O  OD2 . ASP A 1 76  ? 8.797   7.749   6.120   1.00 40.44 ? 77  ASP A OD2 1 
ATOM   586  N  N   . GLY A 1 77  ? 6.917   10.763  8.252   1.00 24.90 ? 78  GLY A N   1 
ATOM   587  C  CA  . GLY A 1 77  ? 7.443   12.068  8.640   1.00 27.47 ? 78  GLY A CA  1 
ATOM   588  C  C   . GLY A 1 77  ? 6.706   12.609  9.857   1.00 28.37 ? 78  GLY A C   1 
ATOM   589  O  O   . GLY A 1 77  ? 5.485   12.580  9.904   1.00 28.46 ? 78  GLY A O   1 
ATOM   590  N  N   . ASP A 1 78  ? 7.464   13.131  10.825  1.00 30.11 ? 79  ASP A N   1 
ATOM   591  C  CA  . ASP A 1 78  ? 6.923   13.606  12.114  1.00 31.12 ? 79  ASP A CA  1 
ATOM   592  C  C   . ASP A 1 78  ? 6.831   15.150  12.227  1.00 30.49 ? 79  ASP A C   1 
ATOM   593  O  O   . ASP A 1 78  ? 6.189   15.666  13.144  1.00 30.03 ? 79  ASP A O   1 
ATOM   594  C  CB  . ASP A 1 78  ? 7.763   13.061  13.293  1.00 31.99 ? 79  ASP A CB  1 
ATOM   595  C  CG  . ASP A 1 78  ? 7.886   11.554  13.289  1.00 39.11 ? 79  ASP A CG  1 
ATOM   596  O  OD1 . ASP A 1 78  ? 6.807   10.885  13.196  1.00 43.89 ? 79  ASP A OD1 1 
ATOM   597  O  OD2 . ASP A 1 78  ? 9.013   10.953  13.363  1.00 44.53 ? 79  ASP A OD2 1 
ATOM   598  N  N   . THR A 1 79  ? 7.464   15.877  11.307  1.00 29.50 ? 80  THR A N   1 
ATOM   599  C  CA  . THR A 1 79  ? 7.416   17.332  11.327  1.00 29.06 ? 80  THR A CA  1 
ATOM   600  C  C   . THR A 1 79  ? 6.969   17.855  10.018  1.00 29.05 ? 80  THR A C   1 
ATOM   601  O  O   . THR A 1 79  ? 7.022   17.149  8.986   1.00 28.60 ? 80  THR A O   1 
ATOM   602  C  CB  . THR A 1 79  ? 8.789   17.936  11.665  1.00 28.74 ? 80  THR A CB  1 
ATOM   603  O  OG1 . THR A 1 79  ? 9.759   17.552  10.686  1.00 30.19 ? 80  THR A OG1 1 
ATOM   604  C  CG2 . THR A 1 79  ? 9.331   17.356  12.960  1.00 29.28 ? 80  THR A CG2 1 
ATOM   605  N  N   . TYR A 1 80  ? 6.527   19.104  10.025  1.00 28.80 ? 81  TYR A N   1 
ATOM   606  C  CA  . TYR A 1 80  ? 6.035   19.685  8.798   1.00 28.86 ? 81  TYR A CA  1 
ATOM   607  C  C   . TYR A 1 80  ? 7.088   19.598  7.721   1.00 27.60 ? 81  TYR A C   1 
ATOM   608  O  O   . TYR A 1 80  ? 6.772   19.325  6.569   1.00 28.57 ? 81  TYR A O   1 
ATOM   609  C  CB  . TYR A 1 80  ? 5.550   21.130  8.982   1.00 29.24 ? 81  TYR A CB  1 
ATOM   610  C  CG  . TYR A 1 80  ? 5.110   21.744  7.676   1.00 31.20 ? 81  TYR A CG  1 
ATOM   611  C  CD1 . TYR A 1 80  ? 3.830   21.497  7.152   1.00 35.30 ? 81  TYR A CD1 1 
ATOM   612  C  CD2 . TYR A 1 80  ? 5.972   22.534  6.949   1.00 33.10 ? 81  TYR A CD2 1 
ATOM   613  C  CE1 . TYR A 1 80  ? 3.420   22.054  5.930   1.00 36.05 ? 81  TYR A CE1 1 
ATOM   614  C  CE2 . TYR A 1 80  ? 5.583   23.103  5.723   1.00 36.52 ? 81  TYR A CE2 1 
ATOM   615  C  CZ  . TYR A 1 80  ? 4.308   22.861  5.221   1.00 37.00 ? 81  TYR A CZ  1 
ATOM   616  O  OH  . TYR A 1 80  ? 3.958   23.411  4.002   1.00 37.85 ? 81  TYR A OH  1 
ATOM   617  N  N   . ASP A 1 81  ? 8.350   19.798  8.080   1.00 27.63 ? 82  ASP A N   1 
ATOM   618  C  CA  . ASP A 1 81  ? 9.393   19.880  7.072   1.00 26.96 ? 82  ASP A CA  1 
ATOM   619  C  C   . ASP A 1 81  ? 9.768   18.501  6.519   1.00 26.65 ? 82  ASP A C   1 
ATOM   620  O  O   . ASP A 1 81  ? 10.399  18.437  5.501   1.00 27.72 ? 82  ASP A O   1 
ATOM   621  C  CB  . ASP A 1 81  ? 10.654  20.611  7.579   1.00 26.75 ? 82  ASP A CB  1 
ATOM   622  C  CG  . ASP A 1 81  ? 11.418  19.833  8.646   1.00 29.36 ? 82  ASP A CG  1 
ATOM   623  O  OD1 . ASP A 1 81  ? 10.914  19.627  9.785   1.00 32.30 ? 82  ASP A OD1 1 
ATOM   624  O  OD2 . ASP A 1 81  ? 12.566  19.411  8.448   1.00 33.27 ? 82  ASP A OD2 1 
ATOM   625  N  N   . THR A 1 82  ? 9.423   17.427  7.216   1.00 27.21 ? 83  THR A N   1 
ATOM   626  C  CA  . THR A 1 82  ? 9.725   16.054  6.770   1.00 26.27 ? 83  THR A CA  1 
ATOM   627  C  C   . THR A 1 82  ? 8.512   15.237  6.277   1.00 26.43 ? 83  THR A C   1 
ATOM   628  O  O   . THR A 1 82  ? 8.672   14.020  5.963   1.00 24.71 ? 83  THR A O   1 
ATOM   629  C  CB  . THR A 1 82  ? 10.427  15.236  7.896   1.00 27.13 ? 83  THR A CB  1 
ATOM   630  O  OG1 . THR A 1 82  ? 9.662   15.262  9.116   1.00 27.23 ? 83  THR A OG1 1 
ATOM   631  C  CG2 . THR A 1 82  ? 11.812  15.820  8.267   1.00 26.87 ? 83  THR A CG2 1 
ATOM   632  N  N   . LEU A 1 83  ? 7.321   15.848  6.184   1.00 26.39 ? 84  LEU A N   1 
ATOM   633  C  CA  . LEU A 1 83  ? 6.155   15.089  5.717   1.00 27.22 ? 84  LEU A CA  1 
ATOM   634  C  C   . LEU A 1 83  ? 6.444   14.610  4.314   1.00 26.75 ? 84  LEU A C   1 
ATOM   635  O  O   . LEU A 1 83  ? 6.909   15.373  3.482   1.00 26.71 ? 84  LEU A O   1 
ATOM   636  C  CB  . LEU A 1 83  ? 4.829   15.880  5.682   1.00 27.60 ? 84  LEU A CB  1 
ATOM   637  C  CG  . LEU A 1 83  ? 4.453   16.678  6.910   1.00 30.35 ? 84  LEU A CG  1 
ATOM   638  C  CD1 . LEU A 1 83  ? 3.251   17.621  6.638   1.00 32.37 ? 84  LEU A CD1 1 
ATOM   639  C  CD2 . LEU A 1 83  ? 4.221   15.769  8.140   1.00 30.79 ? 84  LEU A CD2 1 
ATOM   640  N  N   . ARG A 1 84  ? 6.220   13.323  4.088   1.00 26.57 ? 85  ARG A N   1 
ATOM   641  C  CA  . ARG A 1 84  ? 6.280   12.774  2.766   1.00 26.18 ? 85  ARG A CA  1 
ATOM   642  C  C   . ARG A 1 84  ? 5.283   11.630  2.584   1.00 26.11 ? 85  ARG A C   1 
ATOM   643  O  O   . ARG A 1 84  ? 4.849   10.971  3.559   1.00 25.44 ? 85  ARG A O   1 
ATOM   644  C  CB  . ARG A 1 84  ? 7.661   12.345  2.387   1.00 27.15 ? 85  ARG A CB  1 
ATOM   645  C  CG  . ARG A 1 84  ? 8.471   11.598  3.369   1.00 31.02 ? 85  ARG A CG  1 
ATOM   646  C  CD  . ARG A 1 84  ? 9.544   10.717  2.642   1.00 35.48 ? 85  ARG A CD  1 
ATOM   647  N  NE  . ARG A 1 84  ? 10.035  9.650   3.485   1.00 40.50 ? 85  ARG A NE  1 
ATOM   648  C  CZ  . ARG A 1 84  ? 11.206  9.055   3.373   1.00 45.72 ? 85  ARG A CZ  1 
ATOM   649  N  NH1 . ARG A 1 84  ? 12.103  9.427   2.445   1.00 47.44 ? 85  ARG A NH1 1 
ATOM   650  N  NH2 . ARG A 1 84  ? 11.493  8.072   4.223   1.00 47.62 ? 85  ARG A NH2 1 
ATOM   651  N  N   . GLY A 1 85  ? 4.895   11.439  1.333   1.00 23.54 ? 86  GLY A N   1 
ATOM   652  C  CA  . GLY A 1 85  ? 3.884   10.482  1.042   1.00 23.67 ? 86  GLY A CA  1 
ATOM   653  C  C   . GLY A 1 85  ? 3.522   10.353  -0.419  1.00 22.82 ? 86  GLY A C   1 
ATOM   654  O  O   . GLY A 1 85  ? 3.993   11.093  -1.276  1.00 20.89 ? 86  GLY A O   1 
ATOM   655  N  N   . VAL A 1 86  ? 2.654   9.379   -0.667  1.00 21.01 ? 87  VAL A N   1 
ATOM   656  C  CA  . VAL A 1 86  ? 2.163   9.119   -1.985  1.00 20.55 ? 87  VAL A CA  1 
ATOM   657  C  C   . VAL A 1 86  ? 0.738   8.549   -1.851  1.00 20.67 ? 87  VAL A C   1 
ATOM   658  O  O   . VAL A 1 86  ? 0.455   7.711   -0.996  1.00 20.85 ? 87  VAL A O   1 
ATOM   659  C  CB  . VAL A 1 86  ? 3.096   8.215   -2.788  1.00 20.39 ? 87  VAL A CB  1 
ATOM   660  C  CG1 . VAL A 1 86  ? 3.234   6.839   -2.129  1.00 20.77 ? 87  VAL A CG1 1 
ATOM   661  C  CG2 . VAL A 1 86  ? 2.634   8.083   -4.163  1.00 19.23 ? 87  VAL A CG2 1 
ATOM   662  N  N   . SER A 1 87  ? -0.136  9.046   -2.701  1.00 19.48 ? 88  SER A N   1 
ATOM   663  C  CA  . SER A 1 87  ? -1.557  8.749   -2.641  1.00 21.76 ? 88  SER A CA  1 
ATOM   664  C  C   . SER A 1 87  ? -1.967  8.265   -4.034  1.00 21.97 ? 88  SER A C   1 
ATOM   665  O  O   . SER A 1 87  ? -1.739  8.978   -5.034  1.00 22.81 ? 88  SER A O   1 
ATOM   666  C  CB  . SER A 1 87  ? -2.316  10.035  -2.282  1.00 21.48 ? 88  SER A CB  1 
ATOM   667  O  OG  . SER A 1 87  ? -3.690  9.767   -2.091  1.00 29.48 ? 88  SER A OG  1 
ATOM   668  N  N   . PHE A 1 88  ? -2.539  7.067   -4.091  1.00 21.20 ? 89  PHE A N   1 
ATOM   669  C  CA  . PHE A 1 88  ? -2.921  6.383   -5.326  1.00 21.70 ? 89  PHE A CA  1 
ATOM   670  C  C   . PHE A 1 88  ? -4.436  6.277   -5.371  1.00 22.04 ? 89  PHE A C   1 
ATOM   671  O  O   . PHE A 1 88  ? -5.082  5.960   -4.363  1.00 20.66 ? 89  PHE A O   1 
ATOM   672  C  CB  . PHE A 1 88  ? -2.386  4.936   -5.348  1.00 22.12 ? 89  PHE A CB  1 
ATOM   673  C  CG  . PHE A 1 88  ? -0.872  4.833   -5.262  1.00 24.13 ? 89  PHE A CG  1 
ATOM   674  C  CD1 . PHE A 1 88  ? -0.090  5.294   -6.283  1.00 26.33 ? 89  PHE A CD1 1 
ATOM   675  C  CD2 . PHE A 1 88  ? -0.252  4.312   -4.139  1.00 27.70 ? 89  PHE A CD2 1 
ATOM   676  C  CE1 . PHE A 1 88  ? 1.280   5.176   -6.221  1.00 27.33 ? 89  PHE A CE1 1 
ATOM   677  C  CE2 . PHE A 1 88  ? 1.142   4.200   -4.068  1.00 26.36 ? 89  PHE A CE2 1 
ATOM   678  C  CZ  . PHE A 1 88  ? 1.887   4.607   -5.088  1.00 27.74 ? 89  PHE A CZ  1 
ATOM   679  N  N   . GLU A 1 89  ? -5.006  6.561   -6.536  1.00 20.63 ? 90  GLU A N   1 
ATOM   680  C  CA  . GLU A 1 89  ? -6.384  6.258   -6.785  1.00 21.46 ? 90  GLU A CA  1 
ATOM   681  C  C   . GLU A 1 89  ? -6.356  5.380   -8.032  1.00 21.26 ? 90  GLU A C   1 
ATOM   682  O  O   . GLU A 1 89  ? -5.557  5.596   -8.921  1.00 19.95 ? 90  GLU A O   1 
ATOM   683  C  CB  . GLU A 1 89  ? -7.217  7.538   -6.971  1.00 22.05 ? 90  GLU A CB  1 
ATOM   684  C  CG  . GLU A 1 89  ? -7.267  8.370   -5.700  1.00 22.89 ? 90  GLU A CG  1 
ATOM   685  C  CD  . GLU A 1 89  ? -8.017  9.667   -5.813  1.00 29.90 ? 90  GLU A CD  1 
ATOM   686  O  OE1 . GLU A 1 89  ? -8.535  9.939   -6.928  1.00 32.93 ? 90  GLU A OE1 1 
ATOM   687  O  OE2 . GLU A 1 89  ? -8.130  10.400  -4.750  1.00 33.10 ? 90  GLU A OE2 1 
ATOM   688  N  N   . GLY A 1 90  ? -7.197  4.369   -8.058  1.00 20.50 ? 91  GLY A N   1 
ATOM   689  C  CA  . GLY A 1 90  ? -7.231  3.464   -9.204  1.00 21.44 ? 91  GLY A CA  1 
ATOM   690  C  C   . GLY A 1 90  ? -8.267  2.402   -9.117  1.00 21.12 ? 91  GLY A C   1 
ATOM   691  O  O   . GLY A 1 90  ? -9.392  2.635   -8.627  1.00 19.86 ? 91  GLY A O   1 
ATOM   692  N  N   . VAL A 1 91  ? -7.857  1.227   -9.600  1.00 22.92 ? 92  VAL A N   1 
ATOM   693  C  CA  . VAL A 1 91  ? -8.690  0.042   -9.620  1.00 23.48 ? 92  VAL A CA  1 
ATOM   694  C  C   . VAL A 1 91  ? -7.862  -1.129  -9.083  1.00 23.61 ? 92  VAL A C   1 
ATOM   695  O  O   . VAL A 1 91  ? -6.636  -1.172  -9.225  1.00 23.14 ? 92  VAL A O   1 
ATOM   696  C  CB  . VAL A 1 91  ? -9.235  -0.265  -11.041 1.00 23.88 ? 92  VAL A CB  1 
ATOM   697  C  CG1 . VAL A 1 91  ? -10.074 0.881   -11.563 1.00 26.58 ? 92  VAL A CG1 1 
ATOM   698  C  CG2 . VAL A 1 91  ? -8.107  -0.568  -12.016 1.00 24.04 ? 92  VAL A CG2 1 
ATOM   699  N  N   . ALA A 1 92  ? -8.543  -2.029  -8.400  1.00 22.98 ? 93  ALA A N   1 
ATOM   700  C  CA  . ALA A 1 92  ? -7.977  -3.278  -7.947  1.00 23.70 ? 93  ALA A CA  1 
ATOM   701  C  C   . ALA A 1 92  ? -8.472  -4.416  -8.844  1.00 24.64 ? 93  ALA A C   1 
ATOM   702  O  O   . ALA A 1 92  ? -9.615  -4.391  -9.240  1.00 23.85 ? 93  ALA A O   1 
ATOM   703  C  CB  . ALA A 1 92  ? -8.457  -3.566  -6.585  1.00 24.00 ? 93  ALA A CB  1 
ATOM   704  N  N   . GLU A 1 93  ? -7.591  -5.386  -9.153  1.00 24.46 ? 94  GLU A N   1 
ATOM   705  C  CA  . GLU A 1 93  ? -7.996  -6.711  -9.615  1.00 24.85 ? 94  GLU A CA  1 
ATOM   706  C  C   . GLU A 1 93  ? -7.830  -7.761  -8.499  1.00 24.84 ? 94  GLU A C   1 
ATOM   707  O  O   . GLU A 1 93  ? -6.819  -7.821  -7.825  1.00 24.61 ? 94  GLU A O   1 
ATOM   708  C  CB  . GLU A 1 93  ? -7.144  -7.129  -10.789 1.00 26.76 ? 94  GLU A CB  1 
ATOM   709  C  CG  . GLU A 1 93  ? -7.510  -8.478  -11.402 1.00 27.30 ? 94  GLU A CG  1 
ATOM   710  C  CD  . GLU A 1 93  ? -6.438  -8.980  -12.377 1.00 30.54 ? 94  GLU A CD  1 
ATOM   711  O  OE1 . GLU A 1 93  ? -5.424  -8.258  -12.561 1.00 30.77 ? 94  GLU A OE1 1 
ATOM   712  O  OE2 . GLU A 1 93  ? -6.609  -10.106 -12.931 1.00 32.41 ? 94  GLU A OE2 1 
ATOM   713  N  N   . ILE A 1 94  ? -8.854  -8.595  -8.357  1.00 24.14 ? 95  ILE A N   1 
ATOM   714  C  CA  . ILE A 1 94  ? -8.857  -9.769  -7.522  1.00 24.13 ? 95  ILE A CA  1 
ATOM   715  C  C   . ILE A 1 94  ? -8.362  -10.972 -8.320  1.00 23.80 ? 95  ILE A C   1 
ATOM   716  O  O   . ILE A 1 94  ? -8.855  -11.285 -9.390  1.00 22.06 ? 95  ILE A O   1 
ATOM   717  C  CB  . ILE A 1 94  ? -10.261 -9.955  -6.920  1.00 24.56 ? 95  ILE A CB  1 
ATOM   718  C  CG1 . ILE A 1 94  ? -10.616 -8.696  -6.133  1.00 26.04 ? 95  ILE A CG1 1 
ATOM   719  C  CG2 . ILE A 1 94  ? -10.363 -11.195 -6.062  1.00 25.44 ? 95  ILE A CG2 1 
ATOM   720  C  CD1 . ILE A 1 94  ? -11.844 -8.800  -5.283  1.00 30.37 ? 95  ILE A CD1 1 
ATOM   721  N  N   . VAL A 1 95  ? -7.330  -11.609 -7.786  1.00 23.21 ? 96  VAL A N   1 
ATOM   722  C  CA  . VAL A 1 95  ? -6.586  -12.639 -8.471  1.00 23.51 ? 96  VAL A CA  1 
ATOM   723  C  C   . VAL A 1 95  ? -6.576  -13.811 -7.543  1.00 25.72 ? 96  VAL A C   1 
ATOM   724  O  O   . VAL A 1 95  ? -6.180  -13.639 -6.390  1.00 25.39 ? 96  VAL A O   1 
ATOM   725  C  CB  . VAL A 1 95  ? -5.131  -12.125 -8.684  1.00 24.17 ? 96  VAL A CB  1 
ATOM   726  C  CG1 . VAL A 1 95  ? -4.152  -13.232 -9.139  1.00 23.73 ? 96  VAL A CG1 1 
ATOM   727  C  CG2 . VAL A 1 95  ? -5.134  -10.984 -9.633  1.00 24.10 ? 96  VAL A CG2 1 
ATOM   728  N  N   . GLU A 1 96  ? -7.000  -14.997 -8.000  1.00 27.08 ? 97  GLU A N   1 
ATOM   729  C  CA  . GLU A 1 96  ? -6.804  -16.236 -7.217  1.00 28.73 ? 97  GLU A CA  1 
ATOM   730  C  C   . GLU A 1 96  ? -5.874  -17.257 -7.910  1.00 28.94 ? 97  GLU A C   1 
ATOM   731  O  O   . GLU A 1 96  ? -5.712  -18.396 -7.458  1.00 27.51 ? 97  GLU A O   1 
ATOM   732  C  CB  . GLU A 1 96  ? -8.147  -16.906 -6.843  1.00 30.79 ? 97  GLU A CB  1 
ATOM   733  C  CG  . GLU A 1 96  ? -9.219  -16.873 -7.920  1.00 33.56 ? 97  GLU A CG  1 
ATOM   734  C  CD  . GLU A 1 96  ? -10.557 -17.532 -7.496  1.00 38.70 ? 97  GLU A CD  1 
ATOM   735  O  OE1 . GLU A 1 96  ? -11.447 -16.811 -6.975  1.00 41.64 ? 97  GLU A OE1 1 
ATOM   736  O  OE2 . GLU A 1 96  ? -10.728 -18.752 -7.713  1.00 38.27 ? 97  GLU A OE2 1 
ATOM   737  N  N   . GLU A 1 97  ? -5.242  -16.841 -8.997  1.00 28.49 ? 98  GLU A N   1 
ATOM   738  C  CA  . GLU A 1 97  ? -4.244  -17.692 -9.649  1.00 28.45 ? 98  GLU A CA  1 
ATOM   739  C  C   . GLU A 1 97  ? -3.059  -18.103 -8.692  1.00 27.83 ? 98  GLU A C   1 
ATOM   740  O  O   . GLU A 1 97  ? -2.401  -17.265 -8.096  1.00 26.21 ? 98  GLU A O   1 
ATOM   741  C  CB  . GLU A 1 97  ? -3.748  -17.004 -10.908 1.00 28.85 ? 98  GLU A CB  1 
ATOM   742  C  CG  . GLU A 1 97  ? -3.091  -17.939 -11.878 1.00 31.07 ? 98  GLU A CG  1 
ATOM   743  C  CD  . GLU A 1 97  ? -1.629  -18.001 -11.594 1.00 33.40 ? 98  GLU A CD  1 
ATOM   744  O  OE1 . GLU A 1 97  ? -1.045  -16.885 -11.513 1.00 36.63 ? 98  GLU A OE1 1 
ATOM   745  O  OE2 . GLU A 1 97  ? -1.091  -19.125 -11.401 1.00 33.70 ? 98  GLU A OE2 1 
ATOM   746  N  N   . PRO A 1 98  ? -2.816  -19.400 -8.533  1.00 27.72 ? 99  PRO A N   1 
ATOM   747  C  CA  . PRO A 1 98  ? -1.933  -19.857 -7.440  1.00 27.60 ? 99  PRO A CA  1 
ATOM   748  C  C   . PRO A 1 98  ? -0.490  -19.351 -7.546  1.00 27.84 ? 99  PRO A C   1 
ATOM   749  O  O   . PRO A 1 98  ? 0.074   -19.048 -6.516  1.00 27.32 ? 99  PRO A O   1 
ATOM   750  C  CB  . PRO A 1 98  ? -2.006  -21.382 -7.536  1.00 28.51 ? 99  PRO A CB  1 
ATOM   751  C  CG  . PRO A 1 98  ? -2.418  -21.665 -8.934  1.00 28.33 ? 99  PRO A CG  1 
ATOM   752  C  CD  . PRO A 1 98  ? -3.387  -20.524 -9.297  1.00 26.93 ? 99  PRO A CD  1 
ATOM   753  N  N   . GLU A 1 99  ? 0.068   -19.198 -8.736  1.00 26.42 ? 100 GLU A N   1 
ATOM   754  C  CA  . GLU A 1 99  ? 1.436   -18.692 -8.832  1.00 27.66 ? 100 GLU A CA  1 
ATOM   755  C  C   . GLU A 1 99  ? 1.500   -17.257 -8.310  1.00 26.53 ? 100 GLU A C   1 
ATOM   756  O  O   . GLU A 1 99  ? 2.412   -16.902 -7.582  1.00 25.06 ? 100 GLU A O   1 
ATOM   757  C  CB  . GLU A 1 99  ? 1.948   -18.778 -10.264 1.00 28.07 ? 100 GLU A CB  1 
ATOM   758  C  CG  . GLU A 1 99  ? 3.372   -18.298 -10.441 1.00 32.13 ? 100 GLU A CG  1 
ATOM   759  N  N   . ALA A 1 100 ? 0.506   -16.450 -8.698  1.00 26.55 ? 101 ALA A N   1 
ATOM   760  C  CA  . ALA A 1 100 ? 0.420   -15.085 -8.255  1.00 25.79 ? 101 ALA A CA  1 
ATOM   761  C  C   . ALA A 1 100 ? 0.290   -14.982 -6.757  1.00 24.56 ? 101 ALA A C   1 
ATOM   762  O  O   . ALA A 1 100 ? 0.892   -14.084 -6.189  1.00 24.18 ? 101 ALA A O   1 
ATOM   763  C  CB  . ALA A 1 100 ? -0.681  -14.355 -8.908  1.00 26.17 ? 101 ALA A CB  1 
ATOM   764  N  N   . LEU A 1 101 ? -0.540  -15.827 -6.145  1.00 24.01 ? 102 LEU A N   1 
ATOM   765  C  CA  . LEU A 1 101 ? -0.714  -15.789 -4.690  1.00 24.41 ? 102 LEU A CA  1 
ATOM   766  C  C   . LEU A 1 101 ? 0.574   -16.123 -3.973  1.00 23.62 ? 102 LEU A C   1 
ATOM   767  O  O   . LEU A 1 101 ? 0.891   -15.538 -2.964  1.00 23.16 ? 102 LEU A O   1 
ATOM   768  C  CB  . LEU A 1 101 ? -1.758  -16.773 -4.212  1.00 24.89 ? 102 LEU A CB  1 
ATOM   769  C  CG  . LEU A 1 101 ? -3.198  -16.605 -4.718  1.00 26.74 ? 102 LEU A CG  1 
ATOM   770  C  CD1 . LEU A 1 101 ? -4.050  -17.744 -4.158  1.00 29.80 ? 102 LEU A CD1 1 
ATOM   771  C  CD2 . LEU A 1 101 ? -3.746  -15.236 -4.344  1.00 30.37 ? 102 LEU A CD2 1 
ATOM   772  N  N   . HIS A 1 102 ? 1.315   -17.074 -4.515  1.00 23.09 ? 103 HIS A N   1 
ATOM   773  C  CA  . HIS A 1 102 ? 2.539   -17.495 -3.885  1.00 23.25 ? 103 HIS A CA  1 
ATOM   774  C  C   . HIS A 1 102 ? 3.580   -16.328 -3.902  1.00 22.36 ? 103 HIS A C   1 
ATOM   775  O  O   . HIS A 1 102 ? 4.235   -16.067 -2.892  1.00 20.31 ? 103 HIS A O   1 
ATOM   776  C  CB  . HIS A 1 102 ? 3.091   -18.741 -4.602  1.00 23.92 ? 103 HIS A CB  1 
ATOM   777  C  CG  . HIS A 1 102 ? 4.401   -19.174 -4.068  1.00 23.29 ? 103 HIS A CG  1 
ATOM   778  N  ND1 . HIS A 1 102 ? 4.522   -19.723 -2.813  1.00 24.30 ? 103 HIS A ND1 1 
ATOM   779  C  CD2 . HIS A 1 102 ? 5.656   -19.042 -4.555  1.00 23.41 ? 103 HIS A CD2 1 
ATOM   780  C  CE1 . HIS A 1 102 ? 5.799   -19.984 -2.584  1.00 24.42 ? 103 HIS A CE1 1 
ATOM   781  N  NE2 . HIS A 1 102 ? 6.508   -19.579 -3.621  1.00 23.70 ? 103 HIS A NE2 1 
ATOM   782  N  N   . ARG A 1 103 ? 3.679   -15.618 -5.024  1.00 21.60 ? 104 ARG A N   1 
ATOM   783  C  CA  . ARG A 1 103 ? 4.483   -14.385 -5.111  1.00 21.78 ? 104 ARG A CA  1 
ATOM   784  C  C   . ARG A 1 103 ? 4.063   -13.296 -4.082  1.00 20.63 ? 104 ARG A C   1 
ATOM   785  O  O   . ARG A 1 103 ? 4.918   -12.622 -3.513  1.00 20.49 ? 104 ARG A O   1 
ATOM   786  C  CB  . ARG A 1 103 ? 4.399   -13.816 -6.540  1.00 22.87 ? 104 ARG A CB  1 
ATOM   787  C  CG  . ARG A 1 103 ? 5.001   -14.720 -7.610  1.00 26.20 ? 104 ARG A CG  1 
ATOM   788  C  CD  . ARG A 1 103 ? 5.352   -14.034 -8.929  1.00 31.74 ? 104 ARG A CD  1 
ATOM   789  N  NE  . ARG A 1 103 ? 4.138   -13.814 -9.712  1.00 38.68 ? 104 ARG A NE  1 
ATOM   790  C  CZ  . ARG A 1 103 ? 3.688   -14.566 -10.738 1.00 38.41 ? 104 ARG A CZ  1 
ATOM   791  N  NH1 . ARG A 1 103 ? 4.363   -15.587 -11.213 1.00 40.58 ? 104 ARG A NH1 1 
ATOM   792  N  NH2 . ARG A 1 103 ? 2.540   -14.249 -11.320 1.00 39.78 ? 104 ARG A NH2 1 
ATOM   793  N  N   . VAL A 1 104 ? 2.753   -13.133 -3.852  1.00 19.00 ? 105 VAL A N   1 
ATOM   794  C  CA  . VAL A 1 104 ? 2.238   -12.219 -2.819  1.00 18.28 ? 105 VAL A CA  1 
ATOM   795  C  C   . VAL A 1 104 ? 2.735   -12.703 -1.476  1.00 18.86 ? 105 VAL A C   1 
ATOM   796  O  O   . VAL A 1 104 ? 3.340   -11.925 -0.728  1.00 20.85 ? 105 VAL A O   1 
ATOM   797  C  CB  . VAL A 1 104 ? 0.658   -12.065 -2.872  1.00 18.15 ? 105 VAL A CB  1 
ATOM   798  C  CG1 . VAL A 1 104 ? 0.108   -11.366 -1.614  1.00 16.50 ? 105 VAL A CG1 1 
ATOM   799  C  CG2 . VAL A 1 104 ? 0.288   -11.284 -4.086  1.00 19.20 ? 105 VAL A CG2 1 
ATOM   800  N  N   . GLY A 1 105 ? 2.607   -14.008 -1.219  1.00 18.18 ? 106 GLY A N   1 
ATOM   801  C  CA  . GLY A 1 105 ? 2.950   -14.568 0.067   1.00 18.22 ? 106 GLY A CA  1 
ATOM   802  C  C   . GLY A 1 105 ? 4.439   -14.421 0.348   1.00 19.51 ? 106 GLY A C   1 
ATOM   803  O  O   . GLY A 1 105 ? 4.822   -14.071 1.460   1.00 18.18 ? 106 GLY A O   1 
ATOM   804  N  N   . VAL A 1 106 ? 5.257   -14.610 -0.697  1.00 18.33 ? 107 VAL A N   1 
ATOM   805  C  CA  . VAL A 1 106 ? 6.693   -14.520 -0.592  1.00 20.12 ? 107 VAL A CA  1 
ATOM   806  C  C   . VAL A 1 106 ? 7.164   -13.097 -0.371  1.00 19.11 ? 107 VAL A C   1 
ATOM   807  O  O   . VAL A 1 106 ? 8.149   -12.875 0.342   1.00 19.01 ? 107 VAL A O   1 
ATOM   808  C  CB  . VAL A 1 106 ? 7.356   -15.220 -1.804  1.00 20.91 ? 107 VAL A CB  1 
ATOM   809  C  CG1 . VAL A 1 106 ? 8.805   -14.804 -2.028  1.00 21.38 ? 107 VAL A CG1 1 
ATOM   810  C  CG2 . VAL A 1 106 ? 7.250   -16.777 -1.619  1.00 24.14 ? 107 VAL A CG2 1 
ATOM   811  N  N   . SER A 1 107 ? 6.500   -12.130 -1.012  1.00 18.58 ? 108 SER A N   1 
ATOM   812  C  CA  . SER A 1 107 ? 6.884   -10.746 -0.900  1.00 18.61 ? 108 SER A CA  1 
ATOM   813  C  C   . SER A 1 107 ? 6.563   -10.238 0.498   1.00 19.40 ? 108 SER A C   1 
ATOM   814  O  O   . SER A 1 107 ? 7.370   -9.519  1.086   1.00 19.97 ? 108 SER A O   1 
ATOM   815  C  CB  . SER A 1 107 ? 6.293   -9.855  -2.034  1.00 19.28 ? 108 SER A CB  1 
ATOM   816  O  OG  . SER A 1 107 ? 6.351   -8.503  -1.678  1.00 20.14 ? 108 SER A OG  1 
ATOM   817  N  N   . VAL A 1 108 ? 5.421   -10.637 1.052   1.00 18.20 ? 109 VAL A N   1 
ATOM   818  C  CA  . VAL A 1 108 ? 5.032   -10.261 2.366   1.00 19.07 ? 109 VAL A CA  1 
ATOM   819  C  C   . VAL A 1 108 ? 5.975   -10.884 3.407   1.00 18.41 ? 109 VAL A C   1 
ATOM   820  O  O   . VAL A 1 108 ? 6.359   -10.227 4.371   1.00 16.42 ? 109 VAL A O   1 
ATOM   821  C  CB  . VAL A 1 108 ? 3.560   -10.682 2.708   1.00 19.85 ? 109 VAL A CB  1 
ATOM   822  C  CG1 . VAL A 1 108 ? 3.334   -10.634 4.227   1.00 20.98 ? 109 VAL A CG1 1 
ATOM   823  C  CG2 . VAL A 1 108 ? 2.522   -9.777  1.968   1.00 20.04 ? 109 VAL A CG2 1 
ATOM   824  N  N   . TRP A 1 109 ? 6.326   -12.140 3.185   1.00 18.28 ? 110 TRP A N   1 
ATOM   825  C  CA  . TRP A 1 109 ? 7.283   -12.840 4.002   1.00 18.95 ? 110 TRP A CA  1 
ATOM   826  C  C   . TRP A 1 109 ? 8.639   -12.154 4.021   1.00 18.83 ? 110 TRP A C   1 
ATOM   827  O  O   . TRP A 1 109 ? 9.189   -11.932 5.082   1.00 20.26 ? 110 TRP A O   1 
ATOM   828  C  CB  . TRP A 1 109 ? 7.446   -14.268 3.547   1.00 18.28 ? 110 TRP A CB  1 
ATOM   829  C  CG  . TRP A 1 109 ? 8.377   -15.056 4.384   1.00 22.35 ? 110 TRP A CG  1 
ATOM   830  C  CD1 . TRP A 1 109 ? 9.743   -15.161 4.270   1.00 24.02 ? 110 TRP A CD1 1 
ATOM   831  C  CD2 . TRP A 1 109 ? 8.000   -15.885 5.456   1.00 20.45 ? 110 TRP A CD2 1 
ATOM   832  N  NE1 . TRP A 1 109 ? 10.218  -16.030 5.223   1.00 26.48 ? 110 TRP A NE1 1 
ATOM   833  C  CE2 . TRP A 1 109 ? 9.156   -16.468 5.968   1.00 23.23 ? 110 TRP A CE2 1 
ATOM   834  C  CE3 . TRP A 1 109 ? 6.752   -16.229 6.027   1.00 26.26 ? 110 TRP A CE3 1 
ATOM   835  C  CZ2 . TRP A 1 109 ? 9.121   -17.366 7.035   1.00 26.84 ? 110 TRP A CZ2 1 
ATOM   836  C  CZ3 . TRP A 1 109 ? 6.719   -17.088 7.077   1.00 24.85 ? 110 TRP A CZ3 1 
ATOM   837  C  CH2 . TRP A 1 109 ? 7.906   -17.657 7.575   1.00 23.90 ? 110 TRP A CH2 1 
ATOM   838  N  N   . GLU A 1 110 ? 9.135   -11.767 2.877   1.00 17.37 ? 111 GLU A N   1 
ATOM   839  C  CA  . GLU A 1 110 ? 10.403  -11.127 2.780   1.00 17.91 ? 111 GLU A CA  1 
ATOM   840  C  C   . GLU A 1 110 ? 10.395  -9.694  3.311   1.00 18.81 ? 111 GLU A C   1 
ATOM   841  O  O   . GLU A 1 110 ? 11.377  -9.236  3.894   1.00 17.33 ? 111 GLU A O   1 
ATOM   842  C  CB  . GLU A 1 110 ? 10.883  -11.179 1.349   1.00 19.04 ? 111 GLU A CB  1 
ATOM   843  C  CG  . GLU A 1 110 ? 11.337  -12.606 0.979   1.00 24.40 ? 111 GLU A CG  1 
ATOM   844  C  CD  . GLU A 1 110 ? 12.134  -12.684 -0.300  1.00 31.65 ? 111 GLU A CD  1 
ATOM   845  O  OE1 . GLU A 1 110 ? 11.820  -11.912 -1.233  1.00 36.32 ? 111 GLU A OE1 1 
ATOM   846  O  OE2 . GLU A 1 110 ? 13.039  -13.563 -0.384  1.00 38.52 ? 111 GLU A OE2 1 
ATOM   847  N  N   . ARG A 1 111 ? 9.243   -9.030  3.206   1.00 18.10 ? 112 ARG A N   1 
ATOM   848  C  CA  . ARG A 1 111 ? 9.117   -7.667  3.568   1.00 19.00 ? 112 ARG A CA  1 
ATOM   849  C  C   . ARG A 1 111 ? 8.973   -7.527  5.099   1.00 18.92 ? 112 ARG A C   1 
ATOM   850  O  O   . ARG A 1 111 ? 9.423   -6.552  5.679   1.00 19.61 ? 112 ARG A O   1 
ATOM   851  C  CB  . ARG A 1 111 ? 7.994   -6.965  2.804   1.00 16.84 ? 112 ARG A CB  1 
ATOM   852  C  CG  . ARG A 1 111 ? 8.355   -6.565  1.360   1.00 19.24 ? 112 ARG A CG  1 
ATOM   853  C  CD  . ARG A 1 111 ? 7.155   -6.113  0.495   1.00 17.01 ? 112 ARG A CD  1 
ATOM   854  N  NE  . ARG A 1 111 ? 6.381   -5.139  1.254   1.00 19.35 ? 112 ARG A NE  1 
ATOM   855  C  CZ  . ARG A 1 111 ? 6.744   -3.880  1.516   1.00 18.02 ? 112 ARG A CZ  1 
ATOM   856  N  NH1 . ARG A 1 111 ? 7.816   -3.305  0.980   1.00 18.76 ? 112 ARG A NH1 1 
ATOM   857  N  NH2 . ARG A 1 111 ? 5.996   -3.156  2.319   1.00 17.78 ? 112 ARG A NH2 1 
ATOM   858  N  N   . TYR A 1 112 ? 8.376   -8.505  5.746   1.00 20.26 ? 113 TYR A N   1 
ATOM   859  C  CA  . TYR A 1 112 ? 8.013   -8.348  7.130   1.00 21.31 ? 113 TYR A CA  1 
ATOM   860  C  C   . TYR A 1 112 ? 8.513   -9.442  8.051   1.00 22.69 ? 113 TYR A C   1 
ATOM   861  O  O   . TYR A 1 112 ? 8.317   -9.340  9.275   1.00 23.40 ? 113 TYR A O   1 
ATOM   862  C  CB  . TYR A 1 112 ? 6.496   -8.212  7.290   1.00 20.82 ? 113 TYR A CB  1 
ATOM   863  C  CG  . TYR A 1 112 ? 5.858   -7.052  6.539   1.00 18.53 ? 113 TYR A CG  1 
ATOM   864  C  CD1 . TYR A 1 112 ? 5.718   -5.778  7.111   1.00 19.66 ? 113 TYR A CD1 1 
ATOM   865  C  CD2 . TYR A 1 112 ? 5.337   -7.249  5.274   1.00 18.10 ? 113 TYR A CD2 1 
ATOM   866  C  CE1 . TYR A 1 112 ? 5.106   -4.752  6.398   1.00 18.97 ? 113 TYR A CE1 1 
ATOM   867  C  CE2 . TYR A 1 112 ? 4.748   -6.218  4.554   1.00 17.44 ? 113 TYR A CE2 1 
ATOM   868  C  CZ  . TYR A 1 112 ? 4.629   -5.000  5.105   1.00 15.64 ? 113 TYR A CZ  1 
ATOM   869  O  OH  . TYR A 1 112 ? 4.020   -4.020  4.371   1.00 17.49 ? 113 TYR A OH  1 
ATOM   870  N  N   . THR A 1 113 ? 9.114   -10.493 7.491   1.00 23.90 ? 114 THR A N   1 
ATOM   871  C  CA  . THR A 1 113 ? 9.535   -11.624 8.289   1.00 25.07 ? 114 THR A CA  1 
ATOM   872  C  C   . THR A 1 113 ? 11.035  -11.867 8.188   1.00 26.84 ? 114 THR A C   1 
ATOM   873  O  O   . THR A 1 113 ? 11.705  -11.962 9.230   1.00 28.15 ? 114 THR A O   1 
ATOM   874  C  CB  . THR A 1 113 ? 8.719   -12.921 7.980   1.00 25.35 ? 114 THR A CB  1 
ATOM   875  O  OG1 . THR A 1 113 ? 7.362   -12.742 8.411   1.00 22.44 ? 114 THR A OG1 1 
ATOM   876  C  CG2 . THR A 1 113 ? 9.231   -14.085 8.823   1.00 24.90 ? 114 THR A CG2 1 
ATOM   877  N  N   . GLY A 1 114 ? 11.559  -11.928 6.975   1.00 27.40 ? 115 GLY A N   1 
ATOM   878  C  CA  . GLY A 1 114 ? 12.896  -12.414 6.696   1.00 28.23 ? 115 GLY A CA  1 
ATOM   879  C  C   . GLY A 1 114 ? 13.031  -12.999 5.275   1.00 28.65 ? 115 GLY A C   1 
ATOM   880  O  O   . GLY A 1 114 ? 12.066  -13.075 4.505   1.00 29.33 ? 115 GLY A O   1 
ATOM   881  N  N   . PRO A 1 115 ? 14.229  -13.409 4.892   1.00 29.30 ? 116 PRO A N   1 
ATOM   882  C  CA  . PRO A 1 115 ? 14.396  -14.062 3.591   1.00 28.54 ? 116 PRO A CA  1 
ATOM   883  C  C   . PRO A 1 115 ? 13.572  -15.348 3.486   1.00 27.66 ? 116 PRO A C   1 
ATOM   884  O  O   . PRO A 1 115 ? 13.367  -16.092 4.444   1.00 27.03 ? 116 PRO A O   1 
ATOM   885  C  CB  . PRO A 1 115 ? 15.901  -14.350 3.532   1.00 30.21 ? 116 PRO A CB  1 
ATOM   886  C  CG  . PRO A 1 115 ? 16.515  -13.455 4.555   1.00 30.33 ? 116 PRO A CG  1 
ATOM   887  C  CD  . PRO A 1 115 ? 15.513  -13.289 5.625   1.00 29.46 ? 116 PRO A CD  1 
ATOM   888  N  N   . TYR A 1 116 ? 13.051  -15.569 2.294   1.00 27.20 ? 117 TYR A N   1 
ATOM   889  C  CA  . TYR A 1 116 ? 12.259  -16.745 1.996   1.00 27.35 ? 117 TYR A CA  1 
ATOM   890  C  C   . TYR A 1 116 ? 13.214  -17.903 1.546   1.00 26.67 ? 117 TYR A C   1 
ATOM   891  O  O   . TYR A 1 116 ? 14.154  -17.694 0.768   1.00 27.13 ? 117 TYR A O   1 
ATOM   892  C  CB  . TYR A 1 116 ? 11.223  -16.409 0.915   1.00 26.82 ? 117 TYR A CB  1 
ATOM   893  C  CG  . TYR A 1 116 ? 10.384  -17.624 0.508   1.00 26.72 ? 117 TYR A CG  1 
ATOM   894  C  CD1 . TYR A 1 116 ? 9.380   -18.153 1.374   1.00 24.29 ? 117 TYR A CD1 1 
ATOM   895  C  CD2 . TYR A 1 116 ? 10.624  -18.284 -0.677  1.00 24.67 ? 117 TYR A CD2 1 
ATOM   896  C  CE1 . TYR A 1 116 ? 8.668   -19.297 1.013   1.00 22.59 ? 117 TYR A CE1 1 
ATOM   897  C  CE2 . TYR A 1 116 ? 9.911   -19.440 -1.025  1.00 24.53 ? 117 TYR A CE2 1 
ATOM   898  C  CZ  . TYR A 1 116 ? 8.923   -19.913 -0.176  1.00 25.42 ? 117 TYR A CZ  1 
ATOM   899  O  OH  . TYR A 1 116 ? 8.175   -21.011 -0.552  1.00 24.46 ? 117 TYR A OH  1 
ATOM   900  N  N   . THR A 1 117 ? 12.978  -19.094 2.079   1.00 27.30 ? 118 THR A N   1 
ATOM   901  C  CA  . THR A 1 117 ? 13.576  -20.345 1.549   1.00 27.87 ? 118 THR A CA  1 
ATOM   902  C  C   . THR A 1 117 ? 12.466  -21.377 1.351   1.00 28.38 ? 118 THR A C   1 
ATOM   903  O  O   . THR A 1 117 ? 11.393  -21.282 1.968   1.00 28.94 ? 118 THR A O   1 
ATOM   904  C  CB  . THR A 1 117 ? 14.569  -20.977 2.534   1.00 27.35 ? 118 THR A CB  1 
ATOM   905  O  OG1 . THR A 1 117 ? 13.895  -21.204 3.767   1.00 28.37 ? 118 THR A OG1 1 
ATOM   906  C  CG2 . THR A 1 117 ? 15.662  -20.051 2.912   1.00 27.14 ? 118 THR A CG2 1 
ATOM   907  N  N   . ASP A 1 118 ? 12.766  -22.404 0.551   1.00 29.63 ? 119 ASP A N   1 
ATOM   908  C  CA  . ASP A 1 118 ? 11.801  -23.463 0.240   1.00 30.03 ? 119 ASP A CA  1 
ATOM   909  C  C   . ASP A 1 118 ? 11.221  -24.079 1.498   1.00 30.53 ? 119 ASP A C   1 
ATOM   910  O  O   . ASP A 1 118 ? 10.060  -24.433 1.498   1.00 30.23 ? 119 ASP A O   1 
ATOM   911  C  CB  . ASP A 1 118 ? 12.418  -24.543 -0.640  1.00 30.98 ? 119 ASP A CB  1 
ATOM   912  C  CG  . ASP A 1 118 ? 12.768  -24.030 -2.030  1.00 31.31 ? 119 ASP A CG  1 
ATOM   913  O  OD1 . ASP A 1 118 ? 12.160  -23.019 -2.456  1.00 33.23 ? 119 ASP A OD1 1 
ATOM   914  O  OD2 . ASP A 1 118 ? 13.631  -24.579 -2.764  1.00 37.42 ? 119 ASP A OD2 1 
ATOM   915  N  N   . GLU A 1 119 ? 11.987  -24.156 2.588   1.00 31.58 ? 120 GLU A N   1 
ATOM   916  C  CA  . GLU A 1 119 ? 11.450  -24.672 3.864   1.00 32.80 ? 120 GLU A CA  1 
ATOM   917  C  C   . GLU A 1 119 ? 10.408  -23.759 4.560   1.00 33.11 ? 120 GLU A C   1 
ATOM   918  O  O   . GLU A 1 119 ? 9.644   -24.228 5.392   1.00 33.14 ? 120 GLU A O   1 
ATOM   919  C  CB  . GLU A 1 119 ? 12.550  -25.117 4.851   1.00 33.43 ? 120 GLU A CB  1 
ATOM   920  C  CG  . GLU A 1 119 ? 13.832  -24.305 4.830   1.00 36.05 ? 120 GLU A CG  1 
HETATM 921  N  N   . CSX A 1 120 ? 10.331  -22.476 4.194   1.00 33.75 ? 121 CSX A N   1 
HETATM 922  C  CA  . CSX A 1 120 ? 9.180   -21.649 4.613   1.00 33.22 ? 121 CSX A CA  1 
HETATM 923  C  CB  . CSX A 1 120 ? 9.560   -20.186 4.449   1.00 33.88 ? 121 CSX A CB  1 
HETATM 924  S  SG  . CSX A 1 120 ? 11.166  -19.789 5.251   1.00 32.93 ? 121 CSX A SG  1 
HETATM 925  C  C   . CSX A 1 120 ? 7.889   -21.919 3.837   1.00 33.55 ? 121 CSX A C   1 
HETATM 926  O  O   . CSX A 1 120 ? 6.846   -21.409 4.251   1.00 32.40 ? 121 CSX A O   1 
HETATM 927  O  OD  . CSX A 1 120 ? 11.112  -20.337 7.011   1.00 34.42 ? 121 CSX A OD  1 
ATOM   928  N  N   . LYS A 1 121 ? 7.920   -22.709 2.747   1.00 32.93 ? 122 LYS A N   1 
ATOM   929  C  CA  . LYS A 1 121 ? 6.748   -22.868 1.892   1.00 32.84 ? 122 LYS A CA  1 
ATOM   930  C  C   . LYS A 1 121 ? 5.472   -23.254 2.657   1.00 32.50 ? 122 LYS A C   1 
ATOM   931  O  O   . LYS A 1 121 ? 4.473   -22.622 2.429   1.00 29.89 ? 122 LYS A O   1 
ATOM   932  C  CB  . LYS A 1 121 ? 6.985   -23.833 0.740   1.00 34.16 ? 122 LYS A CB  1 
ATOM   933  C  CG  . LYS A 1 121 ? 5.847   -23.814 -0.319  1.00 34.69 ? 122 LYS A CG  1 
ATOM   934  C  CD  . LYS A 1 121 ? 6.418   -23.803 -1.749  1.00 37.13 ? 122 LYS A CD  1 
ATOM   935  C  CE  . LYS A 1 121 ? 5.294   -23.824 -2.849  1.00 37.38 ? 122 LYS A CE  1 
ATOM   936  N  NZ  . LYS A 1 121 ? 3.990   -24.357 -2.397  1.00 32.95 ? 122 LYS A NZ  1 
ATOM   937  N  N   . PRO A 1 122 ? 5.460   -24.258 3.552   1.00 33.44 ? 123 PRO A N   1 
ATOM   938  C  CA  . PRO A 1 122 ? 4.182   -24.609 4.223   1.00 33.79 ? 123 PRO A CA  1 
ATOM   939  C  C   . PRO A 1 122 ? 3.561   -23.440 4.989   1.00 33.47 ? 123 PRO A C   1 
ATOM   940  O  O   . PRO A 1 122 ? 2.348   -23.391 5.180   1.00 33.93 ? 123 PRO A O   1 
ATOM   941  C  CB  . PRO A 1 122 ? 4.574   -25.722 5.216   1.00 34.17 ? 123 PRO A CB  1 
ATOM   942  C  CG  . PRO A 1 122 ? 5.835   -26.283 4.710   1.00 34.21 ? 123 PRO A CG  1 
ATOM   943  C  CD  . PRO A 1 122 ? 6.556   -25.145 3.997   1.00 33.52 ? 123 PRO A CD  1 
HETATM 944  N  N   . MSE A 1 123 ? 4.405   -22.544 5.459   1.00 33.36 ? 124 MSE A N   1 
HETATM 945  C  CA  . MSE A 1 123 ? 3.979   -21.416 6.273   1.00 34.22 ? 124 MSE A CA  1 
HETATM 946  C  C   . MSE A 1 123 ? 3.404   -20.273 5.407   1.00 32.82 ? 124 MSE A C   1 
HETATM 947  O  O   . MSE A 1 123 ? 2.391   -19.674 5.733   1.00 32.33 ? 124 MSE A O   1 
HETATM 948  C  CB  . MSE A 1 123 ? 5.148   -20.982 7.136   1.00 35.26 ? 124 MSE A CB  1 
HETATM 949  C  CG  . MSE A 1 123 ? 5.486   -22.048 8.245   1.00 40.16 ? 124 MSE A CG  1 
HETATM 950  SE SE  . MSE A 1 123 ? 6.631   -21.288 9.678   0.50 48.39 ? 124 MSE A SE  1 
HETATM 951  C  CE  . MSE A 1 123 ? 5.443   -19.965 10.279  1.00 48.38 ? 124 MSE A CE  1 
ATOM   952  N  N   . VAL A 1 124 ? 4.018   -20.060 4.267   1.00 31.06 ? 125 VAL A N   1 
ATOM   953  C  CA  . VAL A 1 124 ? 3.504   -19.157 3.233   1.00 30.46 ? 125 VAL A CA  1 
ATOM   954  C  C   . VAL A 1 124 ? 2.241   -19.744 2.586   1.00 30.39 ? 125 VAL A C   1 
ATOM   955  O  O   . VAL A 1 124 ? 1.275   -19.025 2.378   1.00 29.11 ? 125 VAL A O   1 
ATOM   956  C  CB  . VAL A 1 124 ? 4.604   -18.864 2.208   1.00 29.54 ? 125 VAL A CB  1 
ATOM   957  C  CG1 . VAL A 1 124 ? 4.105   -17.926 1.049   1.00 29.09 ? 125 VAL A CG1 1 
ATOM   958  C  CG2 . VAL A 1 124 ? 5.774   -18.212 2.921   1.00 30.34 ? 125 VAL A CG2 1 
ATOM   959  N  N   . ASP A 1 125 ? 2.232   -21.048 2.320   1.00 30.36 ? 126 ASP A N   1 
ATOM   960  C  CA  . ASP A 1 125 ? 1.017   -21.749 1.868   1.00 31.48 ? 126 ASP A CA  1 
ATOM   961  C  C   . ASP A 1 125 ? -0.126  -21.491 2.846   1.00 31.79 ? 126 ASP A C   1 
ATOM   962  O  O   . ASP A 1 125 ? -1.245  -21.269 2.439   1.00 32.02 ? 126 ASP A O   1 
ATOM   963  C  CB  . ASP A 1 125 ? 1.235   -23.293 1.733   1.00 31.56 ? 126 ASP A CB  1 
ATOM   964  C  CG  . ASP A 1 125 ? 2.059   -23.714 0.473   1.00 35.00 ? 126 ASP A CG  1 
ATOM   965  O  OD1 . ASP A 1 125 ? 2.209   -22.922 -0.516  1.00 36.50 ? 126 ASP A OD1 1 
ATOM   966  O  OD2 . ASP A 1 125 ? 2.613   -24.870 0.402   1.00 36.74 ? 126 ASP A OD2 1 
ATOM   967  N  N   . GLN A 1 126 ? 0.159   -21.519 4.151   1.00 32.14 ? 127 GLN A N   1 
ATOM   968  C  CA  . GLN A 1 126 ? -0.886  -21.366 5.161   1.00 32.88 ? 127 GLN A CA  1 
ATOM   969  C  C   . GLN A 1 126 ? -1.372  -19.923 5.340   1.00 31.36 ? 127 GLN A C   1 
ATOM   970  O  O   . GLN A 1 126 ? -2.556  -19.683 5.531   1.00 31.42 ? 127 GLN A O   1 
ATOM   971  C  CB  . GLN A 1 126 ? -0.405  -21.906 6.517   1.00 33.54 ? 127 GLN A CB  1 
ATOM   972  C  CG  . GLN A 1 126 ? -1.492  -22.474 7.401   1.00 37.07 ? 127 GLN A CG  1 
ATOM   973  C  CD  . GLN A 1 126 ? -0.898  -22.927 8.741   1.00 40.42 ? 127 GLN A CD  1 
ATOM   974  O  OE1 . GLN A 1 126 ? -0.484  -24.087 8.887   1.00 43.96 ? 127 GLN A OE1 1 
ATOM   975  N  NE2 . GLN A 1 126 ? -0.825  -22.009 9.689   1.00 40.41 ? 127 GLN A NE2 1 
HETATM 976  N  N   . MSE A 1 127 ? -0.462  -18.977 5.271   1.00 30.67 ? 128 MSE A N   1 
HETATM 977  C  CA  . MSE A 1 127 ? -0.806  -17.554 5.256   1.00 31.51 ? 128 MSE A CA  1 
HETATM 978  C  C   . MSE A 1 127 ? -1.785  -17.254 4.091   1.00 30.55 ? 128 MSE A C   1 
HETATM 979  O  O   . MSE A 1 127 ? -2.737  -16.470 4.245   1.00 30.94 ? 128 MSE A O   1 
HETATM 980  C  CB  . MSE A 1 127 ? 0.473   -16.704 5.134   1.00 32.20 ? 128 MSE A CB  1 
HETATM 981  C  CG  . MSE A 1 127 ? 0.280   -15.204 4.755   1.00 35.18 ? 128 MSE A CG  1 
HETATM 982  SE SE  . MSE A 1 127 ? 1.939   -14.440 3.924   0.50 42.11 ? 128 MSE A SE  1 
HETATM 983  C  CE  . MSE A 1 127 ? 3.042   -14.475 5.526   1.00 40.41 ? 128 MSE A CE  1 
HETATM 984  N  N   . MSE A 1 128 ? -1.562  -17.898 2.958   1.00 28.70 ? 129 MSE A N   1 
HETATM 985  C  CA  . MSE A 1 128 ? -2.282  -17.566 1.718   1.00 28.90 ? 129 MSE A CA  1 
HETATM 986  C  C   . MSE A 1 128 ? -3.488  -18.490 1.425   1.00 29.00 ? 129 MSE A C   1 
HETATM 987  O  O   . MSE A 1 128 ? -4.183  -18.298 0.438   1.00 28.34 ? 129 MSE A O   1 
HETATM 988  C  CB  . MSE A 1 128 ? -1.314  -17.609 0.545   1.00 27.92 ? 129 MSE A CB  1 
HETATM 989  C  CG  . MSE A 1 128 ? -0.242  -16.564 0.562   1.00 27.26 ? 129 MSE A CG  1 
HETATM 990  SE SE  . MSE A 1 128 ? -0.897  -14.710 0.800   0.60 26.11 ? 129 MSE A SE  1 
HETATM 991  C  CE  . MSE A 1 128 ? -1.823  -14.507 -0.974  1.00 27.55 ? 129 MSE A CE  1 
ATOM   992  N  N   . ASN A 1 129 ? -3.687  -19.478 2.295   1.00 29.72 ? 130 ASN A N   1 
ATOM   993  C  CA  . ASN A 1 129 ? -4.810  -20.430 2.245   1.00 31.96 ? 130 ASN A CA  1 
ATOM   994  C  C   . ASN A 1 129 ? -6.186  -19.743 2.332   1.00 31.34 ? 130 ASN A C   1 
ATOM   995  O  O   . ASN A 1 129 ? -6.461  -19.037 3.279   1.00 30.67 ? 130 ASN A O   1 
ATOM   996  C  CB  . ASN A 1 129 ? -4.659  -21.434 3.404   1.00 32.38 ? 130 ASN A CB  1 
ATOM   997  C  CG  . ASN A 1 129 ? -5.731  -22.504 3.391   1.00 36.99 ? 130 ASN A CG  1 
ATOM   998  O  OD1 . ASN A 1 129 ? -6.457  -22.696 4.387   1.00 42.32 ? 130 ASN A OD1 1 
ATOM   999  N  ND2 . ASN A 1 129 ? -5.850  -23.202 2.262   1.00 35.58 ? 130 ASN A ND2 1 
ATOM   1000 N  N   . LYS A 1 130 ? -7.028  -19.917 1.319   1.00 32.83 ? 131 LYS A N   1 
ATOM   1001 C  CA  . LYS A 1 130 ? -8.375  -19.278 1.252   1.00 33.42 ? 131 LYS A CA  1 
ATOM   1002 C  C   . LYS A 1 130 ? -8.282  -17.750 1.158   1.00 31.45 ? 131 LYS A C   1 
ATOM   1003 O  O   . LYS A 1 130 ? -9.202  -17.012 1.577   1.00 29.61 ? 131 LYS A O   1 
ATOM   1004 C  CB  . LYS A 1 130 ? -9.280  -19.645 2.457   1.00 34.78 ? 131 LYS A CB  1 
ATOM   1005 C  CG  . LYS A 1 130 ? -9.233  -21.094 2.928   1.00 38.90 ? 131 LYS A CG  1 
ATOM   1006 C  CD  . LYS A 1 130 ? -10.248 -21.985 2.210   1.00 43.17 ? 131 LYS A CD  1 
ATOM   1007 C  CE  . LYS A 1 130 ? -10.411 -23.341 2.926   1.00 43.86 ? 131 LYS A CE  1 
ATOM   1008 N  NZ  . LYS A 1 130 ? -9.762  -24.471 2.228   1.00 44.44 ? 131 LYS A NZ  1 
ATOM   1009 N  N   . ARG A 1 131 ? -7.146  -17.274 0.666   1.00 28.91 ? 132 ARG A N   1 
ATOM   1010 C  CA  . ARG A 1 131 ? -6.978  -15.858 0.469   1.00 28.54 ? 132 ARG A CA  1 
ATOM   1011 C  C   . ARG A 1 131 ? -6.909  -15.556 -1.021  1.00 27.24 ? 132 ARG A C   1 
ATOM   1012 O  O   . ARG A 1 131 ? -6.683  -16.439 -1.838  1.00 26.05 ? 132 ARG A O   1 
ATOM   1013 C  CB  . ARG A 1 131 ? -5.754  -15.352 1.219   1.00 29.14 ? 132 ARG A CB  1 
ATOM   1014 C  CG  . ARG A 1 131 ? -5.920  -15.533 2.721   1.00 32.07 ? 132 ARG A CG  1 
ATOM   1015 C  CD  . ARG A 1 131 ? -5.109  -14.609 3.552   1.00 38.75 ? 132 ARG A CD  1 
ATOM   1016 N  NE  . ARG A 1 131 ? -5.274  -14.887 4.985   1.00 44.17 ? 132 ARG A NE  1 
ATOM   1017 C  CZ  . ARG A 1 131 ? -5.627  -13.973 5.908   1.00 47.25 ? 132 ARG A CZ  1 
ATOM   1018 N  NH1 . ARG A 1 131 ? -5.870  -12.692 5.587   1.00 45.29 ? 132 ARG A NH1 1 
ATOM   1019 N  NH2 . ARG A 1 131 ? -5.730  -14.355 7.184   1.00 49.27 ? 132 ARG A NH2 1 
ATOM   1020 N  N   . VAL A 1 132 ? -7.186  -14.316 -1.356  1.00 26.38 ? 133 VAL A N   1 
ATOM   1021 C  CA  . VAL A 1 132 ? -6.990  -13.814 -2.719  1.00 25.86 ? 133 VAL A CA  1 
ATOM   1022 C  C   . VAL A 1 132 ? -5.917  -12.732 -2.722  1.00 25.23 ? 133 VAL A C   1 
ATOM   1023 O  O   . VAL A 1 132 ? -5.604  -12.151 -1.698  1.00 24.14 ? 133 VAL A O   1 
ATOM   1024 C  CB  . VAL A 1 132 ? -8.293  -13.261 -3.335  1.00 25.97 ? 133 VAL A CB  1 
ATOM   1025 C  CG1 . VAL A 1 132 ? -9.341  -14.358 -3.393  1.00 27.82 ? 133 VAL A CG1 1 
ATOM   1026 C  CG2 . VAL A 1 132 ? -8.820  -12.043 -2.601  1.00 27.01 ? 133 VAL A CG2 1 
ATOM   1027 N  N   . GLY A 1 133 ? -5.358  -12.478 -3.893  1.00 24.23 ? 134 GLY A N   1 
ATOM   1028 C  CA  . GLY A 1 133 ? -4.459  -11.368 -4.109  1.00 23.46 ? 134 GLY A CA  1 
ATOM   1029 C  C   . GLY A 1 133 ? -5.265  -10.164 -4.586  1.00 23.80 ? 134 GLY A C   1 
ATOM   1030 O  O   . GLY A 1 133 ? -6.264  -10.343 -5.283  1.00 23.63 ? 134 GLY A O   1 
ATOM   1031 N  N   . VAL A 1 134 ? -4.834  -8.950  -4.206  1.00 22.58 ? 135 VAL A N   1 
ATOM   1032 C  CA  . VAL A 1 134 ? -5.463  -7.735  -4.665  1.00 22.71 ? 135 VAL A CA  1 
ATOM   1033 C  C   . VAL A 1 134 ? -4.397  -6.854  -5.272  1.00 22.03 ? 135 VAL A C   1 
ATOM   1034 O  O   . VAL A 1 134 ? -3.568  -6.276  -4.568  1.00 22.16 ? 135 VAL A O   1 
ATOM   1035 C  CB  . VAL A 1 134 ? -6.207  -6.996  -3.507  1.00 22.75 ? 135 VAL A CB  1 
ATOM   1036 C  CG1 . VAL A 1 134 ? -6.726  -5.622  -3.985  1.00 24.80 ? 135 VAL A CG1 1 
ATOM   1037 C  CG2 . VAL A 1 134 ? -7.375  -7.833  -3.003  1.00 23.51 ? 135 VAL A CG2 1 
ATOM   1038 N  N   . ARG A 1 135 ? -4.388  -6.776  -6.580  1.00 21.43 ? 136 ARG A N   1 
ATOM   1039 C  CA  . ARG A 1 135 ? -3.442  -5.958  -7.270  1.00 22.82 ? 136 ARG A CA  1 
ATOM   1040 C  C   . ARG A 1 135 ? -3.982  -4.536  -7.412  1.00 22.61 ? 136 ARG A C   1 
ATOM   1041 O  O   . ARG A 1 135 ? -5.022  -4.333  -7.973  1.00 22.28 ? 136 ARG A O   1 
ATOM   1042 C  CB  . ARG A 1 135 ? -3.156  -6.588  -8.632  1.00 23.39 ? 136 ARG A CB  1 
ATOM   1043 C  CG  . ARG A 1 135 ? -2.260  -5.838  -9.608  1.00 27.33 ? 136 ARG A CG  1 
ATOM   1044 C  CD  . ARG A 1 135 ? -2.254  -6.600  -10.972 1.00 35.02 ? 136 ARG A CD  1 
ATOM   1045 N  NE  . ARG A 1 135 ? -1.892  -5.849  -12.154 1.00 40.72 ? 136 ARG A NE  1 
ATOM   1046 C  CZ  . ARG A 1 135 ? -2.730  -5.423  -13.134 1.00 44.70 ? 136 ARG A CZ  1 
ATOM   1047 N  NH1 . ARG A 1 135 ? -4.059  -5.648  -13.156 1.00 43.73 ? 136 ARG A NH1 1 
ATOM   1048 N  NH2 . ARG A 1 135 ? -2.195  -4.762  -14.150 1.00 45.86 ? 136 ARG A NH2 1 
ATOM   1049 N  N   . ILE A 1 136 ? -3.227  -3.569  -6.905  1.00 22.19 ? 137 ILE A N   1 
ATOM   1050 C  CA  . ILE A 1 136 ? -3.564  -2.151  -7.007  1.00 22.61 ? 137 ILE A CA  1 
ATOM   1051 C  C   . ILE A 1 136 ? -2.948  -1.546  -8.266  1.00 22.55 ? 137 ILE A C   1 
ATOM   1052 O  O   . ILE A 1 136 ? -1.711  -1.507  -8.468  1.00 22.75 ? 137 ILE A O   1 
ATOM   1053 C  CB  . ILE A 1 136 ? -3.160  -1.422  -5.737  1.00 22.37 ? 137 ILE A CB  1 
ATOM   1054 C  CG1 . ILE A 1 136 ? -3.940  -2.093  -4.589  1.00 24.58 ? 137 ILE A CG1 1 
ATOM   1055 C  CG2 . ILE A 1 136 ? -3.438  0.113   -5.875  1.00 24.99 ? 137 ILE A CG2 1 
ATOM   1056 C  CD1 . ILE A 1 136 ? -3.737  -1.542  -3.236  1.00 29.00 ? 137 ILE A CD1 1 
ATOM   1057 N  N   . VAL A 1 137 ? -3.830  -1.087  -9.135  1.00 21.65 ? 138 VAL A N   1 
ATOM   1058 C  CA  . VAL A 1 137 ? -3.396  -0.406  -10.346 1.00 22.85 ? 138 VAL A CA  1 
ATOM   1059 C  C   . VAL A 1 137 ? -3.755  1.067   -10.270 1.00 23.14 ? 138 VAL A C   1 
ATOM   1060 O  O   . VAL A 1 137 ? -4.924  1.417   -10.217 1.00 22.36 ? 138 VAL A O   1 
ATOM   1061 C  CB  . VAL A 1 137 ? -4.060  -0.988  -11.568 1.00 22.89 ? 138 VAL A CB  1 
ATOM   1062 C  CG1 . VAL A 1 137 ? -3.474  -0.290  -12.828 1.00 24.56 ? 138 VAL A CG1 1 
ATOM   1063 C  CG2 . VAL A 1 137 ? -3.833  -2.465  -11.609 1.00 26.13 ? 138 VAL A CG2 1 
ATOM   1064 N  N   . ALA A 1 138 ? -2.747  1.924   -10.247 1.00 22.55 ? 139 ALA A N   1 
ATOM   1065 C  CA  . ALA A 1 138 ? -2.977  3.322   -10.048 1.00 23.81 ? 139 ALA A CA  1 
ATOM   1066 C  C   . ALA A 1 138 ? -3.303  3.975   -11.415 1.00 24.91 ? 139 ALA A C   1 
ATOM   1067 O  O   . ALA A 1 138 ? -2.689  3.661   -12.430 1.00 25.17 ? 139 ALA A O   1 
ATOM   1068 C  CB  . ALA A 1 138 ? -1.752  3.938   -9.458  1.00 24.59 ? 139 ALA A CB  1 
ATOM   1069 N  N   . ARG A 1 139 ? -4.265  4.882   -11.415 1.00 25.44 ? 140 ARG A N   1 
ATOM   1070 C  CA  . ARG A 1 139 ? -4.512  5.746   -12.560 1.00 26.14 ? 140 ARG A CA  1 
ATOM   1071 C  C   . ARG A 1 139 ? -4.173  7.187   -12.256 1.00 26.35 ? 140 ARG A C   1 
ATOM   1072 O  O   . ARG A 1 139 ? -3.973  7.944   -13.161 1.00 24.97 ? 140 ARG A O   1 
ATOM   1073 C  CB  . ARG A 1 139 ? -5.958  5.710   -12.973 1.00 27.48 ? 140 ARG A CB  1 
ATOM   1074 C  CG  . ARG A 1 139 ? -6.586  4.375   -12.801 1.00 29.95 ? 140 ARG A CG  1 
ATOM   1075 C  CD  . ARG A 1 139 ? -7.121  3.765   -13.993 1.00 35.49 ? 140 ARG A CD  1 
ATOM   1076 N  NE  A ARG A 1 139 ? -6.088  2.796   -14.435 0.65 36.40 ? 140 ARG A NE  1 
ATOM   1077 N  NE  B ARG A 1 139 ? -8.437  4.410   -14.198 0.35 32.80 ? 140 ARG A NE  1 
ATOM   1078 C  CZ  A ARG A 1 139 ? -6.400  1.722   -15.152 0.65 35.77 ? 140 ARG A CZ  1 
ATOM   1079 C  CZ  B ARG A 1 139 ? -9.532  3.814   -14.685 0.35 32.43 ? 140 ARG A CZ  1 
ATOM   1080 N  NH1 A ARG A 1 139 ? -7.665  1.516   -15.481 0.65 34.74 ? 140 ARG A NH1 1 
ATOM   1081 N  NH1 B ARG A 1 139 ? -9.542  2.527   -15.022 0.35 33.66 ? 140 ARG A NH1 1 
ATOM   1082 N  NH2 A ARG A 1 139 ? -5.479  0.863   -15.553 0.65 37.86 ? 140 ARG A NH2 1 
ATOM   1083 N  NH2 B ARG A 1 139 ? -10.643 4.523   -14.837 0.35 32.68 ? 140 ARG A NH2 1 
ATOM   1084 N  N   . ARG A 1 140 ? -4.193  7.552   -10.977 1.00 25.95 ? 141 ARG A N   1 
ATOM   1085 C  CA  . ARG A 1 140 ? -3.859  8.886   -10.517 1.00 27.07 ? 141 ARG A CA  1 
ATOM   1086 C  C   . ARG A 1 140 ? -2.977  8.744   -9.289  1.00 26.27 ? 141 ARG A C   1 
ATOM   1087 O  O   . ARG A 1 140 ? -3.257  7.978   -8.351  1.00 24.75 ? 141 ARG A O   1 
ATOM   1088 C  CB  . ARG A 1 140 ? -5.090  9.682   -10.198 1.00 27.01 ? 141 ARG A CB  1 
ATOM   1089 C  CG  . ARG A 1 140 ? -4.815  11.093  -9.677  1.00 33.69 ? 141 ARG A CG  1 
ATOM   1090 C  CD  . ARG A 1 140 ? -6.057  12.062  -9.688  1.00 40.16 ? 141 ARG A CD  1 
ATOM   1091 N  NE  . ARG A 1 140 ? -5.853  13.321  -8.929  1.00 46.17 ? 141 ARG A NE  1 
ATOM   1092 C  CZ  . ARG A 1 140 ? -5.768  13.420  -7.586  1.00 50.03 ? 141 ARG A CZ  1 
ATOM   1093 N  NH1 . ARG A 1 140 ? -5.822  12.344  -6.801  1.00 52.28 ? 141 ARG A NH1 1 
ATOM   1094 N  NH2 . ARG A 1 140 ? -5.630  14.615  -7.012  1.00 53.20 ? 141 ARG A NH2 1 
ATOM   1095 N  N   . THR A 1 141 ? -1.889  9.491   -9.333  1.00 25.83 ? 142 THR A N   1 
ATOM   1096 C  CA  . THR A 1 141 ? -0.874  9.461   -8.340  1.00 25.61 ? 142 THR A CA  1 
ATOM   1097 C  C   . THR A 1 141 ? -0.567  10.893  -7.981  1.00 26.31 ? 142 THR A C   1 
ATOM   1098 O  O   . THR A 1 141 ? -0.358  11.718  -8.849  1.00 26.67 ? 142 THR A O   1 
ATOM   1099 C  CB  . THR A 1 141 ? 0.363   8.838   -8.908  1.00 26.20 ? 142 THR A CB  1 
ATOM   1100 O  OG1 . THR A 1 141 ? 0.102   7.463   -9.201  1.00 26.65 ? 142 THR A OG1 1 
ATOM   1101 C  CG2 . THR A 1 141 ? 1.502   8.812   -7.864  1.00 22.99 ? 142 THR A CG2 1 
ATOM   1102 N  N   . ARG A 1 142 ? -0.532  11.152  -6.688  1.00 25.38 ? 143 ARG A N   1 
ATOM   1103 C  CA  . ARG A 1 142 ? -0.079  12.395  -6.144  1.00 25.82 ? 143 ARG A CA  1 
ATOM   1104 C  C   . ARG A 1 142 ? 0.978   12.071  -5.099  1.00 24.66 ? 143 ARG A C   1 
ATOM   1105 O  O   . ARG A 1 142 ? 0.834   11.119  -4.327  1.00 22.07 ? 143 ARG A O   1 
ATOM   1106 C  CB  . ARG A 1 142 ? -1.235  13.171  -5.515  1.00 25.87 ? 143 ARG A CB  1 
ATOM   1107 C  CG  . ARG A 1 142 ? -2.173  13.833  -6.524  1.00 30.48 ? 143 ARG A CG  1 
ATOM   1108 C  CD  . ARG A 1 142 ? -1.477  14.873  -7.426  1.00 35.60 ? 143 ARG A CD  1 
ATOM   1109 N  NE  . ARG A 1 142 ? -2.375  15.456  -8.416  1.00 39.00 ? 143 ARG A NE  1 
ATOM   1110 C  CZ  . ARG A 1 142 ? -2.597  14.962  -9.635  1.00 43.23 ? 143 ARG A CZ  1 
ATOM   1111 N  NH1 . ARG A 1 142 ? -1.977  13.859  -10.048 1.00 42.77 ? 143 ARG A NH1 1 
ATOM   1112 N  NH2 . ARG A 1 142 ? -3.458  15.584  -10.455 1.00 46.74 ? 143 ARG A NH2 1 
ATOM   1113 N  N   . SER A 1 143 ? 2.065   12.834  -5.102  1.00 23.74 ? 144 SER A N   1 
ATOM   1114 C  CA  . SER A 1 143 ? 3.116   12.620  -4.089  1.00 23.51 ? 144 SER A CA  1 
ATOM   1115 C  C   . SER A 1 143 ? 3.613   13.911  -3.471  1.00 23.68 ? 144 SER A C   1 
ATOM   1116 O  O   . SER A 1 143 ? 3.376   15.035  -3.983  1.00 21.25 ? 144 SER A O   1 
ATOM   1117 C  CB  . SER A 1 143 ? 4.299   11.875  -4.706  1.00 24.43 ? 144 SER A CB  1 
ATOM   1118 O  OG  . SER A 1 143 ? 4.892   12.586  -5.794  1.00 23.51 ? 144 SER A OG  1 
ATOM   1119 N  N   . TRP A 1 144 ? 4.339   13.756  -2.361  1.00 23.94 ? 145 TRP A N   1 
ATOM   1120 C  CA  . TRP A 1 144 ? 4.909   14.888  -1.688  1.00 24.90 ? 145 TRP A CA  1 
ATOM   1121 C  C   . TRP A 1 144 ? 6.129   14.512  -0.828  1.00 24.98 ? 145 TRP A C   1 
ATOM   1122 O  O   . TRP A 1 144 ? 6.228   13.435  -0.249  1.00 23.20 ? 145 TRP A O   1 
ATOM   1123 C  CB  . TRP A 1 144 ? 3.865   15.619  -0.873  1.00 25.28 ? 145 TRP A CB  1 
ATOM   1124 C  CG  . TRP A 1 144 ? 3.278   14.816  0.266   1.00 27.19 ? 145 TRP A CG  1 
ATOM   1125 C  CD1 . TRP A 1 144 ? 3.639   14.873  1.562   1.00 27.92 ? 145 TRP A CD1 1 
ATOM   1126 C  CD2 . TRP A 1 144 ? 2.184   13.879  0.192   1.00 26.76 ? 145 TRP A CD2 1 
ATOM   1127 N  NE1 . TRP A 1 144 ? 2.876   14.001  2.310   1.00 27.43 ? 145 TRP A NE1 1 
ATOM   1128 C  CE2 . TRP A 1 144 ? 1.979   13.373  1.483   1.00 27.99 ? 145 TRP A CE2 1 
ATOM   1129 C  CE3 . TRP A 1 144 ? 1.398   13.378  -0.852  1.00 29.32 ? 145 TRP A CE3 1 
ATOM   1130 C  CZ2 . TRP A 1 144 ? 0.968   12.420  1.777   1.00 29.24 ? 145 TRP A CZ2 1 
ATOM   1131 C  CZ3 . TRP A 1 144 ? 0.418   12.425  -0.567  1.00 28.54 ? 145 TRP A CZ3 1 
ATOM   1132 C  CH2 . TRP A 1 144 ? 0.221   11.956  0.736   1.00 29.80 ? 145 TRP A CH2 1 
ATOM   1133 N  N   . ASP A 1 145 ? 7.069   15.430  -0.787  1.00 26.18 ? 146 ASP A N   1 
ATOM   1134 C  CA  . ASP A 1 145 ? 8.230   15.319  0.109   1.00 27.14 ? 146 ASP A CA  1 
ATOM   1135 C  C   . ASP A 1 145 ? 8.618   16.712  0.529   1.00 28.12 ? 146 ASP A C   1 
ATOM   1136 O  O   . ASP A 1 145 ? 9.215   17.467  -0.248  1.00 28.08 ? 146 ASP A O   1 
ATOM   1137 C  CB  . ASP A 1 145 ? 9.403   14.620  -0.562  1.00 27.86 ? 146 ASP A CB  1 
ATOM   1138 C  CG  . ASP A 1 145 ? 10.531  14.313  0.424   1.00 29.73 ? 146 ASP A CG  1 
ATOM   1139 O  OD1 . ASP A 1 145 ? 10.447  14.760  1.589   1.00 30.22 ? 146 ASP A OD1 1 
ATOM   1140 O  OD2 . ASP A 1 145 ? 11.505  13.605  0.144   1.00 32.47 ? 146 ASP A OD2 1 
ATOM   1141 N  N   . HIS A 1 146 ? 8.285   17.041  1.771   1.00 29.14 ? 147 HIS A N   1 
ATOM   1142 C  CA  . HIS A 1 146 ? 8.461   18.394  2.254   1.00 29.91 ? 147 HIS A CA  1 
ATOM   1143 C  C   . HIS A 1 146 ? 9.928   18.746  2.459   1.00 31.42 ? 147 HIS A C   1 
ATOM   1144 O  O   . HIS A 1 146 ? 10.253  19.913  2.581   1.00 31.74 ? 147 HIS A O   1 
ATOM   1145 C  CB  . HIS A 1 146 ? 7.629   18.641  3.502   1.00 29.47 ? 147 HIS A CB  1 
ATOM   1146 C  CG  . HIS A 1 146 ? 6.174   18.866  3.207   1.00 28.44 ? 147 HIS A CG  1 
ATOM   1147 N  ND1 . HIS A 1 146 ? 5.311   19.418  4.119   1.00 24.35 ? 147 HIS A ND1 1 
ATOM   1148 C  CD2 . HIS A 1 146 ? 5.429   18.571  2.117   1.00 29.73 ? 147 HIS A CD2 1 
ATOM   1149 C  CE1 . HIS A 1 146 ? 4.105   19.502  3.582   1.00 27.62 ? 147 HIS A CE1 1 
ATOM   1150 N  NE2 . HIS A 1 146 ? 4.152   18.992  2.371   1.00 29.36 ? 147 HIS A NE2 1 
ATOM   1151 N  N   . ARG A 1 147 ? 10.814  17.744  2.496   1.00 33.26 ? 148 ARG A N   1 
ATOM   1152 C  CA  . ARG A 1 147 ? 12.263  18.018  2.458   1.00 34.56 ? 148 ARG A CA  1 
ATOM   1153 C  C   . ARG A 1 147 ? 12.717  18.838  1.244   1.00 34.78 ? 148 ARG A C   1 
ATOM   1154 O  O   . ARG A 1 147 ? 13.758  19.516  1.275   1.00 33.77 ? 148 ARG A O   1 
ATOM   1155 C  CB  . ARG A 1 147 ? 13.077  16.729  2.487   1.00 34.90 ? 148 ARG A CB  1 
ATOM   1156 C  CG  . ARG A 1 147 ? 13.556  16.349  3.860   1.00 39.48 ? 148 ARG A CG  1 
ATOM   1157 C  CD  . ARG A 1 147 ? 12.856  15.158  4.437   1.00 44.18 ? 148 ARG A CD  1 
ATOM   1158 N  NE  . ARG A 1 147 ? 13.370  13.946  3.832   1.00 45.99 ? 148 ARG A NE  1 
ATOM   1159 C  CZ  . ARG A 1 147 ? 13.223  12.728  4.318   1.00 49.87 ? 148 ARG A CZ  1 
ATOM   1160 N  NH1 . ARG A 1 147 ? 12.527  12.509  5.443   1.00 49.35 ? 148 ARG A NH1 1 
ATOM   1161 N  NH2 . ARG A 1 147 ? 13.777  11.703  3.645   1.00 51.40 ? 148 ARG A NH2 1 
ATOM   1162 N  N   . LYS A 1 148 ? 11.960  18.786  0.166   1.00 35.15 ? 149 LYS A N   1 
ATOM   1163 C  CA  . LYS A 1 148 ? 12.355  19.521  -1.039  1.00 35.46 ? 149 LYS A CA  1 
ATOM   1164 C  C   . LYS A 1 148 ? 12.096  21.042  -0.974  1.00 36.54 ? 149 LYS A C   1 
ATOM   1165 O  O   . LYS A 1 148 ? 12.435  21.778  -1.882  1.00 35.84 ? 149 LYS A O   1 
ATOM   1166 C  CB  . LYS A 1 148 ? 11.703  18.881  -2.254  1.00 35.71 ? 149 LYS A CB  1 
ATOM   1167 C  CG  . LYS A 1 148 ? 12.132  17.397  -2.468  1.00 34.36 ? 149 LYS A CG  1 
ATOM   1168 C  CD  . LYS A 1 148 ? 11.167  16.724  -3.447  1.00 34.97 ? 149 LYS A CD  1 
ATOM   1169 C  CE  . LYS A 1 148 ? 11.685  15.385  -3.961  1.00 33.36 ? 149 LYS A CE  1 
ATOM   1170 N  NZ  . LYS A 1 148 ? 11.206  15.242  -5.354  1.00 35.42 ? 149 LYS A NZ  1 
ATOM   1171 N  N   . LEU A 1 149 ? 11.496  21.495  0.114   1.00 38.65 ? 150 LEU A N   1 
ATOM   1172 C  CA  . LEU A 1 149 ? 11.311  22.923  0.405   1.00 39.64 ? 150 LEU A CA  1 
ATOM   1173 C  C   . LEU A 1 149 ? 12.539  23.616  0.974   1.00 40.14 ? 150 LEU A C   1 
ATOM   1174 O  O   . LEU A 1 149 ? 12.654  24.845  0.876   1.00 41.06 ? 150 LEU A O   1 
ATOM   1175 C  CB  . LEU A 1 149 ? 10.186  23.112  1.419   1.00 39.68 ? 150 LEU A CB  1 
ATOM   1176 C  CG  . LEU A 1 149 ? 8.736   23.270  0.939   1.00 41.22 ? 150 LEU A CG  1 
ATOM   1177 C  CD1 . LEU A 1 149 ? 8.574   23.066  -0.559  1.00 42.57 ? 150 LEU A CD1 1 
ATOM   1178 C  CD2 . LEU A 1 149 ? 7.782   22.412  1.744   1.00 41.38 ? 150 LEU A CD2 1 
ATOM   1179 N  N   . GLY A 1 150 ? 13.418  22.854  1.605   1.00 40.16 ? 151 GLY A N   1 
ATOM   1180 C  CA  . GLY A 1 150 ? 14.597  23.424  2.214   1.00 40.73 ? 151 GLY A CA  1 
ATOM   1181 C  C   . GLY A 1 150 ? 14.270  24.240  3.450   1.00 41.07 ? 151 GLY A C   1 
ATOM   1182 O  O   . GLY A 1 150 ? 15.061  25.107  3.853   1.00 41.46 ? 151 GLY A O   1 
ATOM   1183 N  N   . LEU A 1 151 ? 13.120  23.964  4.063   1.00 40.71 ? 152 LEU A N   1 
ATOM   1184 C  CA  . LEU A 1 151 ? 12.801  24.526  5.355   1.00 41.10 ? 152 LEU A CA  1 
ATOM   1185 C  C   . LEU A 1 151 ? 13.846  24.165  6.405   1.00 41.57 ? 152 LEU A C   1 
ATOM   1186 O  O   . LEU A 1 151 ? 14.571  23.184  6.273   1.00 41.72 ? 152 LEU A O   1 
ATOM   1187 C  CB  . LEU A 1 151 ? 11.425  24.074  5.836   1.00 41.18 ? 152 LEU A CB  1 
ATOM   1188 C  CG  . LEU A 1 151 ? 10.197  24.940  5.547   1.00 43.08 ? 152 LEU A CG  1 
ATOM   1189 C  CD1 . LEU A 1 151 ? 10.407  26.094  4.539   1.00 44.80 ? 152 LEU A CD1 1 
ATOM   1190 C  CD2 . LEU A 1 151 ? 9.028   24.050  5.118   1.00 41.77 ? 152 LEU A CD2 1 
ATOM   1191 N  N   . PRO A 1 152 ? 13.982  24.992  7.431   1.00 42.05 ? 153 PRO A N   1 
ATOM   1192 C  CA  . PRO A 1 152 ? 14.771  24.601  8.592   1.00 42.11 ? 153 PRO A CA  1 
ATOM   1193 C  C   . PRO A 1 152 ? 14.185  23.380  9.286   1.00 41.90 ? 153 PRO A C   1 
ATOM   1194 O  O   . PRO A 1 152 ? 12.960  23.212  9.348   1.00 41.54 ? 153 PRO A O   1 
ATOM   1195 C  CB  . PRO A 1 152 ? 14.704  25.837  9.485   1.00 42.30 ? 153 PRO A CB  1 
ATOM   1196 C  CG  . PRO A 1 152 ? 13.564  26.525  9.044   1.00 42.53 ? 153 PRO A CG  1 
ATOM   1197 C  CD  . PRO A 1 152 ? 13.507  26.383  7.560   1.00 42.40 ? 153 PRO A CD  1 
ATOM   1198 N  N   . HIS A 1 153 ? 15.078  22.511  9.752   1.00 41.10 ? 154 HIS A N   1 
ATOM   1199 C  CA  . HIS A 1 153 ? 14.686  21.306  10.461  1.00 41.20 ? 154 HIS A CA  1 
ATOM   1200 C  C   . HIS A 1 153 ? 13.994  21.670  11.762  1.00 40.59 ? 154 HIS A C   1 
ATOM   1201 O  O   . HIS A 1 153 ? 14.442  22.563  12.469  1.00 39.88 ? 154 HIS A O   1 
ATOM   1202 C  CB  . HIS A 1 153 ? 15.899  20.422  10.778  1.00 41.76 ? 154 HIS A CB  1 
ATOM   1203 C  CG  . HIS A 1 153 ? 15.546  19.032  11.209  1.00 43.18 ? 154 HIS A CG  1 
ATOM   1204 N  ND1 . HIS A 1 153 ? 14.613  18.260  10.550  1.00 47.44 ? 154 HIS A ND1 1 
ATOM   1205 C  CD2 . HIS A 1 153 ? 16.012  18.272  12.232  1.00 46.61 ? 154 HIS A CD2 1 
ATOM   1206 C  CE1 . HIS A 1 153 ? 14.515  17.083  11.150  1.00 48.71 ? 154 HIS A CE1 1 
ATOM   1207 N  NE2 . HIS A 1 153 ? 15.353  17.066  12.175  1.00 47.90 ? 154 HIS A NE2 1 
HETATM 1208 N  N   . MSE A 1 154 ? 12.915  20.948  12.054  1.00 39.66 ? 155 MSE A N   1 
HETATM 1209 C  CA  . MSE A 1 154 ? 12.134  21.112  13.280  1.00 39.99 ? 155 MSE A CA  1 
HETATM 1210 C  C   . MSE A 1 154 ? 12.244  19.816  14.073  1.00 39.69 ? 155 MSE A C   1 
HETATM 1211 O  O   . MSE A 1 154 ? 12.375  18.732  13.483  1.00 40.44 ? 155 MSE A O   1 
HETATM 1212 C  CB  . MSE A 1 154 ? 10.686  21.395  12.931  1.00 40.37 ? 155 MSE A CB  1 
HETATM 1213 C  CG  . MSE A 1 154 ? 10.562  22.387  11.754  1.00 41.96 ? 155 MSE A CG  1 
HETATM 1214 SE SE  . MSE A 1 154 ? 8.887   22.533  10.755  0.50 45.40 ? 155 MSE A SE  1 
HETATM 1215 C  CE  . MSE A 1 154 ? 9.599   23.858  9.520   1.00 36.05 ? 155 MSE A CE  1 
ATOM   1216 N  N   . SER A 1 155 ? 12.261  19.902  15.389  1.00 38.69 ? 156 SER A N   1 
ATOM   1217 C  CA  . SER A 1 155 ? 12.191  18.674  16.157  1.00 39.18 ? 156 SER A CA  1 
ATOM   1218 C  C   . SER A 1 155 ? 10.707  18.515  16.472  1.00 38.26 ? 156 SER A C   1 
ATOM   1219 O  O   . SER A 1 155 ? 9.931   19.476  16.293  1.00 37.92 ? 156 SER A O   1 
ATOM   1220 C  CB  . SER A 1 155 ? 13.079  18.715  17.404  1.00 39.62 ? 156 SER A CB  1 
ATOM   1221 O  OG  . SER A 1 155 ? 12.322  18.985  18.572  1.00 41.93 ? 156 SER A OG  1 
ATOM   1222 N  N   . VAL A 1 156 ? 10.310  17.325  16.899  1.00 36.42 ? 157 VAL A N   1 
ATOM   1223 C  CA  . VAL A 1 156 ? 8.892   17.096  17.141  1.00 36.25 ? 157 VAL A CA  1 
ATOM   1224 C  C   . VAL A 1 156 ? 8.532   17.681  18.515  1.00 34.84 ? 157 VAL A C   1 
ATOM   1225 O  O   . VAL A 1 156 ? 9.277   17.562  19.489  1.00 34.90 ? 157 VAL A O   1 
ATOM   1226 C  CB  . VAL A 1 156 ? 8.372   15.629  16.833  1.00 36.00 ? 157 VAL A CB  1 
ATOM   1227 C  CG1 . VAL A 1 156 ? 9.460   14.705  16.352  1.00 37.60 ? 157 VAL A CG1 1 
ATOM   1228 C  CG2 . VAL A 1 156 ? 7.571   15.034  17.961  1.00 37.04 ? 157 VAL A CG2 1 
ATOM   1229 N  N   . GLY A 1 157 ? 7.396   18.359  18.541  1.00 32.66 ? 158 GLY A N   1 
ATOM   1230 C  CA  . GLY A 1 157 ? 6.978   19.140  19.687  1.00 29.90 ? 158 GLY A CA  1 
ATOM   1231 C  C   . GLY A 1 157 ? 5.486   18.957  19.963  1.00 27.86 ? 158 GLY A C   1 
ATOM   1232 O  O   . GLY A 1 157 ? 4.798   18.113  19.351  1.00 26.30 ? 158 GLY A O   1 
ATOM   1233 N  N   . GLY A 1 158 ? 5.006   19.728  20.926  1.00 24.79 ? 159 GLY A N   1 
ATOM   1234 C  CA  . GLY A 1 158 ? 3.663   19.623  21.414  1.00 23.66 ? 159 GLY A CA  1 
ATOM   1235 C  C   . GLY A 1 158 ? 3.436   18.507  22.372  1.00 24.12 ? 159 GLY A C   1 
ATOM   1236 O  O   . GLY A 1 158 ? 4.316   17.665  22.649  1.00 24.87 ? 159 GLY A O   1 
ATOM   1237 N  N   . SER A 1 159 ? 2.210   18.468  22.857  1.00 24.05 ? 160 SER A N   1 
ATOM   1238 C  CA  . SER A 1 159 ? 1.768   17.489  23.805  1.00 25.40 ? 160 SER A CA  1 
ATOM   1239 C  C   . SER A 1 159 ? 1.827   16.031  23.295  1.00 25.01 ? 160 SER A C   1 
ATOM   1240 O  O   . SER A 1 159 ? 1.890   15.091  24.093  1.00 24.92 ? 160 SER A O   1 
ATOM   1241 C  CB  . SER A 1 159 ? 0.351   17.844  24.270  1.00 24.99 ? 160 SER A CB  1 
ATOM   1242 O  OG  . SER A 1 159 ? -0.611  17.653  23.233  1.00 28.99 ? 160 SER A OG  1 
ATOM   1243 N  N   . THR A 1 160 ? 1.796   15.837  21.984  1.00 25.35 ? 161 THR A N   1 
ATOM   1244 C  CA  . THR A 1 160 ? 1.802   14.484  21.404  1.00 25.36 ? 161 THR A CA  1 
ATOM   1245 C  C   . THR A 1 160 ? 3.235   13.982  21.108  1.00 27.67 ? 161 THR A C   1 
ATOM   1246 O  O   . THR A 1 160 ? 3.424   12.906  20.519  1.00 26.09 ? 161 THR A O   1 
ATOM   1247 C  CB  . THR A 1 160 ? 1.036   14.473  20.113  1.00 24.99 ? 161 THR A CB  1 
ATOM   1248 O  OG1 . THR A 1 160 ? 1.640   15.379  19.219  1.00 22.56 ? 161 THR A OG1 1 
ATOM   1249 C  CG2 . THR A 1 160 ? -0.415  15.038  20.263  1.00 23.85 ? 161 THR A CG2 1 
ATOM   1250 N  N   . ALA A 1 161 ? 4.232   14.805  21.432  1.00 28.77 ? 162 ALA A N   1 
ATOM   1251 C  CA  . ALA A 1 161 ? 5.591   14.380  21.404  1.00 30.99 ? 162 ALA A CA  1 
ATOM   1252 C  C   . ALA A 1 161 ? 5.808   13.567  22.681  1.00 33.52 ? 162 ALA A C   1 
ATOM   1253 O  O   . ALA A 1 161 ? 6.682   12.707  22.741  1.00 36.04 ? 162 ALA A O   1 
ATOM   1254 C  CB  . ALA A 1 161 ? 6.520   15.559  21.344  1.00 30.93 ? 162 ALA A CB  1 
HETATM 1255 O  O   . HOH B 2 .   ? -0.036  -19.684 -1.978  1.00 38.40 ? 164 HOH A O   1 
HETATM 1256 O  O   . HOH B 2 .   ? -6.472  -8.655  4.611   1.00 45.81 ? 165 HOH A O   1 
HETATM 1257 O  O   . HOH B 2 .   ? -10.789 -1.327  2.968   1.00 27.67 ? 166 HOH A O   1 
HETATM 1258 O  O   . HOH B 2 .   ? 11.987  -3.362  1.290   1.00 33.12 ? 167 HOH A O   1 
HETATM 1259 O  O   . HOH B 2 .   ? 0.280   -0.411  -7.177  1.00 25.69 ? 168 HOH A O   1 
HETATM 1260 O  O   . HOH B 2 .   ? -7.604  -3.931  -13.649 1.00 46.79 ? 169 HOH A O   1 
HETATM 1261 O  O   . HOH B 2 .   ? 2.405   -6.644  -10.331 1.00 36.39 ? 170 HOH A O   1 
HETATM 1262 O  O   . HOH B 2 .   ? 2.539   -20.362 -1.608  1.00 43.46 ? 171 HOH A O   1 
HETATM 1263 O  O   . HOH B 2 .   ? -9.814  -3.947  -12.129 1.00 42.45 ? 172 HOH A O   1 
HETATM 1264 O  O   . HOH B 2 .   ? 12.594  0.264   5.205   1.00 38.38 ? 173 HOH A O   1 
HETATM 1265 O  O   . HOH B 2 .   ? 13.793  20.483  6.155   1.00 35.33 ? 174 HOH A O   1 
HETATM 1266 O  O   . HOH B 2 .   ? 1.680   4.953   5.694   1.00 32.57 ? 175 HOH A O   1 
HETATM 1267 O  O   . HOH B 2 .   ? -11.355 -8.394  -10.105 1.00 31.34 ? 176 HOH A O   1 
HETATM 1268 O  O   . HOH B 2 .   ? -8.844  -10.635 5.374   1.00 35.26 ? 177 HOH A O   1 
HETATM 1269 O  O   . HOH B 2 .   ? -2.537  -3.487  9.998   1.00 42.53 ? 178 HOH A O   1 
HETATM 1270 O  O   . HOH B 2 .   ? -7.361  9.598   -2.570  1.00 27.77 ? 179 HOH A O   1 
HETATM 1271 O  O   . HOH B 2 .   ? -1.208  -8.967  4.992   1.00 38.51 ? 180 HOH A O   1 
HETATM 1272 O  O   . HOH B 2 .   ? -14.198 -0.311  -3.659  1.00 19.99 ? 181 HOH A O   1 
HETATM 1273 O  O   . HOH B 2 .   ? -1.822  -7.338  2.466   1.00 16.82 ? 182 HOH A O   1 
HETATM 1274 O  O   . HOH B 2 .   ? 9.667   -4.321  -1.244  1.00 24.45 ? 183 HOH A O   1 
HETATM 1275 O  O   . HOH B 2 .   ? 9.800   11.526  6.010   1.00 33.74 ? 184 HOH A O   1 
HETATM 1276 O  O   . HOH B 2 .   ? 3.707   12.127  -8.337  1.00 29.04 ? 185 HOH A O   1 
HETATM 1277 O  O   . HOH B 2 .   ? 4.998   6.396   -10.165 1.00 37.55 ? 186 HOH A O   1 
HETATM 1278 O  O   . HOH B 2 .   ? 2.599   5.964   -9.897  1.00 42.01 ? 187 HOH A O   1 
HETATM 1279 O  O   . HOH B 2 .   ? 2.061   13.484  5.383   1.00 38.75 ? 188 HOH A O   1 
HETATM 1280 O  O   . HOH B 2 .   ? -0.309  16.561  2.209   1.00 39.79 ? 189 HOH A O   1 
HETATM 1281 O  O   . HOH B 2 .   ? -7.496  -1.620  9.855   1.00 31.31 ? 190 HOH A O   1 
HETATM 1282 O  O   . HOH B 2 .   ? 4.118   20.511  25.367  1.00 34.02 ? 191 HOH A O   1 
HETATM 1283 O  O   . HOH B 2 .   ? 13.870  -10.396 4.027   1.00 26.15 ? 192 HOH A O   1 
HETATM 1284 O  O   . HOH B 2 .   ? 5.754   3.147   -8.002  1.00 32.63 ? 193 HOH A O   1 
HETATM 1285 O  O   . HOH B 2 .   ? -5.799  -5.092  8.809   1.00 36.63 ? 194 HOH A O   1 
HETATM 1286 O  O   . HOH B 2 .   ? -5.179  7.892   -2.154  1.00 27.21 ? 195 HOH A O   1 
HETATM 1287 O  O   . HOH B 2 .   ? 12.337  21.309  4.157   1.00 32.02 ? 196 HOH A O   1 
HETATM 1288 O  O   . HOH B 2 .   ? 8.815   -8.343  -8.124  1.00 41.04 ? 197 HOH A O   1 
HETATM 1289 O  O   . HOH B 2 .   ? 9.029   -4.735  -7.445  1.00 32.98 ? 198 HOH A O   1 
HETATM 1290 O  O   . HOH B 2 .   ? -23.380 5.377   4.983   1.00 36.04 ? 199 HOH A O   1 
HETATM 1291 O  O   . HOH B 2 .   ? -1.387  10.725  -11.862 1.00 31.46 ? 200 HOH A O   1 
HETATM 1292 O  O   . HOH B 2 .   ? 5.805   -11.574 6.683   1.00 22.17 ? 201 HOH A O   1 
HETATM 1293 O  O   . HOH B 2 .   ? 12.579  8.694   -11.748 1.00 33.59 ? 202 HOH A O   1 
HETATM 1294 O  O   . HOH B 2 .   ? 17.845  23.555  9.821   1.00 29.44 ? 203 HOH A O   1 
HETATM 1295 O  O   . HOH B 2 .   ? -1.688  6.011   5.699   1.00 34.33 ? 204 HOH A O   1 
HETATM 1296 O  O   . HOH B 2 .   ? -21.254 7.634   7.670   1.00 41.17 ? 205 HOH A O   1 
HETATM 1297 O  O   . HOH B 2 .   ? -10.379 -0.494  9.937   1.00 44.09 ? 206 HOH A O   1 
HETATM 1298 O  O   . HOH B 2 .   ? 6.247   21.053  23.365  1.00 42.27 ? 207 HOH A O   1 
HETATM 1299 O  O   . HOH B 2 .   ? 0.390   -11.089 6.750   1.00 45.65 ? 208 HOH A O   1 
HETATM 1300 O  O   . HOH B 2 .   ? 10.200  12.928  10.921  1.00 32.83 ? 209 HOH A O   1 
HETATM 1301 O  O   . HOH B 2 .   ? -3.957  10.300  -6.174  1.00 26.94 ? 210 HOH A O   1 
HETATM 1302 O  O   . HOH B 2 .   ? 15.257  -21.862 -1.349  1.00 45.15 ? 211 HOH A O   1 
HETATM 1303 O  O   . HOH B 2 .   ? -2.258  -6.262  6.548   1.00 23.51 ? 212 HOH A O   1 
HETATM 1304 O  O   . HOH B 2 .   ? -4.938  -17.847 5.394   1.00 51.23 ? 213 HOH A O   1 
HETATM 1305 O  O   . HOH B 2 .   ? 8.027   -7.362  11.197  1.00 21.00 ? 214 HOH A O   1 
HETATM 1306 O  O   . HOH B 2 .   ? 10.163  -4.461  -5.368  1.00 36.05 ? 215 HOH A O   1 
HETATM 1307 O  O   . HOH B 2 .   ? 7.321   -12.366 -4.553  1.00 28.67 ? 216 HOH A O   1 
HETATM 1308 O  O   . HOH B 2 .   ? 5.163   2.730   6.835   1.00 31.34 ? 217 HOH A O   1 
HETATM 1309 O  O   . HOH B 2 .   ? -16.841 0.890   -10.650 1.00 40.71 ? 218 HOH A O   1 
HETATM 1310 O  O   . HOH B 2 .   ? -0.809  7.067   -11.655 1.00 35.89 ? 219 HOH A O   1 
HETATM 1311 O  O   . HOH B 2 .   ? -9.166  9.214   -9.609  1.00 29.72 ? 220 HOH A O   1 
HETATM 1312 O  O   . HOH B 2 .   ? 13.692  1.257   -0.674  1.00 39.17 ? 221 HOH A O   1 
HETATM 1313 O  O   . HOH B 2 .   ? 0.103   0.741   -10.418 1.00 32.41 ? 222 HOH A O   1 
HETATM 1314 O  O   . HOH B 2 .   ? 1.286   18.211  1.151   1.00 47.03 ? 223 HOH A O   1 
HETATM 1315 O  O   . HOH B 2 .   ? 9.257   -22.536 -2.332  1.00 36.48 ? 224 HOH A O   1 
HETATM 1316 O  O   . HOH B 2 .   ? -0.148  -20.787 -4.321  1.00 35.72 ? 225 HOH A O   1 
HETATM 1317 O  O   . HOH B 2 .   ? 3.130   14.374  26.692  1.00 52.01 ? 226 HOH A O   1 
HETATM 1318 O  O   . HOH B 2 .   ? 9.943   -1.183  -7.178  1.00 33.44 ? 227 HOH A O   1 
HETATM 1319 O  O   . HOH B 2 .   ? -1.771  -21.292 -0.169  1.00 34.99 ? 228 HOH A O   1 
HETATM 1320 O  O   . HOH B 2 .   ? 4.887   10.330  14.478  1.00 42.25 ? 229 HOH A O   1 
HETATM 1321 O  O   . HOH B 2 .   ? 9.937   11.349  -12.474 1.00 35.03 ? 230 HOH A O   1 
HETATM 1322 O  O   . HOH B 2 .   ? 6.129   11.939  -10.236 1.00 42.28 ? 231 HOH A O   1 
HETATM 1323 O  O   . HOH B 2 .   ? 7.505   -11.812 -6.883  1.00 35.68 ? 232 HOH A O   1 
HETATM 1324 O  O   . HOH B 2 .   ? -1.388  -6.418  9.076   1.00 41.60 ? 233 HOH A O   1 
HETATM 1325 O  O   . HOH B 2 .   ? 2.823   12.410  7.353   1.00 40.03 ? 234 HOH A O   1 
HETATM 1326 O  O   . HOH B 2 .   ? 12.023  7.766   -1.569  1.00 41.05 ? 235 HOH A O   1 
HETATM 1327 O  O   . HOH B 2 .   ? -7.537  -15.209 -10.950 1.00 27.49 ? 236 HOH A O   1 
HETATM 1328 O  O   . HOH B 2 .   ? 6.449   20.615  12.659  1.00 32.44 ? 237 HOH A O   1 
HETATM 1329 O  O   . HOH B 2 .   ? 1.461   20.589  0.434   1.00 46.30 ? 238 HOH A O   1 
HETATM 1330 O  O   . HOH B 2 .   ? 12.446  5.888   0.310   1.00 34.29 ? 239 HOH A O   1 
HETATM 1331 O  O   . HOH B 2 .   ? -8.311  -11.686 -11.879 1.00 36.92 ? 240 HOH A O   1 
HETATM 1332 O  O   . HOH B 2 .   ? 3.790   9.361   10.400  1.00 30.04 ? 241 HOH A O   1 
HETATM 1333 O  O   . HOH B 2 .   ? 8.531   -15.352 -5.488  1.00 40.06 ? 242 HOH A O   1 
HETATM 1334 O  O   . HOH B 2 .   ? -19.203 6.406   -2.901  0.50 23.11 ? 243 HOH A O   1 
HETATM 1335 O  O   . HOH B 2 .   ? -16.254 6.330   -1.031  0.50 38.44 ? 244 HOH A O   1 
HETATM 1336 O  O   . HOH B 2 .   ? -2.691  17.726  -5.487  1.00 42.95 ? 245 HOH A O   1 
HETATM 1337 O  O   . HOH B 2 .   ? 5.275   25.872  2.292   1.00 44.14 ? 246 HOH A O   1 
HETATM 1338 O  O   . HOH B 2 .   ? -18.947 -8.503  -4.431  1.00 34.19 ? 247 HOH A O   1 
HETATM 1339 O  O   . HOH B 2 .   ? -6.023  -21.101 -1.609  1.00 36.51 ? 248 HOH A O   1 
HETATM 1340 O  O   . HOH B 2 .   ? -11.578 -17.087 2.922   1.00 40.99 ? 249 HOH A O   1 
HETATM 1341 O  O   . HOH B 2 .   ? 13.882  14.477  -0.658  1.00 37.20 ? 250 HOH A O   1 
HETATM 1342 O  O   . HOH B 2 .   ? -23.014 4.338   -3.499  1.00 44.52 ? 251 HOH A O   1 
HETATM 1343 O  O   . HOH B 2 .   ? -20.388 5.906   -7.109  1.00 35.26 ? 252 HOH A O   1 
HETATM 1344 O  O   . HOH B 2 .   ? -20.381 4.771   -4.666  1.00 34.79 ? 253 HOH A O   1 
HETATM 1345 O  O   . HOH B 2 .   ? 13.144  -16.285 6.980   1.00 45.18 ? 254 HOH A O   1 
HETATM 1346 O  O   . HOH B 2 .   ? -20.913 -0.443  -4.013  1.00 50.82 ? 255 HOH A O   1 
HETATM 1347 O  O   . HOH B 2 .   ? 1.213   1.174   -7.947  1.00 42.54 ? 256 HOH A O   1 
HETATM 1348 O  O   . HOH B 2 .   ? -15.351 -0.907  8.132   1.00 37.43 ? 257 HOH A O   1 
HETATM 1349 O  O   . HOH B 2 .   ? 14.863  -10.542 1.703   1.00 37.63 ? 258 HOH A O   1 
HETATM 1350 O  O   . HOH B 2 .   ? 7.370   20.117  14.996  1.00 44.05 ? 259 HOH A O   1 
HETATM 1351 O  O   . HOH B 2 .   ? -18.726 -1.644  -3.466  1.00 37.58 ? 260 HOH A O   1 
HETATM 1352 O  O   . HOH B 2 .   ? 1.391   -11.791 -7.815  1.00 31.65 ? 261 HOH A O   1 
HETATM 1353 O  O   . HOH B 2 .   ? 8.274   0.027   -5.515  1.00 41.90 ? 262 HOH A O   1 
HETATM 1354 O  O   . HOH B 2 .   ? 5.675   17.184  24.881  1.00 39.84 ? 263 HOH A O   1 
HETATM 1355 O  O   . HOH B 2 .   ? 6.812   4.947   -9.231  1.00 29.47 ? 264 HOH A O   1 
HETATM 1356 O  O   . HOH B 2 .   ? 4.882   -2.001  10.615  1.00 41.03 ? 265 HOH A O   1 
HETATM 1357 O  O   . HOH B 2 .   ? 9.551   -8.464  -1.433  1.00 35.34 ? 266 HOH A O   1 
HETATM 1358 O  O   . HOH B 2 .   ? 3.320   -24.356 -7.308  1.00 49.70 ? 267 HOH A O   1 
HETATM 1359 O  O   . HOH B 2 .   ? 7.809   8.003   9.499   1.00 37.20 ? 268 HOH A O   1 
HETATM 1360 O  O   . HOH B 2 .   ? -20.382 1.971   -5.580  1.00 37.97 ? 269 HOH A O   1 
HETATM 1361 O  O   . HOH B 2 .   ? 0.716   17.113  4.199   1.00 44.55 ? 270 HOH A O   1 
HETATM 1362 O  O   . HOH B 2 .   ? 8.082   11.563  -13.719 1.00 45.38 ? 271 HOH A O   1 
HETATM 1363 O  O   . HOH B 2 .   ? 0.911   -25.518 4.504   1.00 41.34 ? 272 HOH A O   1 
HETATM 1364 O  O   . HOH B 2 .   ? -6.142  -19.788 -5.224  1.00 38.65 ? 273 HOH A O   1 
HETATM 1365 O  O   . HOH B 2 .   ? 12.569  25.203  13.552  1.00 46.25 ? 274 HOH A O   1 
HETATM 1366 O  O   . HOH B 2 .   ? 11.739  14.416  -10.858 0.50 31.27 ? 275 HOH A O   1 
HETATM 1367 O  O   . HOH B 2 .   ? 14.792  19.877  4.320   1.00 44.46 ? 276 HOH A O   1 
HETATM 1368 O  O   . HOH B 2 .   ? -2.204  -24.631 4.288   1.00 40.83 ? 277 HOH A O   1 
HETATM 1369 O  O   . HOH B 2 .   ? -13.435 -9.851  -9.268  1.00 38.10 ? 278 HOH A O   1 
HETATM 1370 O  O   . HOH B 2 .   ? 3.414   23.307  -9.972  1.00 51.81 ? 279 HOH A O   1 
HETATM 1371 O  O   . HOH B 2 .   ? 16.295  24.563  12.982  1.00 32.25 ? 280 HOH A O   1 
HETATM 1372 O  O   . HOH B 2 .   ? 17.010  22.694  7.011   1.00 46.51 ? 281 HOH A O   1 
HETATM 1373 O  O   . HOH B 2 .   ? 7.660   -11.373 -10.000 1.00 48.58 ? 282 HOH A O   1 
HETATM 1374 O  O   . HOH B 2 .   ? -2.861  19.152  24.010  1.00 31.65 ? 283 HOH A O   1 
HETATM 1375 O  O   . HOH B 2 .   ? -21.013 0.995   3.740   1.00 49.29 ? 284 HOH A O   1 
HETATM 1376 O  O   . HOH B 2 .   ? 7.922   2.911   7.370   1.00 46.02 ? 285 HOH A O   1 
HETATM 1377 O  O   . HOH B 2 .   ? 1.672   -19.355 8.586   1.00 47.92 ? 286 HOH A O   1 
HETATM 1378 O  O   . HOH B 2 .   ? 17.232  2.216   -4.567  1.00 47.42 ? 287 HOH A O   1 
HETATM 1379 O  O   . HOH B 2 .   ? -1.840  22.122  -6.938  1.00 41.86 ? 288 HOH A O   1 
# 
